data_5A9B
# 
_entry.id   5A9B 
# 
_audit_conform.dict_name       mmcif_pdbx.dic 
_audit_conform.dict_version    5.383 
_audit_conform.dict_location   http://mmcif.pdb.org/dictionaries/ascii/mmcif_pdbx.dic 
# 
loop_
_database_2.database_id 
_database_2.database_code 
_database_2.pdbx_database_accession 
_database_2.pdbx_DOI 
PDB   5A9B         pdb_00005a9b 10.2210/pdb5a9b/pdb 
PDBE  EBI-64414    ?            ?                   
WWPDB D_1290064414 ?            ?                   
# 
loop_
_pdbx_audit_revision_history.ordinal 
_pdbx_audit_revision_history.data_content_type 
_pdbx_audit_revision_history.major_revision 
_pdbx_audit_revision_history.minor_revision 
_pdbx_audit_revision_history.revision_date 
1 'Structure model' 1 0 2015-09-02 
2 'Structure model' 1 1 2015-10-14 
3 'Structure model' 1 2 2024-01-10 
# 
_pdbx_audit_revision_details.ordinal             1 
_pdbx_audit_revision_details.revision_ordinal    1 
_pdbx_audit_revision_details.data_content_type   'Structure model' 
_pdbx_audit_revision_details.provider            repository 
_pdbx_audit_revision_details.type                'Initial release' 
_pdbx_audit_revision_details.description         ? 
_pdbx_audit_revision_details.details             ? 
# 
loop_
_pdbx_audit_revision_group.ordinal 
_pdbx_audit_revision_group.revision_ordinal 
_pdbx_audit_revision_group.data_content_type 
_pdbx_audit_revision_group.group 
1 2 'Structure model' 'Database references'    
2 3 'Structure model' 'Data collection'        
3 3 'Structure model' 'Database references'    
4 3 'Structure model' Other                    
5 3 'Structure model' 'Refinement description' 
# 
loop_
_pdbx_audit_revision_category.ordinal 
_pdbx_audit_revision_category.revision_ordinal 
_pdbx_audit_revision_category.data_content_type 
_pdbx_audit_revision_category.category 
1 3 'Structure model' chem_comp_atom                
2 3 'Structure model' chem_comp_bond                
3 3 'Structure model' database_2                    
4 3 'Structure model' pdbx_database_status          
5 3 'Structure model' pdbx_initial_refinement_model 
# 
loop_
_pdbx_audit_revision_item.ordinal 
_pdbx_audit_revision_item.revision_ordinal 
_pdbx_audit_revision_item.data_content_type 
_pdbx_audit_revision_item.item 
1 3 'Structure model' '_database_2.pdbx_DOI'                 
2 3 'Structure model' '_database_2.pdbx_database_accession'  
3 3 'Structure model' '_pdbx_database_status.status_code_sf' 
# 
_pdbx_database_status.status_code                     REL 
_pdbx_database_status.entry_id                        5A9B 
_pdbx_database_status.deposit_site                    PDBE 
_pdbx_database_status.process_site                    PDBE 
_pdbx_database_status.SG_entry                        . 
_pdbx_database_status.recvd_initial_deposition_date   2015-07-17 
_pdbx_database_status.pdb_format_compatible           Y 
_pdbx_database_status.status_code_sf                  REL 
_pdbx_database_status.status_code_mr                  ? 
_pdbx_database_status.status_code_cs                  ? 
_pdbx_database_status.methods_development_category    ? 
_pdbx_database_status.status_code_nmr_data            ? 
# 
loop_
_pdbx_database_related.db_name 
_pdbx_database_related.db_id 
_pdbx_database_related.content_type 
_pdbx_database_related.details 
PDB 5A8S unspecified 'CRYSTAL STRUCTURE OF ANTHERAEA MYLITTA CPV4 POLYHEDRA TYPE 1'                     
PDB 5A8T unspecified 'CRYSTAL STRUCTURE OF ANTHERAEA MYLITTA CPV4 POLYHEDRA TYPE 2'                     
PDB 5A8U unspecified 'CRYSTAL STRUCTURE OF ORGYIA PSEUDOTSUGATA CPV5 POLYHEDRA'                         
PDB 5A8V unspecified 'CRYSTAL STRUCTURE OF ORGYIA PSEUDOTSUGATA CPV5 POLYHEDRA WITH SEMET SUBSTITUTION' 
PDB 5A96 unspecified 'CRYSTAL STRUCTURE OF LYMANTRIA DISPAR CPV14 POLYHEDRA'                            
PDB 5A98 unspecified 'CRYSTAL STRUCTURE OF TRICHOPLUSIA NI CPV15 POLYHEDRA'                             
PDB 5A99 unspecified 'CRYSTAL STRUCTURE OF OPEROPHTERA BRUMATA CPV19 POLYHEDRA'                         
PDB 5A9A unspecified 'CRYSTAL STRUCTURE OF SIMULIUM UBIQUITUM CPV20 POLYHEDRA'                          
PDB 5A9C unspecified 'CRYSTAL STRUCTURE OF ANTHERAEA MYLITTA CPV4 POLYHEDRA BASE DOMAIN DELETED MUTANT' 
PDB 5A9P unspecified 'CRYSTAL STRUCTURE OF OPEROPHTERA BRUMATA CPV18 POLYHEDRA'                         
# 
loop_
_audit_author.name 
_audit_author.pdbx_ordinal 
'Ji, X.'       1 
'Axford, D.'   2 
'Owen, R.'     3 
'Evans, G.'    4 
'Ginn, H.M.'   5 
'Sutton, G.'   6 
'Stuart, D.I.' 7 
# 
_citation.id                        primary 
_citation.title                     'Polyhedra Structures and the Evolution of the Insect Viruses.' 
_citation.journal_abbrev            J.Struct.Biol. 
_citation.journal_volume            192 
_citation.page_first                88 
_citation.page_last                 ? 
_citation.year                      2015 
_citation.journal_id_ASTM           JSBIEM 
_citation.country                   US 
_citation.journal_id_ISSN           1047-8477 
_citation.journal_id_CSD            0803 
_citation.book_publisher            ? 
_citation.pdbx_database_id_PubMed   26291392 
_citation.pdbx_database_id_DOI      10.1016/J.JSB.2015.08.009 
# 
loop_
_citation_author.citation_id 
_citation_author.name 
_citation_author.ordinal 
_citation_author.identifier_ORCID 
primary 'Ji, X.'       1 ? 
primary 'Axford, D.'   2 ? 
primary 'Owen, R.'     3 ? 
primary 'Evans, G.'    4 ? 
primary 'Ginn, H.M.'   5 ? 
primary 'Sutton, G.'   6 ? 
primary 'Stuart, D.I.' 7 ? 
# 
loop_
_entity.id 
_entity.type 
_entity.src_method 
_entity.pdbx_description 
_entity.formula_weight 
_entity.pdbx_number_of_molecules 
_entity.pdbx_ec 
_entity.pdbx_mutation 
_entity.pdbx_fragment 
_entity.details 
1 polymer man POLYHEDRIN 24753.625 1   ? ? ? ? 
2 water   nat water      18.015    101 ? ? ? ? 
# 
_entity_poly.entity_id                      1 
_entity_poly.type                           'polypeptide(L)' 
_entity_poly.nstd_linkage                   no 
_entity_poly.nstd_monomer                   no 
_entity_poly.pdbx_seq_one_letter_code       
;MADVAGTSNRDFRGREQRLFNSEQYNYNSSLNGEVSVWVYAYYSDGSVLVINKNSQYKVGISETFKVLKEGSGAKPRAIQ
IIFSPSVNVRTIKMAKGNAVSVPDEYLQRSHPWEATGIKYRKIKRDGEIVGYSHYFELPHEYNSISLAVSGVHKNPSSYN
VGSAHNVMDVFQSCDLALRFCNRYWAELELVNHYISPNAYPYLDINNHSYGVALSNRQ
;
_entity_poly.pdbx_seq_one_letter_code_can   
;MADVAGTSNRDFRGREQRLFNSEQYNYNSSLNGEVSVWVYAYYSDGSVLVINKNSQYKVGISETFKVLKEGSGAKPRAIQ
IIFSPSVNVRTIKMAKGNAVSVPDEYLQRSHPWEATGIKYRKIKRDGEIVGYSHYFELPHEYNSISLAVSGVHKNPSSYN
VGSAHNVMDVFQSCDLALRFCNRYWAELELVNHYISPNAYPYLDINNHSYGVALSNRQ
;
_entity_poly.pdbx_strand_id                 A 
_entity_poly.pdbx_target_identifier         ? 
# 
_pdbx_entity_nonpoly.entity_id   2 
_pdbx_entity_nonpoly.name        water 
_pdbx_entity_nonpoly.comp_id     HOH 
# 
loop_
_entity_poly_seq.entity_id 
_entity_poly_seq.num 
_entity_poly_seq.mon_id 
_entity_poly_seq.hetero 
1 1   MET n 
1 2   ALA n 
1 3   ASP n 
1 4   VAL n 
1 5   ALA n 
1 6   GLY n 
1 7   THR n 
1 8   SER n 
1 9   ASN n 
1 10  ARG n 
1 11  ASP n 
1 12  PHE n 
1 13  ARG n 
1 14  GLY n 
1 15  ARG n 
1 16  GLU n 
1 17  GLN n 
1 18  ARG n 
1 19  LEU n 
1 20  PHE n 
1 21  ASN n 
1 22  SER n 
1 23  GLU n 
1 24  GLN n 
1 25  TYR n 
1 26  ASN n 
1 27  TYR n 
1 28  ASN n 
1 29  SER n 
1 30  SER n 
1 31  LEU n 
1 32  ASN n 
1 33  GLY n 
1 34  GLU n 
1 35  VAL n 
1 36  SER n 
1 37  VAL n 
1 38  TRP n 
1 39  VAL n 
1 40  TYR n 
1 41  ALA n 
1 42  TYR n 
1 43  TYR n 
1 44  SER n 
1 45  ASP n 
1 46  GLY n 
1 47  SER n 
1 48  VAL n 
1 49  LEU n 
1 50  VAL n 
1 51  ILE n 
1 52  ASN n 
1 53  LYS n 
1 54  ASN n 
1 55  SER n 
1 56  GLN n 
1 57  TYR n 
1 58  LYS n 
1 59  VAL n 
1 60  GLY n 
1 61  ILE n 
1 62  SER n 
1 63  GLU n 
1 64  THR n 
1 65  PHE n 
1 66  LYS n 
1 67  VAL n 
1 68  LEU n 
1 69  LYS n 
1 70  GLU n 
1 71  GLY n 
1 72  SER n 
1 73  GLY n 
1 74  ALA n 
1 75  LYS n 
1 76  PRO n 
1 77  ARG n 
1 78  ALA n 
1 79  ILE n 
1 80  GLN n 
1 81  ILE n 
1 82  ILE n 
1 83  PHE n 
1 84  SER n 
1 85  PRO n 
1 86  SER n 
1 87  VAL n 
1 88  ASN n 
1 89  VAL n 
1 90  ARG n 
1 91  THR n 
1 92  ILE n 
1 93  LYS n 
1 94  MET n 
1 95  ALA n 
1 96  LYS n 
1 97  GLY n 
1 98  ASN n 
1 99  ALA n 
1 100 VAL n 
1 101 SER n 
1 102 VAL n 
1 103 PRO n 
1 104 ASP n 
1 105 GLU n 
1 106 TYR n 
1 107 LEU n 
1 108 GLN n 
1 109 ARG n 
1 110 SER n 
1 111 HIS n 
1 112 PRO n 
1 113 TRP n 
1 114 GLU n 
1 115 ALA n 
1 116 THR n 
1 117 GLY n 
1 118 ILE n 
1 119 LYS n 
1 120 TYR n 
1 121 ARG n 
1 122 LYS n 
1 123 ILE n 
1 124 LYS n 
1 125 ARG n 
1 126 ASP n 
1 127 GLY n 
1 128 GLU n 
1 129 ILE n 
1 130 VAL n 
1 131 GLY n 
1 132 TYR n 
1 133 SER n 
1 134 HIS n 
1 135 TYR n 
1 136 PHE n 
1 137 GLU n 
1 138 LEU n 
1 139 PRO n 
1 140 HIS n 
1 141 GLU n 
1 142 TYR n 
1 143 ASN n 
1 144 SER n 
1 145 ILE n 
1 146 SER n 
1 147 LEU n 
1 148 ALA n 
1 149 VAL n 
1 150 SER n 
1 151 GLY n 
1 152 VAL n 
1 153 HIS n 
1 154 LYS n 
1 155 ASN n 
1 156 PRO n 
1 157 SER n 
1 158 SER n 
1 159 TYR n 
1 160 ASN n 
1 161 VAL n 
1 162 GLY n 
1 163 SER n 
1 164 ALA n 
1 165 HIS n 
1 166 ASN n 
1 167 VAL n 
1 168 MET n 
1 169 ASP n 
1 170 VAL n 
1 171 PHE n 
1 172 GLN n 
1 173 SER n 
1 174 CYS n 
1 175 ASP n 
1 176 LEU n 
1 177 ALA n 
1 178 LEU n 
1 179 ARG n 
1 180 PHE n 
1 181 CYS n 
1 182 ASN n 
1 183 ARG n 
1 184 TYR n 
1 185 TRP n 
1 186 ALA n 
1 187 GLU n 
1 188 LEU n 
1 189 GLU n 
1 190 LEU n 
1 191 VAL n 
1 192 ASN n 
1 193 HIS n 
1 194 TYR n 
1 195 ILE n 
1 196 SER n 
1 197 PRO n 
1 198 ASN n 
1 199 ALA n 
1 200 TYR n 
1 201 PRO n 
1 202 TYR n 
1 203 LEU n 
1 204 ASP n 
1 205 ILE n 
1 206 ASN n 
1 207 ASN n 
1 208 HIS n 
1 209 SER n 
1 210 TYR n 
1 211 GLY n 
1 212 VAL n 
1 213 ALA n 
1 214 LEU n 
1 215 SER n 
1 216 ASN n 
1 217 ARG n 
1 218 GLN n 
# 
_entity_src_gen.entity_id                          1 
_entity_src_gen.pdbx_src_id                        1 
_entity_src_gen.pdbx_alt_source_flag               sample 
_entity_src_gen.pdbx_seq_type                      ? 
_entity_src_gen.pdbx_beg_seq_num                   ? 
_entity_src_gen.pdbx_end_seq_num                   ? 
_entity_src_gen.gene_src_common_name               ? 
_entity_src_gen.gene_src_genus                     ? 
_entity_src_gen.pdbx_gene_src_gene                 ? 
_entity_src_gen.gene_src_species                   ? 
_entity_src_gen.gene_src_strain                    ? 
_entity_src_gen.gene_src_tissue                    ? 
_entity_src_gen.gene_src_tissue_fraction           ? 
_entity_src_gen.gene_src_details                   ? 
_entity_src_gen.pdbx_gene_src_fragment             ? 
_entity_src_gen.pdbx_gene_src_scientific_name      'BOMBYX MORI CYPOVIRUS 1' 
_entity_src_gen.pdbx_gene_src_ncbi_taxonomy_id     110829 
_entity_src_gen.pdbx_gene_src_variant              ? 
_entity_src_gen.pdbx_gene_src_cell_line            ? 
_entity_src_gen.pdbx_gene_src_atcc                 ? 
_entity_src_gen.pdbx_gene_src_organ                ? 
_entity_src_gen.pdbx_gene_src_organelle            ? 
_entity_src_gen.pdbx_gene_src_cell                 ? 
_entity_src_gen.pdbx_gene_src_cellular_location    ? 
_entity_src_gen.host_org_common_name               'FALL ARMYWORM' 
_entity_src_gen.pdbx_host_org_scientific_name      'SPODOPTERA FRUGIPERDA' 
_entity_src_gen.pdbx_host_org_ncbi_taxonomy_id     7108 
_entity_src_gen.host_org_genus                     ? 
_entity_src_gen.pdbx_host_org_gene                 ? 
_entity_src_gen.pdbx_host_org_organ                ? 
_entity_src_gen.host_org_species                   ? 
_entity_src_gen.pdbx_host_org_tissue               ? 
_entity_src_gen.pdbx_host_org_tissue_fraction      ? 
_entity_src_gen.pdbx_host_org_strain               ? 
_entity_src_gen.pdbx_host_org_variant              ? 
_entity_src_gen.pdbx_host_org_cell_line            SF9 
_entity_src_gen.pdbx_host_org_atcc                 ? 
_entity_src_gen.pdbx_host_org_culture_collection   ? 
_entity_src_gen.pdbx_host_org_cell                 ? 
_entity_src_gen.pdbx_host_org_organelle            ? 
_entity_src_gen.pdbx_host_org_cellular_location    ? 
_entity_src_gen.pdbx_host_org_vector_type          BACULOVIRUS 
_entity_src_gen.pdbx_host_org_vector               ? 
_entity_src_gen.host_org_details                   ? 
_entity_src_gen.expression_system_id               ? 
_entity_src_gen.plasmid_name                       ? 
_entity_src_gen.plasmid_details                    ? 
_entity_src_gen.pdbx_description                   ? 
# 
loop_
_chem_comp.id 
_chem_comp.type 
_chem_comp.mon_nstd_flag 
_chem_comp.name 
_chem_comp.pdbx_synonyms 
_chem_comp.formula 
_chem_comp.formula_weight 
ALA 'L-peptide linking' y ALANINE         ? 'C3 H7 N O2'     89.093  
ARG 'L-peptide linking' y ARGININE        ? 'C6 H15 N4 O2 1' 175.209 
ASN 'L-peptide linking' y ASPARAGINE      ? 'C4 H8 N2 O3'    132.118 
ASP 'L-peptide linking' y 'ASPARTIC ACID' ? 'C4 H7 N O4'     133.103 
CYS 'L-peptide linking' y CYSTEINE        ? 'C3 H7 N O2 S'   121.158 
GLN 'L-peptide linking' y GLUTAMINE       ? 'C5 H10 N2 O3'   146.144 
GLU 'L-peptide linking' y 'GLUTAMIC ACID' ? 'C5 H9 N O4'     147.129 
GLY 'peptide linking'   y GLYCINE         ? 'C2 H5 N O2'     75.067  
HIS 'L-peptide linking' y HISTIDINE       ? 'C6 H10 N3 O2 1' 156.162 
HOH non-polymer         . WATER           ? 'H2 O'           18.015  
ILE 'L-peptide linking' y ISOLEUCINE      ? 'C6 H13 N O2'    131.173 
LEU 'L-peptide linking' y LEUCINE         ? 'C6 H13 N O2'    131.173 
LYS 'L-peptide linking' y LYSINE          ? 'C6 H15 N2 O2 1' 147.195 
MET 'L-peptide linking' y METHIONINE      ? 'C5 H11 N O2 S'  149.211 
PHE 'L-peptide linking' y PHENYLALANINE   ? 'C9 H11 N O2'    165.189 
PRO 'L-peptide linking' y PROLINE         ? 'C5 H9 N O2'     115.130 
SER 'L-peptide linking' y SERINE          ? 'C3 H7 N O3'     105.093 
THR 'L-peptide linking' y THREONINE       ? 'C4 H9 N O3'     119.119 
TRP 'L-peptide linking' y TRYPTOPHAN      ? 'C11 H12 N2 O2'  204.225 
TYR 'L-peptide linking' y TYROSINE        ? 'C9 H11 N O3'    181.189 
VAL 'L-peptide linking' y VALINE          ? 'C5 H11 N O2'    117.146 
# 
loop_
_pdbx_poly_seq_scheme.asym_id 
_pdbx_poly_seq_scheme.entity_id 
_pdbx_poly_seq_scheme.seq_id 
_pdbx_poly_seq_scheme.mon_id 
_pdbx_poly_seq_scheme.ndb_seq_num 
_pdbx_poly_seq_scheme.pdb_seq_num 
_pdbx_poly_seq_scheme.auth_seq_num 
_pdbx_poly_seq_scheme.pdb_mon_id 
_pdbx_poly_seq_scheme.auth_mon_id 
_pdbx_poly_seq_scheme.pdb_strand_id 
_pdbx_poly_seq_scheme.pdb_ins_code 
_pdbx_poly_seq_scheme.hetero 
A 1 1   MET 1   1   ?   ?   ?   A . n 
A 1 2   ALA 2   2   ?   ?   ?   A . n 
A 1 3   ASP 3   3   ?   ?   ?   A . n 
A 1 4   VAL 4   4   ?   ?   ?   A . n 
A 1 5   ALA 5   5   ?   ?   ?   A . n 
A 1 6   GLY 6   6   ?   ?   ?   A . n 
A 1 7   THR 7   7   ?   ?   ?   A . n 
A 1 8   SER 8   8   8   SER SER A . n 
A 1 9   ASN 9   9   9   ASN ASN A . n 
A 1 10  ARG 10  10  10  ARG ARG A . n 
A 1 11  ASP 11  11  11  ASP ASP A . n 
A 1 12  PHE 12  12  12  PHE PHE A . n 
A 1 13  ARG 13  13  13  ARG ARG A . n 
A 1 14  GLY 14  14  14  GLY GLY A . n 
A 1 15  ARG 15  15  15  ARG ARG A . n 
A 1 16  GLU 16  16  16  GLU GLU A . n 
A 1 17  GLN 17  17  17  GLN GLN A . n 
A 1 18  ARG 18  18  18  ARG ARG A . n 
A 1 19  LEU 19  19  19  LEU LEU A . n 
A 1 20  PHE 20  20  20  PHE PHE A . n 
A 1 21  ASN 21  21  21  ASN ASN A . n 
A 1 22  SER 22  22  22  SER SER A . n 
A 1 23  GLU 23  23  23  GLU GLU A . n 
A 1 24  GLN 24  24  24  GLN GLN A . n 
A 1 25  TYR 25  25  25  TYR TYR A . n 
A 1 26  ASN 26  26  26  ASN ASN A . n 
A 1 27  TYR 27  27  27  TYR TYR A . n 
A 1 28  ASN 28  28  28  ASN ASN A . n 
A 1 29  SER 29  29  29  SER SER A . n 
A 1 30  SER 30  30  30  SER SER A . n 
A 1 31  LEU 31  31  31  LEU LEU A . n 
A 1 32  ASN 32  32  32  ASN ASN A . n 
A 1 33  GLY 33  33  33  GLY GLY A . n 
A 1 34  GLU 34  34  34  GLU GLU A . n 
A 1 35  VAL 35  35  35  VAL VAL A . n 
A 1 36  SER 36  36  36  SER SER A . n 
A 1 37  VAL 37  37  37  VAL VAL A . n 
A 1 38  TRP 38  38  38  TRP TRP A . n 
A 1 39  VAL 39  39  39  VAL VAL A . n 
A 1 40  TYR 40  40  40  TYR TYR A . n 
A 1 41  ALA 41  41  41  ALA ALA A . n 
A 1 42  TYR 42  42  42  TYR TYR A . n 
A 1 43  TYR 43  43  43  TYR TYR A . n 
A 1 44  SER 44  44  44  SER SER A . n 
A 1 45  ASP 45  45  45  ASP ASP A . n 
A 1 46  GLY 46  46  46  GLY GLY A . n 
A 1 47  SER 47  47  47  SER SER A . n 
A 1 48  VAL 48  48  48  VAL VAL A . n 
A 1 49  LEU 49  49  49  LEU LEU A . n 
A 1 50  VAL 50  50  50  VAL VAL A . n 
A 1 51  ILE 51  51  51  ILE ILE A . n 
A 1 52  ASN 52  52  52  ASN ASN A . n 
A 1 53  LYS 53  53  53  LYS LYS A . n 
A 1 54  ASN 54  54  54  ASN ASN A . n 
A 1 55  SER 55  55  55  SER SER A . n 
A 1 56  GLN 56  56  56  GLN GLN A . n 
A 1 57  TYR 57  57  57  TYR TYR A . n 
A 1 58  LYS 58  58  58  LYS LYS A . n 
A 1 59  VAL 59  59  59  VAL VAL A . n 
A 1 60  GLY 60  60  60  GLY GLY A . n 
A 1 61  ILE 61  61  61  ILE ILE A . n 
A 1 62  SER 62  62  62  SER SER A . n 
A 1 63  GLU 63  63  63  GLU GLU A . n 
A 1 64  THR 64  64  64  THR THR A . n 
A 1 65  PHE 65  65  65  PHE PHE A . n 
A 1 66  LYS 66  66  66  LYS LYS A . n 
A 1 67  VAL 67  67  67  VAL VAL A . n 
A 1 68  LEU 68  68  68  LEU LEU A . n 
A 1 69  LYS 69  69  69  LYS LYS A . n 
A 1 70  GLU 70  70  70  GLU GLU A . n 
A 1 71  GLY 71  101 101 GLY GLY A . n 
A 1 72  SER 72  102 102 SER SER A . n 
A 1 73  GLY 73  103 103 GLY GLY A . n 
A 1 74  ALA 74  104 104 ALA ALA A . n 
A 1 75  LYS 75  105 105 LYS LYS A . n 
A 1 76  PRO 76  106 106 PRO PRO A . n 
A 1 77  ARG 77  107 107 ARG ARG A . n 
A 1 78  ALA 78  108 108 ALA ALA A . n 
A 1 79  ILE 79  109 109 ILE ILE A . n 
A 1 80  GLN 80  110 110 GLN GLN A . n 
A 1 81  ILE 81  111 111 ILE ILE A . n 
A 1 82  ILE 82  112 112 ILE ILE A . n 
A 1 83  PHE 83  113 113 PHE PHE A . n 
A 1 84  SER 84  114 114 SER SER A . n 
A 1 85  PRO 85  115 115 PRO PRO A . n 
A 1 86  SER 86  116 116 SER SER A . n 
A 1 87  VAL 87  117 117 VAL VAL A . n 
A 1 88  ASN 88  118 118 ASN ASN A . n 
A 1 89  VAL 89  119 119 VAL VAL A . n 
A 1 90  ARG 90  120 120 ARG ARG A . n 
A 1 91  THR 91  121 121 THR THR A . n 
A 1 92  ILE 92  122 122 ILE ILE A . n 
A 1 93  LYS 93  123 123 LYS LYS A . n 
A 1 94  MET 94  124 124 MET MET A . n 
A 1 95  ALA 95  125 125 ALA ALA A . n 
A 1 96  LYS 96  126 126 LYS LYS A . n 
A 1 97  GLY 97  127 127 GLY GLY A . n 
A 1 98  ASN 98  128 128 ASN ASN A . n 
A 1 99  ALA 99  129 129 ALA ALA A . n 
A 1 100 VAL 100 130 130 VAL VAL A . n 
A 1 101 SER 101 131 131 SER SER A . n 
A 1 102 VAL 102 132 132 VAL VAL A . n 
A 1 103 PRO 103 133 133 PRO PRO A . n 
A 1 104 ASP 104 134 134 ASP ASP A . n 
A 1 105 GLU 105 135 135 GLU GLU A . n 
A 1 106 TYR 106 136 136 TYR TYR A . n 
A 1 107 LEU 107 137 137 LEU LEU A . n 
A 1 108 GLN 108 138 138 GLN GLN A . n 
A 1 109 ARG 109 139 139 ARG ARG A . n 
A 1 110 SER 110 140 140 SER SER A . n 
A 1 111 HIS 111 141 141 HIS HIS A . n 
A 1 112 PRO 112 142 142 PRO PRO A . n 
A 1 113 TRP 113 143 143 TRP TRP A . n 
A 1 114 GLU 114 144 144 GLU GLU A . n 
A 1 115 ALA 115 145 145 ALA ALA A . n 
A 1 116 THR 116 146 146 THR THR A . n 
A 1 117 GLY 117 147 147 GLY GLY A . n 
A 1 118 ILE 118 148 148 ILE ILE A . n 
A 1 119 LYS 119 149 149 LYS LYS A . n 
A 1 120 TYR 120 150 150 TYR TYR A . n 
A 1 121 ARG 121 151 151 ARG ARG A . n 
A 1 122 LYS 122 152 152 LYS LYS A . n 
A 1 123 ILE 123 153 153 ILE ILE A . n 
A 1 124 LYS 124 154 154 LYS LYS A . n 
A 1 125 ARG 125 155 155 ARG ARG A . n 
A 1 126 ASP 126 156 156 ASP ASP A . n 
A 1 127 GLY 127 157 157 GLY GLY A . n 
A 1 128 GLU 128 158 158 GLU GLU A . n 
A 1 129 ILE 129 159 159 ILE ILE A . n 
A 1 130 VAL 130 160 160 VAL VAL A . n 
A 1 131 GLY 131 161 161 GLY GLY A . n 
A 1 132 TYR 132 162 162 TYR TYR A . n 
A 1 133 SER 133 163 163 SER SER A . n 
A 1 134 HIS 134 164 164 HIS HIS A . n 
A 1 135 TYR 135 165 165 TYR TYR A . n 
A 1 136 PHE 136 166 166 PHE PHE A . n 
A 1 137 GLU 137 167 167 GLU GLU A . n 
A 1 138 LEU 138 168 168 LEU LEU A . n 
A 1 139 PRO 139 169 169 PRO PRO A . n 
A 1 140 HIS 140 170 170 HIS HIS A . n 
A 1 141 GLU 141 171 171 GLU GLU A . n 
A 1 142 TYR 142 172 172 TYR TYR A . n 
A 1 143 ASN 143 173 173 ASN ASN A . n 
A 1 144 SER 144 174 174 SER SER A . n 
A 1 145 ILE 145 175 175 ILE ILE A . n 
A 1 146 SER 146 176 176 SER SER A . n 
A 1 147 LEU 147 177 177 LEU LEU A . n 
A 1 148 ALA 148 178 178 ALA ALA A . n 
A 1 149 VAL 149 179 179 VAL VAL A . n 
A 1 150 SER 150 180 180 SER SER A . n 
A 1 151 GLY 151 181 181 GLY GLY A . n 
A 1 152 VAL 152 182 182 VAL VAL A . n 
A 1 153 HIS 153 183 183 HIS HIS A . n 
A 1 154 LYS 154 184 184 LYS LYS A . n 
A 1 155 ASN 155 185 185 ASN ASN A . n 
A 1 156 PRO 156 186 186 PRO PRO A . n 
A 1 157 SER 157 187 187 SER SER A . n 
A 1 158 SER 158 188 188 SER SER A . n 
A 1 159 TYR 159 189 189 TYR TYR A . n 
A 1 160 ASN 160 190 190 ASN ASN A . n 
A 1 161 VAL 161 191 191 VAL VAL A . n 
A 1 162 GLY 162 192 192 GLY GLY A . n 
A 1 163 SER 163 193 193 SER SER A . n 
A 1 164 ALA 164 194 194 ALA ALA A . n 
A 1 165 HIS 165 195 195 HIS HIS A . n 
A 1 166 ASN 166 196 196 ASN ASN A . n 
A 1 167 VAL 167 197 197 VAL VAL A . n 
A 1 168 MET 168 198 198 MET MET A . n 
A 1 169 ASP 169 199 199 ASP ASP A . n 
A 1 170 VAL 170 200 200 VAL VAL A . n 
A 1 171 PHE 171 201 201 PHE PHE A . n 
A 1 172 GLN 172 202 202 GLN GLN A . n 
A 1 173 SER 173 203 203 SER SER A . n 
A 1 174 CYS 174 204 204 CYS CYS A . n 
A 1 175 ASP 175 205 205 ASP ASP A . n 
A 1 176 LEU 176 206 206 LEU LEU A . n 
A 1 177 ALA 177 207 207 ALA ALA A . n 
A 1 178 LEU 178 208 208 LEU LEU A . n 
A 1 179 ARG 179 209 209 ARG ARG A . n 
A 1 180 PHE 180 210 210 PHE PHE A . n 
A 1 181 CYS 181 211 211 CYS CYS A . n 
A 1 182 ASN 182 212 212 ASN ASN A . n 
A 1 183 ARG 183 213 213 ARG ARG A . n 
A 1 184 TYR 184 214 214 TYR TYR A . n 
A 1 185 TRP 185 215 215 TRP TRP A . n 
A 1 186 ALA 186 216 216 ALA ALA A . n 
A 1 187 GLU 187 217 217 GLU GLU A . n 
A 1 188 LEU 188 218 218 LEU LEU A . n 
A 1 189 GLU 189 219 219 GLU GLU A . n 
A 1 190 LEU 190 220 220 LEU LEU A . n 
A 1 191 VAL 191 221 221 VAL VAL A . n 
A 1 192 ASN 192 222 222 ASN ASN A . n 
A 1 193 HIS 193 223 223 HIS HIS A . n 
A 1 194 TYR 194 224 224 TYR TYR A . n 
A 1 195 ILE 195 225 225 ILE ILE A . n 
A 1 196 SER 196 226 226 SER SER A . n 
A 1 197 PRO 197 227 227 PRO PRO A . n 
A 1 198 ASN 198 228 228 ASN ASN A . n 
A 1 199 ALA 199 229 229 ALA ALA A . n 
A 1 200 TYR 200 230 230 TYR TYR A . n 
A 1 201 PRO 201 231 231 PRO PRO A . n 
A 1 202 TYR 202 232 232 TYR TYR A . n 
A 1 203 LEU 203 233 233 LEU LEU A . n 
A 1 204 ASP 204 234 234 ASP ASP A . n 
A 1 205 ILE 205 235 235 ILE ILE A . n 
A 1 206 ASN 206 236 236 ASN ASN A . n 
A 1 207 ASN 207 237 237 ASN ASN A . n 
A 1 208 HIS 208 238 238 HIS HIS A . n 
A 1 209 SER 209 239 239 SER SER A . n 
A 1 210 TYR 210 240 240 TYR TYR A . n 
A 1 211 GLY 211 241 241 GLY GLY A . n 
A 1 212 VAL 212 242 242 VAL VAL A . n 
A 1 213 ALA 213 243 243 ALA ALA A . n 
A 1 214 LEU 214 244 244 LEU LEU A . n 
A 1 215 SER 215 245 245 SER SER A . n 
A 1 216 ASN 216 246 246 ASN ASN A . n 
A 1 217 ARG 217 247 ?   ?   ?   A . n 
A 1 218 GLN 218 248 ?   ?   ?   A . n 
# 
loop_
_pdbx_nonpoly_scheme.asym_id 
_pdbx_nonpoly_scheme.entity_id 
_pdbx_nonpoly_scheme.mon_id 
_pdbx_nonpoly_scheme.ndb_seq_num 
_pdbx_nonpoly_scheme.pdb_seq_num 
_pdbx_nonpoly_scheme.auth_seq_num 
_pdbx_nonpoly_scheme.pdb_mon_id 
_pdbx_nonpoly_scheme.auth_mon_id 
_pdbx_nonpoly_scheme.pdb_strand_id 
_pdbx_nonpoly_scheme.pdb_ins_code 
B 2 HOH 1   2001 2001 HOH HOH A . 
B 2 HOH 2   2002 2002 HOH HOH A . 
B 2 HOH 3   2003 2003 HOH HOH A . 
B 2 HOH 4   2004 2004 HOH HOH A . 
B 2 HOH 5   2005 2005 HOH HOH A . 
B 2 HOH 6   2006 2006 HOH HOH A . 
B 2 HOH 7   2007 2007 HOH HOH A . 
B 2 HOH 8   2008 2008 HOH HOH A . 
B 2 HOH 9   2009 2009 HOH HOH A . 
B 2 HOH 10  2010 2010 HOH HOH A . 
B 2 HOH 11  2011 2011 HOH HOH A . 
B 2 HOH 12  2012 2012 HOH HOH A . 
B 2 HOH 13  2013 2013 HOH HOH A . 
B 2 HOH 14  2014 2014 HOH HOH A . 
B 2 HOH 15  2015 2015 HOH HOH A . 
B 2 HOH 16  2016 2016 HOH HOH A . 
B 2 HOH 17  2017 2017 HOH HOH A . 
B 2 HOH 18  2018 2018 HOH HOH A . 
B 2 HOH 19  2019 2019 HOH HOH A . 
B 2 HOH 20  2020 2020 HOH HOH A . 
B 2 HOH 21  2021 2021 HOH HOH A . 
B 2 HOH 22  2022 2022 HOH HOH A . 
B 2 HOH 23  2023 2023 HOH HOH A . 
B 2 HOH 24  2024 2024 HOH HOH A . 
B 2 HOH 25  2025 2025 HOH HOH A . 
B 2 HOH 26  2026 2026 HOH HOH A . 
B 2 HOH 27  2027 2027 HOH HOH A . 
B 2 HOH 28  2028 2028 HOH HOH A . 
B 2 HOH 29  2029 2029 HOH HOH A . 
B 2 HOH 30  2030 2030 HOH HOH A . 
B 2 HOH 31  2031 2031 HOH HOH A . 
B 2 HOH 32  2032 2032 HOH HOH A . 
B 2 HOH 33  2033 2033 HOH HOH A . 
B 2 HOH 34  2034 2034 HOH HOH A . 
B 2 HOH 35  2035 2035 HOH HOH A . 
B 2 HOH 36  2036 2036 HOH HOH A . 
B 2 HOH 37  2037 2037 HOH HOH A . 
B 2 HOH 38  2038 2038 HOH HOH A . 
B 2 HOH 39  2039 2039 HOH HOH A . 
B 2 HOH 40  2040 2040 HOH HOH A . 
B 2 HOH 41  2041 2041 HOH HOH A . 
B 2 HOH 42  2042 2042 HOH HOH A . 
B 2 HOH 43  2043 2043 HOH HOH A . 
B 2 HOH 44  2044 2044 HOH HOH A . 
B 2 HOH 45  2045 2045 HOH HOH A . 
B 2 HOH 46  2046 2046 HOH HOH A . 
B 2 HOH 47  2047 2047 HOH HOH A . 
B 2 HOH 48  2048 2048 HOH HOH A . 
B 2 HOH 49  2049 2049 HOH HOH A . 
B 2 HOH 50  2050 2050 HOH HOH A . 
B 2 HOH 51  2051 2051 HOH HOH A . 
B 2 HOH 52  2052 2052 HOH HOH A . 
B 2 HOH 53  2053 2053 HOH HOH A . 
B 2 HOH 54  2054 2054 HOH HOH A . 
B 2 HOH 55  2055 2055 HOH HOH A . 
B 2 HOH 56  2056 2056 HOH HOH A . 
B 2 HOH 57  2057 2057 HOH HOH A . 
B 2 HOH 58  2058 2058 HOH HOH A . 
B 2 HOH 59  2059 2059 HOH HOH A . 
B 2 HOH 60  2060 2060 HOH HOH A . 
B 2 HOH 61  2061 2061 HOH HOH A . 
B 2 HOH 62  2062 2062 HOH HOH A . 
B 2 HOH 63  2063 2063 HOH HOH A . 
B 2 HOH 64  2064 2064 HOH HOH A . 
B 2 HOH 65  2065 2065 HOH HOH A . 
B 2 HOH 66  2066 2066 HOH HOH A . 
B 2 HOH 67  2067 2067 HOH HOH A . 
B 2 HOH 68  2068 2068 HOH HOH A . 
B 2 HOH 69  2069 2069 HOH HOH A . 
B 2 HOH 70  2070 2070 HOH HOH A . 
B 2 HOH 71  2071 2071 HOH HOH A . 
B 2 HOH 72  2072 2072 HOH HOH A . 
B 2 HOH 73  2073 2073 HOH HOH A . 
B 2 HOH 74  2074 2074 HOH HOH A . 
B 2 HOH 75  2075 2075 HOH HOH A . 
B 2 HOH 76  2076 2076 HOH HOH A . 
B 2 HOH 77  2077 2077 HOH HOH A . 
B 2 HOH 78  2078 2078 HOH HOH A . 
B 2 HOH 79  2079 2079 HOH HOH A . 
B 2 HOH 80  2080 2080 HOH HOH A . 
B 2 HOH 81  2081 2081 HOH HOH A . 
B 2 HOH 82  2082 2082 HOH HOH A . 
B 2 HOH 83  2083 2083 HOH HOH A . 
B 2 HOH 84  2084 2084 HOH HOH A . 
B 2 HOH 85  2085 2085 HOH HOH A . 
B 2 HOH 86  2086 2086 HOH HOH A . 
B 2 HOH 87  2087 2087 HOH HOH A . 
B 2 HOH 88  2088 2088 HOH HOH A . 
B 2 HOH 89  2089 2089 HOH HOH A . 
B 2 HOH 90  2090 2090 HOH HOH A . 
B 2 HOH 91  2091 2091 HOH HOH A . 
B 2 HOH 92  2092 2092 HOH HOH A . 
B 2 HOH 93  2093 2093 HOH HOH A . 
B 2 HOH 94  2094 2094 HOH HOH A . 
B 2 HOH 95  2095 2095 HOH HOH A . 
B 2 HOH 96  2096 2096 HOH HOH A . 
B 2 HOH 97  2097 2097 HOH HOH A . 
B 2 HOH 98  2098 2098 HOH HOH A . 
B 2 HOH 99  2099 2099 HOH HOH A . 
B 2 HOH 100 2100 2100 HOH HOH A . 
B 2 HOH 101 2101 2101 HOH HOH A . 
# 
loop_
_software.name 
_software.classification 
_software.version 
_software.citation_id 
_software.pdbx_ordinal 
PHENIX refinement       '(PHENIX.REFINE)' ? 1 
xia2   'data reduction' .                 ? 2 
xia2   'data scaling'   .                 ? 3 
PHASER phasing          .                 ? 4 
# 
_cell.entry_id           5A9B 
_cell.length_a           103.860 
_cell.length_b           103.860 
_cell.length_c           103.860 
_cell.angle_alpha        90.00 
_cell.angle_beta         90.00 
_cell.angle_gamma        90.00 
_cell.Z_PDB              24 
_cell.pdbx_unique_axis   ? 
# 
_symmetry.entry_id                         5A9B 
_symmetry.space_group_name_H-M             'I 2 3' 
_symmetry.pdbx_full_space_group_name_H-M   ? 
_symmetry.cell_setting                     ? 
_symmetry.Int_Tables_number                197 
# 
_exptl.entry_id          5A9B 
_exptl.method            'X-RAY DIFFRACTION' 
_exptl.crystals_number   13 
# 
_exptl_crystal.id                    1 
_exptl_crystal.density_meas          ? 
_exptl_crystal.density_Matthews      1.9 
_exptl_crystal.density_percent_sol   35 
_exptl_crystal.description           NONE 
# 
_exptl_crystal_grow.crystal_id      1 
_exptl_crystal_grow.method          ? 
_exptl_crystal_grow.temp            ? 
_exptl_crystal_grow.temp_details    ? 
_exptl_crystal_grow.pH              7.5 
_exptl_crystal_grow.pdbx_pH_range   ? 
_exptl_crystal_grow.pdbx_details    'pH 7.5' 
# 
_diffrn.id                     1 
_diffrn.ambient_temp           100 
_diffrn.ambient_temp_details   ? 
_diffrn.crystal_id             1 
# 
_diffrn_detector.diffrn_id              1 
_diffrn_detector.detector               PIXEL 
_diffrn_detector.type                   'DECTRIS PILATUS 6M' 
_diffrn_detector.pdbx_collection_date   ? 
_diffrn_detector.details                ? 
# 
_diffrn_radiation.diffrn_id                        1 
_diffrn_radiation.wavelength_id                    1 
_diffrn_radiation.pdbx_monochromatic_or_laue_m_l   M 
_diffrn_radiation.monochromator                    ? 
_diffrn_radiation.pdbx_diffrn_protocol             'SINGLE WAVELENGTH' 
_diffrn_radiation.pdbx_scattering_type             x-ray 
# 
_diffrn_radiation_wavelength.id           1 
_diffrn_radiation_wavelength.wavelength   0.979 
_diffrn_radiation_wavelength.wt           1.0 
# 
_diffrn_source.diffrn_id                   1 
_diffrn_source.source                      SYNCHROTRON 
_diffrn_source.type                        'DIAMOND BEAMLINE I24' 
_diffrn_source.pdbx_synchrotron_site       Diamond 
_diffrn_source.pdbx_synchrotron_beamline   I24 
_diffrn_source.pdbx_wavelength             0.979 
_diffrn_source.pdbx_wavelength_list        ? 
# 
_reflns.pdbx_diffrn_id               1 
_reflns.pdbx_ordinal                 1 
_reflns.entry_id                     5A9B 
_reflns.observed_criterion_sigma_I   1.0 
_reflns.observed_criterion_sigma_F   ? 
_reflns.d_resolution_low             42.40 
_reflns.d_resolution_high            1.88 
_reflns.number_obs                   15023 
_reflns.number_all                   ? 
_reflns.percent_possible_obs         98.8 
_reflns.pdbx_Rmerge_I_obs            0.23 
_reflns.pdbx_Rsym_value              ? 
_reflns.pdbx_netI_over_sigmaI        4.80 
_reflns.B_iso_Wilson_estimate        25.4 
_reflns.pdbx_redundancy              4.3 
# 
_reflns_shell.pdbx_diffrn_id         1 
_reflns_shell.pdbx_ordinal           1 
_reflns_shell.d_res_high             1.88 
_reflns_shell.d_res_low              1.93 
_reflns_shell.percent_possible_all   98.6 
_reflns_shell.Rmerge_I_obs           ? 
_reflns_shell.pdbx_Rsym_value        ? 
_reflns_shell.meanI_over_sigI_obs    1.00 
_reflns_shell.pdbx_redundancy        4.0 
# 
_refine.pdbx_refine_id                           'X-RAY DIFFRACTION' 
_refine.entry_id                                 5A9B 
_refine.pdbx_diffrn_id                           1 
_refine.pdbx_TLS_residual_ADP_flag               ? 
_refine.ls_number_reflns_obs                     15016 
_refine.ls_number_reflns_all                     ? 
_refine.pdbx_ls_sigma_I                          ? 
_refine.pdbx_ls_sigma_F                          1.34 
_refine.pdbx_data_cutoff_high_absF               ? 
_refine.pdbx_data_cutoff_low_absF                ? 
_refine.pdbx_data_cutoff_high_rms_absF           ? 
_refine.ls_d_res_low                             42.401 
_refine.ls_d_res_high                            1.883 
_refine.ls_percent_reflns_obs                    98.42 
_refine.ls_R_factor_obs                          0.1916 
_refine.ls_R_factor_all                          ? 
_refine.ls_R_factor_R_work                       0.1885 
_refine.ls_R_factor_R_free                       0.2511 
_refine.ls_R_factor_R_free_error                 ? 
_refine.ls_R_factor_R_free_error_details         ? 
_refine.ls_percent_reflns_R_free                 5.1 
_refine.ls_number_reflns_R_free                  758 
_refine.ls_number_parameters                     ? 
_refine.ls_number_restraints                     ? 
_refine.occupancy_min                            ? 
_refine.occupancy_max                            ? 
_refine.correlation_coeff_Fo_to_Fc               ? 
_refine.correlation_coeff_Fo_to_Fc_free          ? 
_refine.B_iso_mean                               36.0 
_refine.aniso_B[1][1]                            0.0000 
_refine.aniso_B[2][2]                            0.0000 
_refine.aniso_B[3][3]                            0.0000 
_refine.aniso_B[1][2]                            0.0000 
_refine.aniso_B[1][3]                            0.0000 
_refine.aniso_B[2][3]                            0.0000 
_refine.solvent_model_details                    'FLAT BULK SOLVENT MODEL' 
_refine.solvent_model_param_ksol                 0.413 
_refine.solvent_model_param_bsol                 58.847 
_refine.pdbx_solvent_vdw_probe_radii             1.00 
_refine.pdbx_solvent_ion_probe_radii             ? 
_refine.pdbx_solvent_shrinkage_radii             0.72 
_refine.pdbx_ls_cross_valid_method               ? 
_refine.details                                  ? 
_refine.pdbx_starting_model                      'PDB ENTRY 2OH6' 
_refine.pdbx_method_to_determine_struct          'MOLECULAR REPLACEMENT' 
_refine.pdbx_isotropic_thermal_model             ? 
_refine.pdbx_stereochemistry_target_values       ML 
_refine.pdbx_stereochem_target_val_spec_case     ? 
_refine.pdbx_R_Free_selection_details            ? 
_refine.pdbx_overall_ESU_R                       ? 
_refine.pdbx_overall_ESU_R_Free                  ? 
_refine.overall_SU_ML                            0.59 
_refine.pdbx_overall_phase_error                 25.75 
_refine.overall_SU_B                             ? 
_refine.overall_SU_R_Cruickshank_DPI             ? 
_refine.pdbx_overall_SU_R_free_Cruickshank_DPI   ? 
_refine.pdbx_overall_SU_R_Blow_DPI               ? 
_refine.pdbx_overall_SU_R_free_Blow_DPI          ? 
# 
_refine_hist.pdbx_refine_id                   'X-RAY DIFFRACTION' 
_refine_hist.cycle_id                         LAST 
_refine_hist.pdbx_number_atoms_protein        1683 
_refine_hist.pdbx_number_atoms_nucleic_acid   0 
_refine_hist.pdbx_number_atoms_ligand         0 
_refine_hist.number_atoms_solvent             101 
_refine_hist.number_atoms_total               1784 
_refine_hist.d_res_high                       1.883 
_refine_hist.d_res_low                        42.401 
# 
loop_
_refine_ls_restr.type 
_refine_ls_restr.dev_ideal 
_refine_ls_restr.dev_ideal_target 
_refine_ls_restr.weight 
_refine_ls_restr.number 
_refine_ls_restr.pdbx_refine_id 
_refine_ls_restr.pdbx_restraint_function 
f_bond_d           0.003  ? ? 1731 'X-RAY DIFFRACTION' ? 
f_angle_d          0.790  ? ? 2349 'X-RAY DIFFRACTION' ? 
f_dihedral_angle_d 13.697 ? ? 630  'X-RAY DIFFRACTION' ? 
f_chiral_restr     0.058  ? ? 244  'X-RAY DIFFRACTION' ? 
f_plane_restr      0.002  ? ? 306  'X-RAY DIFFRACTION' ? 
# 
loop_
_refine_ls_shell.pdbx_refine_id 
_refine_ls_shell.pdbx_total_number_of_bins_used 
_refine_ls_shell.d_res_high 
_refine_ls_shell.d_res_low 
_refine_ls_shell.number_reflns_R_work 
_refine_ls_shell.R_factor_R_work 
_refine_ls_shell.percent_reflns_obs 
_refine_ls_shell.R_factor_R_free 
_refine_ls_shell.R_factor_R_free_error 
_refine_ls_shell.percent_reflns_R_free 
_refine_ls_shell.number_reflns_R_free 
_refine_ls_shell.number_reflns_all 
_refine_ls_shell.R_factor_all 
'X-RAY DIFFRACTION' . 1.8831 2.0285  2811 0.2777 98.00 0.3665 . . 154 . . 
'X-RAY DIFFRACTION' . 2.0285 2.2326  2835 0.2297 99.00 0.3164 . . 148 . . 
'X-RAY DIFFRACTION' . 2.2326 2.5556  2823 0.2057 98.00 0.2882 . . 153 . . 
'X-RAY DIFFRACTION' . 2.5556 3.2196  2859 0.1732 99.00 0.2633 . . 153 . . 
'X-RAY DIFFRACTION' . 3.2196 42.4114 2930 0.1657 98.00 0.1999 . . 150 . . 
# 
_struct.entry_id                  5A9B 
_struct.title                     'Crystal structure of Bombyx mori CPV1 polyhedra base domain deleted mutant' 
_struct.pdbx_model_details        ? 
_struct.pdbx_CASP_flag            ? 
_struct.pdbx_model_type_details   ? 
# 
_struct_keywords.entry_id        5A9B 
_struct_keywords.pdbx_keywords   'VIRAL PROTEIN' 
_struct_keywords.text            'VIRAL PROTEIN, INSECT VIRUS OCCLUSION BODY, MICROCRYSTAL' 
# 
loop_
_struct_asym.id 
_struct_asym.pdbx_blank_PDB_chainid_flag 
_struct_asym.pdbx_modified 
_struct_asym.entity_id 
_struct_asym.details 
A N N 1 ? 
B N N 2 ? 
# 
_struct_ref.id                         1 
_struct_ref.db_name                    UNP 
_struct_ref.db_code                    PYHD_CPVBM 
_struct_ref.entity_id                  1 
_struct_ref.pdbx_seq_one_letter_code   ? 
_struct_ref.pdbx_align_begin           ? 
_struct_ref.pdbx_db_accession          P11041 
_struct_ref.pdbx_db_isoform            ? 
# 
_struct_ref_seq.align_id                      1 
_struct_ref_seq.ref_id                        1 
_struct_ref_seq.pdbx_PDB_id_code              5A9B 
_struct_ref_seq.pdbx_strand_id                A 
_struct_ref_seq.seq_align_beg                 1 
_struct_ref_seq.pdbx_seq_align_beg_ins_code   ? 
_struct_ref_seq.seq_align_end                 218 
_struct_ref_seq.pdbx_seq_align_end_ins_code   ? 
_struct_ref_seq.pdbx_db_accession             P11041 
_struct_ref_seq.db_align_beg                  1 
_struct_ref_seq.pdbx_db_align_beg_ins_code    ? 
_struct_ref_seq.db_align_end                  248 
_struct_ref_seq.pdbx_db_align_end_ins_code    ? 
_struct_ref_seq.pdbx_auth_seq_align_beg       1 
_struct_ref_seq.pdbx_auth_seq_align_end       248 
# 
loop_
_struct_ref_seq_dif.align_id 
_struct_ref_seq_dif.pdbx_pdb_id_code 
_struct_ref_seq_dif.mon_id 
_struct_ref_seq_dif.pdbx_pdb_strand_id 
_struct_ref_seq_dif.seq_num 
_struct_ref_seq_dif.pdbx_pdb_ins_code 
_struct_ref_seq_dif.pdbx_seq_db_name 
_struct_ref_seq_dif.pdbx_seq_db_accession_code 
_struct_ref_seq_dif.db_mon_id 
_struct_ref_seq_dif.pdbx_seq_db_seq_num 
_struct_ref_seq_dif.details 
_struct_ref_seq_dif.pdbx_auth_seq_num 
_struct_ref_seq_dif.pdbx_ordinal 
1 5A9B SER A 29 ? UNP P11041 ASN 29  conflict  29  1  
1 5A9B VAL A 67 ? UNP P11041 ALA 67  conflict  67  2  
1 5A9B ?   A ?  ? UNP P11041 TYR 71  deletion  ?   3  
1 5A9B ?   A ?  ? UNP P11041 ARG 72  deletion  ?   4  
1 5A9B ?   A ?  ? UNP P11041 GLU 73  deletion  ?   5  
1 5A9B ?   A ?  ? UNP P11041 GLY 74  deletion  ?   6  
1 5A9B ?   A ?  ? UNP P11041 GLN 75  deletion  ?   7  
1 5A9B ?   A ?  ? UNP P11041 HIS 76  deletion  ?   8  
1 5A9B ?   A ?  ? UNP P11041 ASN 77  deletion  ?   9  
1 5A9B ?   A ?  ? UNP P11041 ASP 78  deletion  ?   10 
1 5A9B ?   A ?  ? UNP P11041 SER 79  deletion  ?   11 
1 5A9B ?   A ?  ? UNP P11041 TYR 80  deletion  ?   12 
1 5A9B ?   A ?  ? UNP P11041 ASP 81  deletion  ?   13 
1 5A9B ?   A ?  ? UNP P11041 GLU 82  deletion  ?   14 
1 5A9B ?   A ?  ? UNP P11041 TYR 83  deletion  ?   15 
1 5A9B ?   A ?  ? UNP P11041 GLU 84  deletion  ?   16 
1 5A9B ?   A ?  ? UNP P11041 VAL 85  deletion  ?   17 
1 5A9B ?   A ?  ? UNP P11041 ASN 86  deletion  ?   18 
1 5A9B ?   A ?  ? UNP P11041 GLN 87  deletion  ?   19 
1 5A9B ?   A ?  ? UNP P11041 SER 88  deletion  ?   20 
1 5A9B ?   A ?  ? UNP P11041 ILE 89  deletion  ?   21 
1 5A9B ?   A ?  ? UNP P11041 TYR 90  deletion  ?   22 
1 5A9B ?   A ?  ? UNP P11041 TYR 91  deletion  ?   23 
1 5A9B ?   A ?  ? UNP P11041 PRO 92  deletion  ?   24 
1 5A9B ?   A ?  ? UNP P11041 ASN 93  deletion  ?   25 
1 5A9B ?   A ?  ? UNP P11041 GLY 94  deletion  ?   26 
1 5A9B ?   A ?  ? UNP P11041 GLY 95  deletion  ?   27 
1 5A9B ?   A ?  ? UNP P11041 ASP 96  deletion  ?   28 
1 5A9B ?   A ?  ? UNP P11041 ALA 97  deletion  ?   29 
1 5A9B ?   A ?  ? UNP P11041 ARG 98  deletion  ?   30 
1 5A9B ?   A ?  ? UNP P11041 LYS 99  deletion  ?   31 
1 5A9B ?   A ?  ? UNP P11041 PHE 100 deletion  ?   32 
1 5A9B ?   A ?  ? UNP P11041 HIS 101 deletion  ?   33 
1 5A9B ?   A ?  ? UNP P11041 SER 102 deletion  ?   34 
1 5A9B ?   A ?  ? UNP P11041 ASN 103 deletion  ?   35 
1 5A9B GLY A 71 ? UNP P11041 ?   ?   insertion 101 36 
1 5A9B SER A 72 ? UNP P11041 ?   ?   insertion 102 37 
1 5A9B GLY A 73 ? UNP P11041 ?   ?   insertion 103 38 
# 
_pdbx_struct_assembly.id                   1 
_pdbx_struct_assembly.details              author_and_software_defined_assembly 
_pdbx_struct_assembly.method_details       PISA 
_pdbx_struct_assembly.oligomeric_details   trimeric 
_pdbx_struct_assembly.oligomeric_count     3 
# 
loop_
_pdbx_struct_assembly_prop.biol_id 
_pdbx_struct_assembly_prop.type 
_pdbx_struct_assembly_prop.value 
_pdbx_struct_assembly_prop.details 
1 'ABSA (A^2)' 8310  ? 
1 MORE         -48.2 ? 
1 'SSA (A^2)'  29530 ? 
# 
_pdbx_struct_assembly_gen.assembly_id       1 
_pdbx_struct_assembly_gen.oper_expression   1,2,3 
_pdbx_struct_assembly_gen.asym_id_list      A,B 
# 
loop_
_pdbx_struct_oper_list.id 
_pdbx_struct_oper_list.type 
_pdbx_struct_oper_list.name 
_pdbx_struct_oper_list.symmetry_operation 
_pdbx_struct_oper_list.matrix[1][1] 
_pdbx_struct_oper_list.matrix[1][2] 
_pdbx_struct_oper_list.matrix[1][3] 
_pdbx_struct_oper_list.vector[1] 
_pdbx_struct_oper_list.matrix[2][1] 
_pdbx_struct_oper_list.matrix[2][2] 
_pdbx_struct_oper_list.matrix[2][3] 
_pdbx_struct_oper_list.vector[2] 
_pdbx_struct_oper_list.matrix[3][1] 
_pdbx_struct_oper_list.matrix[3][2] 
_pdbx_struct_oper_list.matrix[3][3] 
_pdbx_struct_oper_list.vector[3] 
1 'identity operation'         1_555 x,y,z 1.0000000000 0.0000000000  0.0000000000 0.0000000000  0.0000000000  1.0000000000  0.0000000000  0.0000000000   0.0000000000 0.0000000000  1.0000000000  0.0000000000  
2 'crystal symmetry operation' 9_555 y,z,x 0.9977450738 -0.0658336037 0.0130653897 -1.1125979525 -0.0215604341 -0.4987251305 -0.8664920033 -14.6589271882 0.0635603293 0.8642564323  -0.4990199432 26.7752576535 
3 'crystal symmetry operation' 5_555 z,x,y 0.9977450738 -0.0215604341 0.0635603293 -0.9078079015 -0.0658336037 -0.4987251305 0.8642564323  -30.5247103621 0.0130653897 -0.8664920033 -0.4990199432 0.6740808938 
# 
_struct_biol.id   1 
# 
loop_
_struct_conf.conf_type_id 
_struct_conf.id 
_struct_conf.pdbx_PDB_helix_id 
_struct_conf.beg_label_comp_id 
_struct_conf.beg_label_asym_id 
_struct_conf.beg_label_seq_id 
_struct_conf.pdbx_beg_PDB_ins_code 
_struct_conf.end_label_comp_id 
_struct_conf.end_label_asym_id 
_struct_conf.end_label_seq_id 
_struct_conf.pdbx_end_PDB_ins_code 
_struct_conf.beg_auth_comp_id 
_struct_conf.beg_auth_asym_id 
_struct_conf.beg_auth_seq_id 
_struct_conf.end_auth_comp_id 
_struct_conf.end_auth_asym_id 
_struct_conf.end_auth_seq_id 
_struct_conf.pdbx_PDB_helix_class 
_struct_conf.details 
_struct_conf.pdbx_PDB_helix_length 
HELX_P HELX_P1 1 ASP A 11  ? SER A 30  ? ASP A 11  SER A 30  1 ? 20 
HELX_P HELX_P2 2 LEU A 68  ? SER A 72  ? LEU A 68  SER A 102 5 ? 5  
HELX_P HELX_P3 3 ASN A 88  ? ILE A 92  ? ASN A 118 ILE A 122 5 ? 5  
HELX_P HELX_P4 4 TYR A 106 ? SER A 110 ? TYR A 136 SER A 140 5 ? 5  
HELX_P HELX_P5 5 THR A 116 ? TYR A 120 ? THR A 146 TYR A 150 5 ? 5  
HELX_P HELX_P6 6 ASN A 166 ? ALA A 177 ? ASN A 196 ALA A 207 1 ? 12 
HELX_P HELX_P7 7 ALA A 186 ? TYR A 194 ? ALA A 216 TYR A 224 1 ? 9  
# 
_struct_conf_type.id          HELX_P 
_struct_conf_type.criteria    ? 
_struct_conf_type.reference   ? 
# 
_struct_mon_prot_cis.pdbx_id                1 
_struct_mon_prot_cis.label_comp_id          SER 
_struct_mon_prot_cis.label_seq_id           215 
_struct_mon_prot_cis.label_asym_id          A 
_struct_mon_prot_cis.label_alt_id           . 
_struct_mon_prot_cis.pdbx_PDB_ins_code      ? 
_struct_mon_prot_cis.auth_comp_id           SER 
_struct_mon_prot_cis.auth_seq_id            245 
_struct_mon_prot_cis.auth_asym_id           A 
_struct_mon_prot_cis.pdbx_label_comp_id_2   ASN 
_struct_mon_prot_cis.pdbx_label_seq_id_2    216 
_struct_mon_prot_cis.pdbx_label_asym_id_2   A 
_struct_mon_prot_cis.pdbx_PDB_ins_code_2    ? 
_struct_mon_prot_cis.pdbx_auth_comp_id_2    ASN 
_struct_mon_prot_cis.pdbx_auth_seq_id_2     246 
_struct_mon_prot_cis.pdbx_auth_asym_id_2    A 
_struct_mon_prot_cis.pdbx_PDB_model_num     1 
_struct_mon_prot_cis.pdbx_omega_angle       0.18 
# 
loop_
_struct_sheet.id 
_struct_sheet.type 
_struct_sheet.number_strands 
_struct_sheet.details 
AA ? 6 ? 
AB ? 3 ? 
AC ? 2 ? 
# 
loop_
_struct_sheet_order.sheet_id 
_struct_sheet_order.range_id_1 
_struct_sheet_order.range_id_2 
_struct_sheet_order.offset 
_struct_sheet_order.sense 
AA 1 2 ? anti-parallel 
AA 2 3 ? anti-parallel 
AA 3 4 ? anti-parallel 
AA 4 5 ? anti-parallel 
AA 5 6 ? anti-parallel 
AB 1 2 ? anti-parallel 
AB 2 3 ? anti-parallel 
AC 1 2 ? anti-parallel 
# 
loop_
_struct_sheet_range.sheet_id 
_struct_sheet_range.id 
_struct_sheet_range.beg_label_comp_id 
_struct_sheet_range.beg_label_asym_id 
_struct_sheet_range.beg_label_seq_id 
_struct_sheet_range.pdbx_beg_PDB_ins_code 
_struct_sheet_range.end_label_comp_id 
_struct_sheet_range.end_label_asym_id 
_struct_sheet_range.end_label_seq_id 
_struct_sheet_range.pdbx_end_PDB_ins_code 
_struct_sheet_range.beg_auth_comp_id 
_struct_sheet_range.beg_auth_asym_id 
_struct_sheet_range.beg_auth_seq_id 
_struct_sheet_range.end_auth_comp_id 
_struct_sheet_range.end_auth_asym_id 
_struct_sheet_range.end_auth_seq_id 
AA 1 ARG A 121 ? ARG A 125 ? ARG A 151 ARG A 155 
AA 2 GLU A 128 ? GLU A 137 ? GLU A 158 GLU A 167 
AA 3 PRO A 76  ? PHE A 83  ? PRO A 106 PHE A 113 
AA 4 VAL A 35  ? TYR A 43  ? VAL A 35  TYR A 43  
AA 5 VAL A 48  ? SER A 55  ? VAL A 48  SER A 55  
AA 6 LEU A 178 ? TYR A 184 ? LEU A 208 TYR A 214 
AB 1 LYS A 58  ? PHE A 65  ? LYS A 58  PHE A 65  
AB 2 ILE A 145 ? VAL A 152 ? ILE A 175 VAL A 182 
AB 3 LYS A 93  ? GLY A 97  ? LYS A 123 GLY A 127 
AC 1 TYR A 202 ? LEU A 203 ? TYR A 232 LEU A 233 
AC 2 SER A 209 ? TYR A 210 ? SER A 239 TYR A 240 
# 
loop_
_pdbx_struct_sheet_hbond.sheet_id 
_pdbx_struct_sheet_hbond.range_id_1 
_pdbx_struct_sheet_hbond.range_id_2 
_pdbx_struct_sheet_hbond.range_1_label_atom_id 
_pdbx_struct_sheet_hbond.range_1_label_comp_id 
_pdbx_struct_sheet_hbond.range_1_label_asym_id 
_pdbx_struct_sheet_hbond.range_1_label_seq_id 
_pdbx_struct_sheet_hbond.range_1_PDB_ins_code 
_pdbx_struct_sheet_hbond.range_1_auth_atom_id 
_pdbx_struct_sheet_hbond.range_1_auth_comp_id 
_pdbx_struct_sheet_hbond.range_1_auth_asym_id 
_pdbx_struct_sheet_hbond.range_1_auth_seq_id 
_pdbx_struct_sheet_hbond.range_2_label_atom_id 
_pdbx_struct_sheet_hbond.range_2_label_comp_id 
_pdbx_struct_sheet_hbond.range_2_label_asym_id 
_pdbx_struct_sheet_hbond.range_2_label_seq_id 
_pdbx_struct_sheet_hbond.range_2_PDB_ins_code 
_pdbx_struct_sheet_hbond.range_2_auth_atom_id 
_pdbx_struct_sheet_hbond.range_2_auth_comp_id 
_pdbx_struct_sheet_hbond.range_2_auth_asym_id 
_pdbx_struct_sheet_hbond.range_2_auth_seq_id 
AA 1 2 N ARG A 125 ? N ARG A 155 O GLU A 128 ? O GLU A 158 
AA 2 3 N PHE A 136 ? N PHE A 166 O ILE A 79  ? O ILE A 109 
AA 3 4 N ILE A 82  ? N ILE A 112 O TRP A 38  ? O TRP A 38  
AA 4 5 N ALA A 41  ? N ALA A 41  O LEU A 49  ? O LEU A 49  
AA 5 6 N ASN A 54  ? N ASN A 54  O LEU A 178 ? O LEU A 208 
AB 1 2 N PHE A 65  ? N PHE A 65  O ILE A 145 ? O ILE A 175 
AB 2 3 N SER A 150 ? N SER A 180 O LYS A 93  ? O LYS A 123 
AC 1 2 N TYR A 202 ? N TYR A 232 O TYR A 210 ? O TYR A 240 
# 
loop_
_pdbx_validate_close_contact.id 
_pdbx_validate_close_contact.PDB_model_num 
_pdbx_validate_close_contact.auth_atom_id_1 
_pdbx_validate_close_contact.auth_asym_id_1 
_pdbx_validate_close_contact.auth_comp_id_1 
_pdbx_validate_close_contact.auth_seq_id_1 
_pdbx_validate_close_contact.PDB_ins_code_1 
_pdbx_validate_close_contact.label_alt_id_1 
_pdbx_validate_close_contact.auth_atom_id_2 
_pdbx_validate_close_contact.auth_asym_id_2 
_pdbx_validate_close_contact.auth_comp_id_2 
_pdbx_validate_close_contact.auth_seq_id_2 
_pdbx_validate_close_contact.PDB_ins_code_2 
_pdbx_validate_close_contact.label_alt_id_2 
_pdbx_validate_close_contact.dist 
1 1 OG  A SER 29   ? ? O  A HOH 2016 ? ? 1.98 
2 1 O   A HOH 2069 ? ? O  A HOH 2095 ? ? 2.03 
3 1 OH  A TYR 25   ? ? O  A HOH 2010 ? ? 2.11 
4 1 O   A HOH 2085 ? ? O  A HOH 2086 ? ? 2.11 
5 1 CA  A GLY 127  ? ? CG A PRO 133  ? ? 2.12 
6 1 OG1 A THR 64   ? ? O  A HOH 2039 ? ? 2.17 
# 
_pdbx_validate_symm_contact.id                1 
_pdbx_validate_symm_contact.PDB_model_num     1 
_pdbx_validate_symm_contact.auth_atom_id_1    O 
_pdbx_validate_symm_contact.auth_asym_id_1    A 
_pdbx_validate_symm_contact.auth_comp_id_1    HOH 
_pdbx_validate_symm_contact.auth_seq_id_1     2059 
_pdbx_validate_symm_contact.PDB_ins_code_1    ? 
_pdbx_validate_symm_contact.label_alt_id_1    ? 
_pdbx_validate_symm_contact.site_symmetry_1   1_555 
_pdbx_validate_symm_contact.auth_atom_id_2    O 
_pdbx_validate_symm_contact.auth_asym_id_2    A 
_pdbx_validate_symm_contact.auth_comp_id_2    HOH 
_pdbx_validate_symm_contact.auth_seq_id_2     2095 
_pdbx_validate_symm_contact.PDB_ins_code_2    ? 
_pdbx_validate_symm_contact.label_alt_id_2    ? 
_pdbx_validate_symm_contact.site_symmetry_2   24_554 
_pdbx_validate_symm_contact.dist              2.02 
# 
loop_
_pdbx_validate_torsion.id 
_pdbx_validate_torsion.PDB_model_num 
_pdbx_validate_torsion.auth_comp_id 
_pdbx_validate_torsion.auth_asym_id 
_pdbx_validate_torsion.auth_seq_id 
_pdbx_validate_torsion.PDB_ins_code 
_pdbx_validate_torsion.label_alt_id 
_pdbx_validate_torsion.phi 
_pdbx_validate_torsion.psi 
1 1 TYR A 57  ? ? 73.73   -52.24  
2 1 GLU A 135 ? ? 57.66   -129.17 
3 1 TYR A 224 ? ? -121.03 -64.28  
# 
loop_
_pdbx_struct_special_symmetry.id 
_pdbx_struct_special_symmetry.PDB_model_num 
_pdbx_struct_special_symmetry.auth_asym_id 
_pdbx_struct_special_symmetry.auth_comp_id 
_pdbx_struct_special_symmetry.auth_seq_id 
_pdbx_struct_special_symmetry.PDB_ins_code 
_pdbx_struct_special_symmetry.label_asym_id 
_pdbx_struct_special_symmetry.label_comp_id 
_pdbx_struct_special_symmetry.label_seq_id 
1 1 A HOH 2034 ? B HOH . 
2 1 A HOH 2066 ? B HOH . 
# 
loop_
_pdbx_unobs_or_zero_occ_residues.id 
_pdbx_unobs_or_zero_occ_residues.PDB_model_num 
_pdbx_unobs_or_zero_occ_residues.polymer_flag 
_pdbx_unobs_or_zero_occ_residues.occupancy_flag 
_pdbx_unobs_or_zero_occ_residues.auth_asym_id 
_pdbx_unobs_or_zero_occ_residues.auth_comp_id 
_pdbx_unobs_or_zero_occ_residues.auth_seq_id 
_pdbx_unobs_or_zero_occ_residues.PDB_ins_code 
_pdbx_unobs_or_zero_occ_residues.label_asym_id 
_pdbx_unobs_or_zero_occ_residues.label_comp_id 
_pdbx_unobs_or_zero_occ_residues.label_seq_id 
1 1 Y 1 A MET 1   ? A MET 1   
2 1 Y 1 A ALA 2   ? A ALA 2   
3 1 Y 1 A ASP 3   ? A ASP 3   
4 1 Y 1 A VAL 4   ? A VAL 4   
5 1 Y 1 A ALA 5   ? A ALA 5   
6 1 Y 1 A GLY 6   ? A GLY 6   
7 1 Y 1 A THR 7   ? A THR 7   
8 1 Y 1 A ARG 247 ? A ARG 217 
9 1 Y 1 A GLN 248 ? A GLN 218 
# 
loop_
_chem_comp_atom.comp_id 
_chem_comp_atom.atom_id 
_chem_comp_atom.type_symbol 
_chem_comp_atom.pdbx_aromatic_flag 
_chem_comp_atom.pdbx_stereo_config 
_chem_comp_atom.pdbx_ordinal 
ALA N    N N N 1   
ALA CA   C N S 2   
ALA C    C N N 3   
ALA O    O N N 4   
ALA CB   C N N 5   
ALA OXT  O N N 6   
ALA H    H N N 7   
ALA H2   H N N 8   
ALA HA   H N N 9   
ALA HB1  H N N 10  
ALA HB2  H N N 11  
ALA HB3  H N N 12  
ALA HXT  H N N 13  
ARG N    N N N 14  
ARG CA   C N S 15  
ARG C    C N N 16  
ARG O    O N N 17  
ARG CB   C N N 18  
ARG CG   C N N 19  
ARG CD   C N N 20  
ARG NE   N N N 21  
ARG CZ   C N N 22  
ARG NH1  N N N 23  
ARG NH2  N N N 24  
ARG OXT  O N N 25  
ARG H    H N N 26  
ARG H2   H N N 27  
ARG HA   H N N 28  
ARG HB2  H N N 29  
ARG HB3  H N N 30  
ARG HG2  H N N 31  
ARG HG3  H N N 32  
ARG HD2  H N N 33  
ARG HD3  H N N 34  
ARG HE   H N N 35  
ARG HH11 H N N 36  
ARG HH12 H N N 37  
ARG HH21 H N N 38  
ARG HH22 H N N 39  
ARG HXT  H N N 40  
ASN N    N N N 41  
ASN CA   C N S 42  
ASN C    C N N 43  
ASN O    O N N 44  
ASN CB   C N N 45  
ASN CG   C N N 46  
ASN OD1  O N N 47  
ASN ND2  N N N 48  
ASN OXT  O N N 49  
ASN H    H N N 50  
ASN H2   H N N 51  
ASN HA   H N N 52  
ASN HB2  H N N 53  
ASN HB3  H N N 54  
ASN HD21 H N N 55  
ASN HD22 H N N 56  
ASN HXT  H N N 57  
ASP N    N N N 58  
ASP CA   C N S 59  
ASP C    C N N 60  
ASP O    O N N 61  
ASP CB   C N N 62  
ASP CG   C N N 63  
ASP OD1  O N N 64  
ASP OD2  O N N 65  
ASP OXT  O N N 66  
ASP H    H N N 67  
ASP H2   H N N 68  
ASP HA   H N N 69  
ASP HB2  H N N 70  
ASP HB3  H N N 71  
ASP HD2  H N N 72  
ASP HXT  H N N 73  
CYS N    N N N 74  
CYS CA   C N R 75  
CYS C    C N N 76  
CYS O    O N N 77  
CYS CB   C N N 78  
CYS SG   S N N 79  
CYS OXT  O N N 80  
CYS H    H N N 81  
CYS H2   H N N 82  
CYS HA   H N N 83  
CYS HB2  H N N 84  
CYS HB3  H N N 85  
CYS HG   H N N 86  
CYS HXT  H N N 87  
GLN N    N N N 88  
GLN CA   C N S 89  
GLN C    C N N 90  
GLN O    O N N 91  
GLN CB   C N N 92  
GLN CG   C N N 93  
GLN CD   C N N 94  
GLN OE1  O N N 95  
GLN NE2  N N N 96  
GLN OXT  O N N 97  
GLN H    H N N 98  
GLN H2   H N N 99  
GLN HA   H N N 100 
GLN HB2  H N N 101 
GLN HB3  H N N 102 
GLN HG2  H N N 103 
GLN HG3  H N N 104 
GLN HE21 H N N 105 
GLN HE22 H N N 106 
GLN HXT  H N N 107 
GLU N    N N N 108 
GLU CA   C N S 109 
GLU C    C N N 110 
GLU O    O N N 111 
GLU CB   C N N 112 
GLU CG   C N N 113 
GLU CD   C N N 114 
GLU OE1  O N N 115 
GLU OE2  O N N 116 
GLU OXT  O N N 117 
GLU H    H N N 118 
GLU H2   H N N 119 
GLU HA   H N N 120 
GLU HB2  H N N 121 
GLU HB3  H N N 122 
GLU HG2  H N N 123 
GLU HG3  H N N 124 
GLU HE2  H N N 125 
GLU HXT  H N N 126 
GLY N    N N N 127 
GLY CA   C N N 128 
GLY C    C N N 129 
GLY O    O N N 130 
GLY OXT  O N N 131 
GLY H    H N N 132 
GLY H2   H N N 133 
GLY HA2  H N N 134 
GLY HA3  H N N 135 
GLY HXT  H N N 136 
HIS N    N N N 137 
HIS CA   C N S 138 
HIS C    C N N 139 
HIS O    O N N 140 
HIS CB   C N N 141 
HIS CG   C Y N 142 
HIS ND1  N Y N 143 
HIS CD2  C Y N 144 
HIS CE1  C Y N 145 
HIS NE2  N Y N 146 
HIS OXT  O N N 147 
HIS H    H N N 148 
HIS H2   H N N 149 
HIS HA   H N N 150 
HIS HB2  H N N 151 
HIS HB3  H N N 152 
HIS HD1  H N N 153 
HIS HD2  H N N 154 
HIS HE1  H N N 155 
HIS HE2  H N N 156 
HIS HXT  H N N 157 
HOH O    O N N 158 
HOH H1   H N N 159 
HOH H2   H N N 160 
ILE N    N N N 161 
ILE CA   C N S 162 
ILE C    C N N 163 
ILE O    O N N 164 
ILE CB   C N S 165 
ILE CG1  C N N 166 
ILE CG2  C N N 167 
ILE CD1  C N N 168 
ILE OXT  O N N 169 
ILE H    H N N 170 
ILE H2   H N N 171 
ILE HA   H N N 172 
ILE HB   H N N 173 
ILE HG12 H N N 174 
ILE HG13 H N N 175 
ILE HG21 H N N 176 
ILE HG22 H N N 177 
ILE HG23 H N N 178 
ILE HD11 H N N 179 
ILE HD12 H N N 180 
ILE HD13 H N N 181 
ILE HXT  H N N 182 
LEU N    N N N 183 
LEU CA   C N S 184 
LEU C    C N N 185 
LEU O    O N N 186 
LEU CB   C N N 187 
LEU CG   C N N 188 
LEU CD1  C N N 189 
LEU CD2  C N N 190 
LEU OXT  O N N 191 
LEU H    H N N 192 
LEU H2   H N N 193 
LEU HA   H N N 194 
LEU HB2  H N N 195 
LEU HB3  H N N 196 
LEU HG   H N N 197 
LEU HD11 H N N 198 
LEU HD12 H N N 199 
LEU HD13 H N N 200 
LEU HD21 H N N 201 
LEU HD22 H N N 202 
LEU HD23 H N N 203 
LEU HXT  H N N 204 
LYS N    N N N 205 
LYS CA   C N S 206 
LYS C    C N N 207 
LYS O    O N N 208 
LYS CB   C N N 209 
LYS CG   C N N 210 
LYS CD   C N N 211 
LYS CE   C N N 212 
LYS NZ   N N N 213 
LYS OXT  O N N 214 
LYS H    H N N 215 
LYS H2   H N N 216 
LYS HA   H N N 217 
LYS HB2  H N N 218 
LYS HB3  H N N 219 
LYS HG2  H N N 220 
LYS HG3  H N N 221 
LYS HD2  H N N 222 
LYS HD3  H N N 223 
LYS HE2  H N N 224 
LYS HE3  H N N 225 
LYS HZ1  H N N 226 
LYS HZ2  H N N 227 
LYS HZ3  H N N 228 
LYS HXT  H N N 229 
MET N    N N N 230 
MET CA   C N S 231 
MET C    C N N 232 
MET O    O N N 233 
MET CB   C N N 234 
MET CG   C N N 235 
MET SD   S N N 236 
MET CE   C N N 237 
MET OXT  O N N 238 
MET H    H N N 239 
MET H2   H N N 240 
MET HA   H N N 241 
MET HB2  H N N 242 
MET HB3  H N N 243 
MET HG2  H N N 244 
MET HG3  H N N 245 
MET HE1  H N N 246 
MET HE2  H N N 247 
MET HE3  H N N 248 
MET HXT  H N N 249 
PHE N    N N N 250 
PHE CA   C N S 251 
PHE C    C N N 252 
PHE O    O N N 253 
PHE CB   C N N 254 
PHE CG   C Y N 255 
PHE CD1  C Y N 256 
PHE CD2  C Y N 257 
PHE CE1  C Y N 258 
PHE CE2  C Y N 259 
PHE CZ   C Y N 260 
PHE OXT  O N N 261 
PHE H    H N N 262 
PHE H2   H N N 263 
PHE HA   H N N 264 
PHE HB2  H N N 265 
PHE HB3  H N N 266 
PHE HD1  H N N 267 
PHE HD2  H N N 268 
PHE HE1  H N N 269 
PHE HE2  H N N 270 
PHE HZ   H N N 271 
PHE HXT  H N N 272 
PRO N    N N N 273 
PRO CA   C N S 274 
PRO C    C N N 275 
PRO O    O N N 276 
PRO CB   C N N 277 
PRO CG   C N N 278 
PRO CD   C N N 279 
PRO OXT  O N N 280 
PRO H    H N N 281 
PRO HA   H N N 282 
PRO HB2  H N N 283 
PRO HB3  H N N 284 
PRO HG2  H N N 285 
PRO HG3  H N N 286 
PRO HD2  H N N 287 
PRO HD3  H N N 288 
PRO HXT  H N N 289 
SER N    N N N 290 
SER CA   C N S 291 
SER C    C N N 292 
SER O    O N N 293 
SER CB   C N N 294 
SER OG   O N N 295 
SER OXT  O N N 296 
SER H    H N N 297 
SER H2   H N N 298 
SER HA   H N N 299 
SER HB2  H N N 300 
SER HB3  H N N 301 
SER HG   H N N 302 
SER HXT  H N N 303 
THR N    N N N 304 
THR CA   C N S 305 
THR C    C N N 306 
THR O    O N N 307 
THR CB   C N R 308 
THR OG1  O N N 309 
THR CG2  C N N 310 
THR OXT  O N N 311 
THR H    H N N 312 
THR H2   H N N 313 
THR HA   H N N 314 
THR HB   H N N 315 
THR HG1  H N N 316 
THR HG21 H N N 317 
THR HG22 H N N 318 
THR HG23 H N N 319 
THR HXT  H N N 320 
TRP N    N N N 321 
TRP CA   C N S 322 
TRP C    C N N 323 
TRP O    O N N 324 
TRP CB   C N N 325 
TRP CG   C Y N 326 
TRP CD1  C Y N 327 
TRP CD2  C Y N 328 
TRP NE1  N Y N 329 
TRP CE2  C Y N 330 
TRP CE3  C Y N 331 
TRP CZ2  C Y N 332 
TRP CZ3  C Y N 333 
TRP CH2  C Y N 334 
TRP OXT  O N N 335 
TRP H    H N N 336 
TRP H2   H N N 337 
TRP HA   H N N 338 
TRP HB2  H N N 339 
TRP HB3  H N N 340 
TRP HD1  H N N 341 
TRP HE1  H N N 342 
TRP HE3  H N N 343 
TRP HZ2  H N N 344 
TRP HZ3  H N N 345 
TRP HH2  H N N 346 
TRP HXT  H N N 347 
TYR N    N N N 348 
TYR CA   C N S 349 
TYR C    C N N 350 
TYR O    O N N 351 
TYR CB   C N N 352 
TYR CG   C Y N 353 
TYR CD1  C Y N 354 
TYR CD2  C Y N 355 
TYR CE1  C Y N 356 
TYR CE2  C Y N 357 
TYR CZ   C Y N 358 
TYR OH   O N N 359 
TYR OXT  O N N 360 
TYR H    H N N 361 
TYR H2   H N N 362 
TYR HA   H N N 363 
TYR HB2  H N N 364 
TYR HB3  H N N 365 
TYR HD1  H N N 366 
TYR HD2  H N N 367 
TYR HE1  H N N 368 
TYR HE2  H N N 369 
TYR HH   H N N 370 
TYR HXT  H N N 371 
VAL N    N N N 372 
VAL CA   C N S 373 
VAL C    C N N 374 
VAL O    O N N 375 
VAL CB   C N N 376 
VAL CG1  C N N 377 
VAL CG2  C N N 378 
VAL OXT  O N N 379 
VAL H    H N N 380 
VAL H2   H N N 381 
VAL HA   H N N 382 
VAL HB   H N N 383 
VAL HG11 H N N 384 
VAL HG12 H N N 385 
VAL HG13 H N N 386 
VAL HG21 H N N 387 
VAL HG22 H N N 388 
VAL HG23 H N N 389 
VAL HXT  H N N 390 
# 
loop_
_chem_comp_bond.comp_id 
_chem_comp_bond.atom_id_1 
_chem_comp_bond.atom_id_2 
_chem_comp_bond.value_order 
_chem_comp_bond.pdbx_aromatic_flag 
_chem_comp_bond.pdbx_stereo_config 
_chem_comp_bond.pdbx_ordinal 
ALA N   CA   sing N N 1   
ALA N   H    sing N N 2   
ALA N   H2   sing N N 3   
ALA CA  C    sing N N 4   
ALA CA  CB   sing N N 5   
ALA CA  HA   sing N N 6   
ALA C   O    doub N N 7   
ALA C   OXT  sing N N 8   
ALA CB  HB1  sing N N 9   
ALA CB  HB2  sing N N 10  
ALA CB  HB3  sing N N 11  
ALA OXT HXT  sing N N 12  
ARG N   CA   sing N N 13  
ARG N   H    sing N N 14  
ARG N   H2   sing N N 15  
ARG CA  C    sing N N 16  
ARG CA  CB   sing N N 17  
ARG CA  HA   sing N N 18  
ARG C   O    doub N N 19  
ARG C   OXT  sing N N 20  
ARG CB  CG   sing N N 21  
ARG CB  HB2  sing N N 22  
ARG CB  HB3  sing N N 23  
ARG CG  CD   sing N N 24  
ARG CG  HG2  sing N N 25  
ARG CG  HG3  sing N N 26  
ARG CD  NE   sing N N 27  
ARG CD  HD2  sing N N 28  
ARG CD  HD3  sing N N 29  
ARG NE  CZ   sing N N 30  
ARG NE  HE   sing N N 31  
ARG CZ  NH1  sing N N 32  
ARG CZ  NH2  doub N N 33  
ARG NH1 HH11 sing N N 34  
ARG NH1 HH12 sing N N 35  
ARG NH2 HH21 sing N N 36  
ARG NH2 HH22 sing N N 37  
ARG OXT HXT  sing N N 38  
ASN N   CA   sing N N 39  
ASN N   H    sing N N 40  
ASN N   H2   sing N N 41  
ASN CA  C    sing N N 42  
ASN CA  CB   sing N N 43  
ASN CA  HA   sing N N 44  
ASN C   O    doub N N 45  
ASN C   OXT  sing N N 46  
ASN CB  CG   sing N N 47  
ASN CB  HB2  sing N N 48  
ASN CB  HB3  sing N N 49  
ASN CG  OD1  doub N N 50  
ASN CG  ND2  sing N N 51  
ASN ND2 HD21 sing N N 52  
ASN ND2 HD22 sing N N 53  
ASN OXT HXT  sing N N 54  
ASP N   CA   sing N N 55  
ASP N   H    sing N N 56  
ASP N   H2   sing N N 57  
ASP CA  C    sing N N 58  
ASP CA  CB   sing N N 59  
ASP CA  HA   sing N N 60  
ASP C   O    doub N N 61  
ASP C   OXT  sing N N 62  
ASP CB  CG   sing N N 63  
ASP CB  HB2  sing N N 64  
ASP CB  HB3  sing N N 65  
ASP CG  OD1  doub N N 66  
ASP CG  OD2  sing N N 67  
ASP OD2 HD2  sing N N 68  
ASP OXT HXT  sing N N 69  
CYS N   CA   sing N N 70  
CYS N   H    sing N N 71  
CYS N   H2   sing N N 72  
CYS CA  C    sing N N 73  
CYS CA  CB   sing N N 74  
CYS CA  HA   sing N N 75  
CYS C   O    doub N N 76  
CYS C   OXT  sing N N 77  
CYS CB  SG   sing N N 78  
CYS CB  HB2  sing N N 79  
CYS CB  HB3  sing N N 80  
CYS SG  HG   sing N N 81  
CYS OXT HXT  sing N N 82  
GLN N   CA   sing N N 83  
GLN N   H    sing N N 84  
GLN N   H2   sing N N 85  
GLN CA  C    sing N N 86  
GLN CA  CB   sing N N 87  
GLN CA  HA   sing N N 88  
GLN C   O    doub N N 89  
GLN C   OXT  sing N N 90  
GLN CB  CG   sing N N 91  
GLN CB  HB2  sing N N 92  
GLN CB  HB3  sing N N 93  
GLN CG  CD   sing N N 94  
GLN CG  HG2  sing N N 95  
GLN CG  HG3  sing N N 96  
GLN CD  OE1  doub N N 97  
GLN CD  NE2  sing N N 98  
GLN NE2 HE21 sing N N 99  
GLN NE2 HE22 sing N N 100 
GLN OXT HXT  sing N N 101 
GLU N   CA   sing N N 102 
GLU N   H    sing N N 103 
GLU N   H2   sing N N 104 
GLU CA  C    sing N N 105 
GLU CA  CB   sing N N 106 
GLU CA  HA   sing N N 107 
GLU C   O    doub N N 108 
GLU C   OXT  sing N N 109 
GLU CB  CG   sing N N 110 
GLU CB  HB2  sing N N 111 
GLU CB  HB3  sing N N 112 
GLU CG  CD   sing N N 113 
GLU CG  HG2  sing N N 114 
GLU CG  HG3  sing N N 115 
GLU CD  OE1  doub N N 116 
GLU CD  OE2  sing N N 117 
GLU OE2 HE2  sing N N 118 
GLU OXT HXT  sing N N 119 
GLY N   CA   sing N N 120 
GLY N   H    sing N N 121 
GLY N   H2   sing N N 122 
GLY CA  C    sing N N 123 
GLY CA  HA2  sing N N 124 
GLY CA  HA3  sing N N 125 
GLY C   O    doub N N 126 
GLY C   OXT  sing N N 127 
GLY OXT HXT  sing N N 128 
HIS N   CA   sing N N 129 
HIS N   H    sing N N 130 
HIS N   H2   sing N N 131 
HIS CA  C    sing N N 132 
HIS CA  CB   sing N N 133 
HIS CA  HA   sing N N 134 
HIS C   O    doub N N 135 
HIS C   OXT  sing N N 136 
HIS CB  CG   sing N N 137 
HIS CB  HB2  sing N N 138 
HIS CB  HB3  sing N N 139 
HIS CG  ND1  sing Y N 140 
HIS CG  CD2  doub Y N 141 
HIS ND1 CE1  doub Y N 142 
HIS ND1 HD1  sing N N 143 
HIS CD2 NE2  sing Y N 144 
HIS CD2 HD2  sing N N 145 
HIS CE1 NE2  sing Y N 146 
HIS CE1 HE1  sing N N 147 
HIS NE2 HE2  sing N N 148 
HIS OXT HXT  sing N N 149 
HOH O   H1   sing N N 150 
HOH O   H2   sing N N 151 
ILE N   CA   sing N N 152 
ILE N   H    sing N N 153 
ILE N   H2   sing N N 154 
ILE CA  C    sing N N 155 
ILE CA  CB   sing N N 156 
ILE CA  HA   sing N N 157 
ILE C   O    doub N N 158 
ILE C   OXT  sing N N 159 
ILE CB  CG1  sing N N 160 
ILE CB  CG2  sing N N 161 
ILE CB  HB   sing N N 162 
ILE CG1 CD1  sing N N 163 
ILE CG1 HG12 sing N N 164 
ILE CG1 HG13 sing N N 165 
ILE CG2 HG21 sing N N 166 
ILE CG2 HG22 sing N N 167 
ILE CG2 HG23 sing N N 168 
ILE CD1 HD11 sing N N 169 
ILE CD1 HD12 sing N N 170 
ILE CD1 HD13 sing N N 171 
ILE OXT HXT  sing N N 172 
LEU N   CA   sing N N 173 
LEU N   H    sing N N 174 
LEU N   H2   sing N N 175 
LEU CA  C    sing N N 176 
LEU CA  CB   sing N N 177 
LEU CA  HA   sing N N 178 
LEU C   O    doub N N 179 
LEU C   OXT  sing N N 180 
LEU CB  CG   sing N N 181 
LEU CB  HB2  sing N N 182 
LEU CB  HB3  sing N N 183 
LEU CG  CD1  sing N N 184 
LEU CG  CD2  sing N N 185 
LEU CG  HG   sing N N 186 
LEU CD1 HD11 sing N N 187 
LEU CD1 HD12 sing N N 188 
LEU CD1 HD13 sing N N 189 
LEU CD2 HD21 sing N N 190 
LEU CD2 HD22 sing N N 191 
LEU CD2 HD23 sing N N 192 
LEU OXT HXT  sing N N 193 
LYS N   CA   sing N N 194 
LYS N   H    sing N N 195 
LYS N   H2   sing N N 196 
LYS CA  C    sing N N 197 
LYS CA  CB   sing N N 198 
LYS CA  HA   sing N N 199 
LYS C   O    doub N N 200 
LYS C   OXT  sing N N 201 
LYS CB  CG   sing N N 202 
LYS CB  HB2  sing N N 203 
LYS CB  HB3  sing N N 204 
LYS CG  CD   sing N N 205 
LYS CG  HG2  sing N N 206 
LYS CG  HG3  sing N N 207 
LYS CD  CE   sing N N 208 
LYS CD  HD2  sing N N 209 
LYS CD  HD3  sing N N 210 
LYS CE  NZ   sing N N 211 
LYS CE  HE2  sing N N 212 
LYS CE  HE3  sing N N 213 
LYS NZ  HZ1  sing N N 214 
LYS NZ  HZ2  sing N N 215 
LYS NZ  HZ3  sing N N 216 
LYS OXT HXT  sing N N 217 
MET N   CA   sing N N 218 
MET N   H    sing N N 219 
MET N   H2   sing N N 220 
MET CA  C    sing N N 221 
MET CA  CB   sing N N 222 
MET CA  HA   sing N N 223 
MET C   O    doub N N 224 
MET C   OXT  sing N N 225 
MET CB  CG   sing N N 226 
MET CB  HB2  sing N N 227 
MET CB  HB3  sing N N 228 
MET CG  SD   sing N N 229 
MET CG  HG2  sing N N 230 
MET CG  HG3  sing N N 231 
MET SD  CE   sing N N 232 
MET CE  HE1  sing N N 233 
MET CE  HE2  sing N N 234 
MET CE  HE3  sing N N 235 
MET OXT HXT  sing N N 236 
PHE N   CA   sing N N 237 
PHE N   H    sing N N 238 
PHE N   H2   sing N N 239 
PHE CA  C    sing N N 240 
PHE CA  CB   sing N N 241 
PHE CA  HA   sing N N 242 
PHE C   O    doub N N 243 
PHE C   OXT  sing N N 244 
PHE CB  CG   sing N N 245 
PHE CB  HB2  sing N N 246 
PHE CB  HB3  sing N N 247 
PHE CG  CD1  doub Y N 248 
PHE CG  CD2  sing Y N 249 
PHE CD1 CE1  sing Y N 250 
PHE CD1 HD1  sing N N 251 
PHE CD2 CE2  doub Y N 252 
PHE CD2 HD2  sing N N 253 
PHE CE1 CZ   doub Y N 254 
PHE CE1 HE1  sing N N 255 
PHE CE2 CZ   sing Y N 256 
PHE CE2 HE2  sing N N 257 
PHE CZ  HZ   sing N N 258 
PHE OXT HXT  sing N N 259 
PRO N   CA   sing N N 260 
PRO N   CD   sing N N 261 
PRO N   H    sing N N 262 
PRO CA  C    sing N N 263 
PRO CA  CB   sing N N 264 
PRO CA  HA   sing N N 265 
PRO C   O    doub N N 266 
PRO C   OXT  sing N N 267 
PRO CB  CG   sing N N 268 
PRO CB  HB2  sing N N 269 
PRO CB  HB3  sing N N 270 
PRO CG  CD   sing N N 271 
PRO CG  HG2  sing N N 272 
PRO CG  HG3  sing N N 273 
PRO CD  HD2  sing N N 274 
PRO CD  HD3  sing N N 275 
PRO OXT HXT  sing N N 276 
SER N   CA   sing N N 277 
SER N   H    sing N N 278 
SER N   H2   sing N N 279 
SER CA  C    sing N N 280 
SER CA  CB   sing N N 281 
SER CA  HA   sing N N 282 
SER C   O    doub N N 283 
SER C   OXT  sing N N 284 
SER CB  OG   sing N N 285 
SER CB  HB2  sing N N 286 
SER CB  HB3  sing N N 287 
SER OG  HG   sing N N 288 
SER OXT HXT  sing N N 289 
THR N   CA   sing N N 290 
THR N   H    sing N N 291 
THR N   H2   sing N N 292 
THR CA  C    sing N N 293 
THR CA  CB   sing N N 294 
THR CA  HA   sing N N 295 
THR C   O    doub N N 296 
THR C   OXT  sing N N 297 
THR CB  OG1  sing N N 298 
THR CB  CG2  sing N N 299 
THR CB  HB   sing N N 300 
THR OG1 HG1  sing N N 301 
THR CG2 HG21 sing N N 302 
THR CG2 HG22 sing N N 303 
THR CG2 HG23 sing N N 304 
THR OXT HXT  sing N N 305 
TRP N   CA   sing N N 306 
TRP N   H    sing N N 307 
TRP N   H2   sing N N 308 
TRP CA  C    sing N N 309 
TRP CA  CB   sing N N 310 
TRP CA  HA   sing N N 311 
TRP C   O    doub N N 312 
TRP C   OXT  sing N N 313 
TRP CB  CG   sing N N 314 
TRP CB  HB2  sing N N 315 
TRP CB  HB3  sing N N 316 
TRP CG  CD1  doub Y N 317 
TRP CG  CD2  sing Y N 318 
TRP CD1 NE1  sing Y N 319 
TRP CD1 HD1  sing N N 320 
TRP CD2 CE2  doub Y N 321 
TRP CD2 CE3  sing Y N 322 
TRP NE1 CE2  sing Y N 323 
TRP NE1 HE1  sing N N 324 
TRP CE2 CZ2  sing Y N 325 
TRP CE3 CZ3  doub Y N 326 
TRP CE3 HE3  sing N N 327 
TRP CZ2 CH2  doub Y N 328 
TRP CZ2 HZ2  sing N N 329 
TRP CZ3 CH2  sing Y N 330 
TRP CZ3 HZ3  sing N N 331 
TRP CH2 HH2  sing N N 332 
TRP OXT HXT  sing N N 333 
TYR N   CA   sing N N 334 
TYR N   H    sing N N 335 
TYR N   H2   sing N N 336 
TYR CA  C    sing N N 337 
TYR CA  CB   sing N N 338 
TYR CA  HA   sing N N 339 
TYR C   O    doub N N 340 
TYR C   OXT  sing N N 341 
TYR CB  CG   sing N N 342 
TYR CB  HB2  sing N N 343 
TYR CB  HB3  sing N N 344 
TYR CG  CD1  doub Y N 345 
TYR CG  CD2  sing Y N 346 
TYR CD1 CE1  sing Y N 347 
TYR CD1 HD1  sing N N 348 
TYR CD2 CE2  doub Y N 349 
TYR CD2 HD2  sing N N 350 
TYR CE1 CZ   doub Y N 351 
TYR CE1 HE1  sing N N 352 
TYR CE2 CZ   sing Y N 353 
TYR CE2 HE2  sing N N 354 
TYR CZ  OH   sing N N 355 
TYR OH  HH   sing N N 356 
TYR OXT HXT  sing N N 357 
VAL N   CA   sing N N 358 
VAL N   H    sing N N 359 
VAL N   H2   sing N N 360 
VAL CA  C    sing N N 361 
VAL CA  CB   sing N N 362 
VAL CA  HA   sing N N 363 
VAL C   O    doub N N 364 
VAL C   OXT  sing N N 365 
VAL CB  CG1  sing N N 366 
VAL CB  CG2  sing N N 367 
VAL CB  HB   sing N N 368 
VAL CG1 HG11 sing N N 369 
VAL CG1 HG12 sing N N 370 
VAL CG1 HG13 sing N N 371 
VAL CG2 HG21 sing N N 372 
VAL CG2 HG22 sing N N 373 
VAL CG2 HG23 sing N N 374 
VAL OXT HXT  sing N N 375 
# 
_pdbx_initial_refinement_model.id               1 
_pdbx_initial_refinement_model.entity_id_list   ? 
_pdbx_initial_refinement_model.type             'experimental model' 
_pdbx_initial_refinement_model.source_name      PDB 
_pdbx_initial_refinement_model.accession_code   2OH6 
_pdbx_initial_refinement_model.details          'PDB ENTRY 2OH6' 
# 
_atom_sites.entry_id                    5A9B 
_atom_sites.fract_transf_matrix[1][1]   -0.00531711 
_atom_sites.fract_transf_matrix[1][2]   0.00801284 
_atom_sites.fract_transf_matrix[1][3]   -0.00047022 
_atom_sites.fract_transf_matrix[2][1]   -0.00550776 
_atom_sites.fract_transf_matrix[2][2]   -0.00405255 
_atom_sites.fract_transf_matrix[2][3]   -0.00677789 
_atom_sites.fract_transf_matrix[3][1]   -0.00583877 
_atom_sites.fract_transf_matrix[3][2]   -0.00347413 
_atom_sites.fract_transf_matrix[3][3]   0.00682184 
_atom_sites.fract_transf_vector[1]      0.401805 
_atom_sites.fract_transf_vector[2]      0.277671 
_atom_sites.fract_transf_vector[3]      0.161726 
# 
loop_
_atom_type.symbol 
C 
N 
O 
S 
# 
loop_
_atom_site.group_PDB 
_atom_site.id 
_atom_site.type_symbol 
_atom_site.label_atom_id 
_atom_site.label_alt_id 
_atom_site.label_comp_id 
_atom_site.label_asym_id 
_atom_site.label_entity_id 
_atom_site.label_seq_id 
_atom_site.pdbx_PDB_ins_code 
_atom_site.Cartn_x 
_atom_site.Cartn_y 
_atom_site.Cartn_z 
_atom_site.occupancy 
_atom_site.B_iso_or_equiv 
_atom_site.pdbx_formal_charge 
_atom_site.auth_seq_id 
_atom_site.auth_comp_id 
_atom_site.auth_asym_id 
_atom_site.auth_atom_id 
_atom_site.pdbx_PDB_model_num 
ATOM   1    N N   . SER A 1 8   ? 13.556  36.542  9.755   1.00 82.52  ? 8    SER A N   1 
ATOM   2    C CA  . SER A 1 8   ? 14.754  36.235  10.526  1.00 99.28  ? 8    SER A CA  1 
ATOM   3    C C   . SER A 1 8   ? 14.761  34.780  10.976  1.00 79.82  ? 8    SER A C   1 
ATOM   4    O O   . SER A 1 8   ? 13.712  34.139  11.038  1.00 83.81  ? 8    SER A O   1 
ATOM   5    C CB  . SER A 1 8   ? 14.850  37.150  11.747  1.00 94.28  ? 8    SER A CB  1 
ATOM   6    O OG  . SER A 1 8   ? 15.933  36.773  12.582  1.00 61.79  ? 8    SER A OG  1 
ATOM   7    N N   . ASN A 1 9   ? 15.944  34.260  11.282  1.00 62.88  ? 9    ASN A N   1 
ATOM   8    C CA  . ASN A 1 9   ? 16.043  32.924  11.860  1.00 74.52  ? 9    ASN A CA  1 
ATOM   9    C C   . ASN A 1 9   ? 15.859  32.978  13.374  1.00 70.80  ? 9    ASN A C   1 
ATOM   10   O O   . ASN A 1 9   ? 16.077  31.990  14.076  1.00 66.49  ? 9    ASN A O   1 
ATOM   11   C CB  . ASN A 1 9   ? 17.358  32.235  11.476  1.00 87.63  ? 9    ASN A CB  1 
ATOM   12   C CG  . ASN A 1 9   ? 18.580  33.008  11.926  1.00 80.34  ? 9    ASN A CG  1 
ATOM   13   O OD1 . ASN A 1 9   ? 18.606  34.237  11.882  1.00 102.31 ? 9    ASN A OD1 1 
ATOM   14   N ND2 . ASN A 1 9   ? 19.609  32.286  12.359  1.00 70.06  ? 9    ASN A ND2 1 
ATOM   15   N N   . ARG A 1 10  ? 15.457  34.148  13.864  1.00 47.71  ? 10   ARG A N   1 
ATOM   16   C CA  . ARG A 1 10  ? 15.051  34.317  15.254  1.00 61.33  ? 10   ARG A CA  1 
ATOM   17   C C   . ARG A 1 10  ? 13.604  33.861  15.420  1.00 62.57  ? 10   ARG A C   1 
ATOM   18   O O   . ARG A 1 10  ? 13.019  33.986  16.498  1.00 29.63  ? 10   ARG A O   1 
ATOM   19   C CB  . ARG A 1 10  ? 15.177  35.782  15.675  1.00 50.86  ? 10   ARG A CB  1 
ATOM   20   C CG  . ARG A 1 10  ? 16.576  36.360  15.567  1.00 65.41  ? 10   ARG A CG  1 
ATOM   21   C CD  . ARG A 1 10  ? 17.413  36.054  16.800  1.00 82.44  ? 10   ARG A CD  1 
ATOM   22   N NE  . ARG A 1 10  ? 16.714  36.373  18.043  1.00 104.04 ? 10   ARG A NE  1 
ATOM   23   C CZ  . ARG A 1 10  ? 16.259  37.581  18.366  1.00 102.39 ? 10   ARG A CZ  1 
ATOM   24   N NH1 . ARG A 1 10  ? 16.416  38.602  17.535  1.00 56.34  ? 10   ARG A NH1 1 
ATOM   25   N NH2 . ARG A 1 10  ? 15.638  37.765  19.524  1.00 70.76  ? 10   ARG A NH2 1 
ATOM   26   N N   . ASP A 1 11  ? 13.028  33.349  14.336  1.00 37.47  ? 11   ASP A N   1 
ATOM   27   C CA  . ASP A 1 11  ? 11.672  32.812  14.356  1.00 35.98  ? 11   ASP A CA  1 
ATOM   28   C C   . ASP A 1 11  ? 11.726  31.326  14.684  1.00 29.33  ? 11   ASP A C   1 
ATOM   29   O O   . ASP A 1 11  ? 11.639  30.477  13.795  1.00 37.12  ? 11   ASP A O   1 
ATOM   30   C CB  . ASP A 1 11  ? 10.993  33.024  13.001  1.00 38.79  ? 11   ASP A CB  1 
ATOM   31   C CG  . ASP A 1 11  ? 9.523   32.646  13.016  1.00 31.85  ? 11   ASP A CG  1 
ATOM   32   O OD1 . ASP A 1 11  ? 9.076   32.022  14.000  1.00 37.89  ? 11   ASP A OD1 1 
ATOM   33   O OD2 . ASP A 1 11  ? 8.814   32.969  12.042  1.00 55.05  ? 11   ASP A OD2 1 
ATOM   34   N N   . PHE A 1 12  ? 11.874  31.017  15.966  1.00 22.92  ? 12   PHE A N   1 
ATOM   35   C CA  . PHE A 1 12  ? 12.011  29.636  16.413  1.00 28.89  ? 12   PHE A CA  1 
ATOM   36   C C   . PHE A 1 12  ? 10.710  28.856  16.263  1.00 27.34  ? 12   PHE A C   1 
ATOM   37   O O   . PHE A 1 12  ? 10.725  27.632  16.125  1.00 22.73  ? 12   PHE A O   1 
ATOM   38   C CB  . PHE A 1 12  ? 12.508  29.589  17.857  1.00 26.14  ? 12   PHE A CB  1 
ATOM   39   C CG  . PHE A 1 12  ? 13.861  30.209  18.047  1.00 28.10  ? 12   PHE A CG  1 
ATOM   40   C CD1 . PHE A 1 12  ? 15.008  29.510  17.709  1.00 25.62  ? 12   PHE A CD1 1 
ATOM   41   C CD2 . PHE A 1 12  ? 13.988  31.491  18.557  1.00 24.75  ? 12   PHE A CD2 1 
ATOM   42   C CE1 . PHE A 1 12  ? 16.257  30.076  17.879  1.00 23.37  ? 12   PHE A CE1 1 
ATOM   43   C CE2 . PHE A 1 12  ? 15.235  32.063  18.730  1.00 32.40  ? 12   PHE A CE2 1 
ATOM   44   C CZ  . PHE A 1 12  ? 16.372  31.354  18.390  1.00 33.94  ? 12   PHE A CZ  1 
ATOM   45   N N   . ARG A 1 13  ? 9.586   29.564  16.289  1.00 29.55  ? 13   ARG A N   1 
ATOM   46   C CA  . ARG A 1 13  ? 8.295   28.942  16.023  1.00 29.14  ? 13   ARG A CA  1 
ATOM   47   C C   . ARG A 1 13  ? 8.281   28.353  14.614  1.00 21.19  ? 13   ARG A C   1 
ATOM   48   O O   . ARG A 1 13  ? 7.851   27.218  14.408  1.00 22.34  ? 13   ARG A O   1 
ATOM   49   C CB  . ARG A 1 13  ? 7.163   29.958  16.187  1.00 31.16  ? 13   ARG A CB  1 
ATOM   50   C CG  . ARG A 1 13  ? 5.769   29.392  15.956  1.00 26.57  ? 13   ARG A CG  1 
ATOM   51   C CD  . ARG A 1 13  ? 4.713   30.446  16.251  1.00 31.00  ? 13   ARG A CD  1 
ATOM   52   N NE  . ARG A 1 13  ? 5.003   31.696  15.555  1.00 27.71  ? 13   ARG A NE  1 
ATOM   53   C CZ  . ARG A 1 13  ? 4.735   32.902  16.043  1.00 21.83  ? 13   ARG A CZ  1 
ATOM   54   N NH1 . ARG A 1 13  ? 4.168   33.025  17.235  1.00 22.06  ? 13   ARG A NH1 1 
ATOM   55   N NH2 . ARG A 1 13  ? 5.041   33.985  15.339  1.00 19.78  ? 13   ARG A NH2 1 
ATOM   56   N N   . GLY A 1 14  ? 8.758   29.132  13.648  1.00 21.21  ? 14   GLY A N   1 
ATOM   57   C CA  . GLY A 1 14  ? 8.857   28.672  12.274  1.00 23.07  ? 14   GLY A CA  1 
ATOM   58   C C   . GLY A 1 14  ? 9.859   27.542  12.117  1.00 23.74  ? 14   GLY A C   1 
ATOM   59   O O   . GLY A 1 14  ? 9.600   26.559  11.426  1.00 24.52  ? 14   GLY A O   1 
ATOM   60   N N   . ARG A 1 15  ? 11.007  27.678  12.772  1.00 26.89  ? 15   ARG A N   1 
ATOM   61   C CA  . ARG A 1 15  ? 12.056  26.667  12.682  1.00 24.39  ? 15   ARG A CA  1 
ATOM   62   C C   . ARG A 1 15  ? 11.622  25.337  13.297  1.00 26.12  ? 15   ARG A C   1 
ATOM   63   O O   . ARG A 1 15  ? 11.919  24.271  12.758  1.00 33.87  ? 15   ARG A O   1 
ATOM   64   C CB  . ARG A 1 15  ? 13.351  27.171  13.325  1.00 21.75  ? 15   ARG A CB  1 
ATOM   65   C CG  . ARG A 1 15  ? 13.842  28.479  12.723  1.00 34.86  ? 15   ARG A CG  1 
ATOM   66   C CD  . ARG A 1 15  ? 15.342  28.481  12.493  1.00 51.59  ? 15   ARG A CD  1 
ATOM   67   N NE  . ARG A 1 15  ? 16.086  28.908  13.673  1.00 56.75  ? 15   ARG A NE  1 
ATOM   68   C CZ  . ARG A 1 15  ? 17.375  29.229  13.662  1.00 72.83  ? 15   ARG A CZ  1 
ATOM   69   N NH1 . ARG A 1 15  ? 18.063  29.176  12.529  1.00 84.55  ? 15   ARG A NH1 1 
ATOM   70   N NH2 . ARG A 1 15  ? 17.975  29.609  14.781  1.00 58.53  ? 15   ARG A NH2 1 
ATOM   71   N N   . GLU A 1 16  ? 10.911  25.400  14.419  1.00 25.64  ? 16   GLU A N   1 
ATOM   72   C CA  . GLU A 1 16  ? 10.424  24.185  15.066  1.00 20.92  ? 16   GLU A CA  1 
ATOM   73   C C   . GLU A 1 16  ? 9.328   23.512  14.241  1.00 28.38  ? 16   GLU A C   1 
ATOM   74   O O   . GLU A 1 16  ? 9.287   22.287  14.137  1.00 19.71  ? 16   GLU A O   1 
ATOM   75   C CB  . GLU A 1 16  ? 9.928   24.478  16.484  1.00 26.09  ? 16   GLU A CB  1 
ATOM   76   C CG  . GLU A 1 16  ? 11.014  24.930  17.449  1.00 28.83  ? 16   GLU A CG  1 
ATOM   77   C CD  . GLU A 1 16  ? 11.913  23.794  17.912  1.00 36.41  ? 16   GLU A CD  1 
ATOM   78   O OE1 . GLU A 1 16  ? 11.866  22.698  17.314  1.00 29.80  ? 16   GLU A OE1 1 
ATOM   79   O OE2 . GLU A 1 16  ? 12.664  24.000  18.886  1.00 27.87  ? 16   GLU A OE2 1 
ATOM   80   N N   . GLN A 1 17  ? 8.444   24.316  13.658  1.00 24.72  ? 17   GLN A N   1 
ATOM   81   C CA  . GLN A 1 17  ? 7.412   23.793  12.767  1.00 25.90  ? 17   GLN A CA  1 
ATOM   82   C C   . GLN A 1 17  ? 8.060   23.065  11.597  1.00 26.82  ? 17   GLN A C   1 
ATOM   83   O O   . GLN A 1 17  ? 7.605   21.999  11.183  1.00 31.48  ? 17   GLN A O   1 
ATOM   84   C CB  . GLN A 1 17  ? 6.523   24.924  12.246  1.00 25.88  ? 17   GLN A CB  1 
ATOM   85   C CG  . GLN A 1 17  ? 5.467   24.481  11.232  1.00 21.59  ? 17   GLN A CG  1 
ATOM   86   C CD  . GLN A 1 17  ? 4.321   23.703  11.862  1.00 16.15  ? 17   GLN A CD  1 
ATOM   87   O OE1 . GLN A 1 17  ? 3.473   24.268  12.553  1.00 22.99  ? 17   GLN A OE1 1 
ATOM   88   N NE2 . GLN A 1 17  ? 4.286   22.397  11.613  1.00 24.18  ? 17   GLN A NE2 1 
ATOM   89   N N   . ARG A 1 18  ? 9.128   23.655  11.068  1.00 26.71  ? 18   ARG A N   1 
ATOM   90   C CA  . ARG A 1 18  ? 9.863   23.075  9.953   1.00 26.24  ? 18   ARG A CA  1 
ATOM   91   C C   . ARG A 1 18  ? 10.471  21.726  10.333  1.00 38.90  ? 18   ARG A C   1 
ATOM   92   O O   . ARG A 1 18  ? 10.412  20.770  9.559   1.00 29.40  ? 18   ARG A O   1 
ATOM   93   C CB  . ARG A 1 18  ? 10.960  24.037  9.494   1.00 30.52  ? 18   ARG A CB  1 
ATOM   94   C CG  . ARG A 1 18  ? 10.981  24.289  7.996   1.00 55.87  ? 18   ARG A CG  1 
ATOM   95   C CD  . ARG A 1 18  ? 11.940  25.416  7.635   1.00 50.37  ? 18   ARG A CD  1 
ATOM   96   N NE  . ARG A 1 18  ? 11.548  26.689  8.235   1.00 62.18  ? 18   ARG A NE  1 
ATOM   97   C CZ  . ARG A 1 18  ? 12.154  27.848  7.993   1.00 81.36  ? 18   ARG A CZ  1 
ATOM   98   N NH1 . ARG A 1 18  ? 13.183  27.900  7.158   1.00 98.13  ? 18   ARG A NH1 1 
ATOM   99   N NH2 . ARG A 1 18  ? 11.728  28.957  8.585   1.00 65.68  ? 18   ARG A NH2 1 
ATOM   100  N N   . LEU A 1 19  ? 11.057  21.656  11.525  1.00 33.00  ? 19   LEU A N   1 
ATOM   101  C CA  . LEU A 1 19  ? 11.668  20.422  12.008  1.00 26.06  ? 19   LEU A CA  1 
ATOM   102  C C   . LEU A 1 19  ? 10.620  19.371  12.347  1.00 30.37  ? 19   LEU A C   1 
ATOM   103  O O   . LEU A 1 19  ? 10.843  18.176  12.164  1.00 33.89  ? 19   LEU A O   1 
ATOM   104  C CB  . LEU A 1 19  ? 12.541  20.696  13.232  1.00 29.22  ? 19   LEU A CB  1 
ATOM   105  C CG  . LEU A 1 19  ? 13.837  21.468  12.996  1.00 40.47  ? 19   LEU A CG  1 
ATOM   106  C CD1 . LEU A 1 19  ? 14.579  21.644  14.305  1.00 38.82  ? 19   LEU A CD1 1 
ATOM   107  C CD2 . LEU A 1 19  ? 14.708  20.747  11.982  1.00 39.29  ? 19   LEU A CD2 1 
ATOM   108  N N   . PHE A 1 20  ? 9.479   19.823  12.854  1.00 25.74  ? 20   PHE A N   1 
ATOM   109  C CA  . PHE A 1 20  ? 8.376   18.927  13.183  1.00 27.37  ? 20   PHE A CA  1 
ATOM   110  C C   . PHE A 1 20  ? 7.944   18.122  11.962  1.00 27.54  ? 20   PHE A C   1 
ATOM   111  O O   . PHE A 1 20  ? 7.861   16.895  12.012  1.00 27.80  ? 20   PHE A O   1 
ATOM   112  C CB  . PHE A 1 20  ? 7.197   19.732  13.735  1.00 22.76  ? 20   PHE A CB  1 
ATOM   113  C CG  . PHE A 1 20  ? 5.990   18.900  14.067  1.00 31.14  ? 20   PHE A CG  1 
ATOM   114  C CD1 . PHE A 1 20  ? 5.984   18.074  15.179  1.00 38.93  ? 20   PHE A CD1 1 
ATOM   115  C CD2 . PHE A 1 20  ? 4.856   18.958  13.275  1.00 25.30  ? 20   PHE A CD2 1 
ATOM   116  C CE1 . PHE A 1 20  ? 4.871   17.313  15.488  1.00 44.58  ? 20   PHE A CE1 1 
ATOM   117  C CE2 . PHE A 1 20  ? 3.740   18.202  13.580  1.00 27.09  ? 20   PHE A CE2 1 
ATOM   118  C CZ  . PHE A 1 20  ? 3.747   17.381  14.689  1.00 26.15  ? 20   PHE A CZ  1 
ATOM   119  N N   . ASN A 1 21  ? 7.673   18.816  10.862  1.00 24.09  ? 21   ASN A N   1 
ATOM   120  C CA  . ASN A 1 21  ? 7.277   18.155  9.628   1.00 23.80  ? 21   ASN A CA  1 
ATOM   121  C C   . ASN A 1 21  ? 8.381   17.237  9.104   1.00 42.04  ? 21   ASN A C   1 
ATOM   122  O O   . ASN A 1 21  ? 8.141   16.066  8.804   1.00 29.08  ? 21   ASN A O   1 
ATOM   123  C CB  . ASN A 1 21  ? 6.904   19.187  8.561   1.00 28.55  ? 21   ASN A CB  1 
ATOM   124  C CG  . ASN A 1 21  ? 5.757   20.089  8.987   1.00 31.06  ? 21   ASN A CG  1 
ATOM   125  O OD1 . ASN A 1 21  ? 5.015   19.779  9.920   1.00 32.67  ? 21   ASN A OD1 1 
ATOM   126  N ND2 . ASN A 1 21  ? 5.602   21.210  8.294   1.00 35.13  ? 21   ASN A ND2 1 
ATOM   127  N N   . SER A 1 22  ? 9.594   17.777  9.013   1.00 26.25  ? 22   SER A N   1 
ATOM   128  C CA  A SER A 1 22  ? 10.738  17.031  8.496   0.50 31.83  ? 22   SER A CA  1 
ATOM   129  C CA  B SER A 1 22  ? 10.737  17.032  8.497   0.50 31.83  ? 22   SER A CA  1 
ATOM   130  C C   . SER A 1 22  ? 10.992  15.741  9.273   1.00 40.20  ? 22   SER A C   1 
ATOM   131  O O   . SER A 1 22  ? 11.209  14.684  8.681   1.00 34.78  ? 22   SER A O   1 
ATOM   132  C CB  A SER A 1 22  ? 11.997  17.903  8.508   0.50 29.66  ? 22   SER A CB  1 
ATOM   133  C CB  B SER A 1 22  ? 11.991  17.908  8.517   0.50 29.67  ? 22   SER A CB  1 
ATOM   134  O OG  A SER A 1 22  ? 11.839  19.043  7.681   0.50 25.30  ? 22   SER A OG  1 
ATOM   135  O OG  B SER A 1 22  ? 13.103  17.216  7.981   0.50 37.51  ? 22   SER A OG  1 
ATOM   136  N N   . GLU A 1 23  ? 10.970  15.831  10.599  1.00 30.46  ? 23   GLU A N   1 
ATOM   137  C CA  . GLU A 1 23  ? 11.224  14.667  11.446  1.00 23.37  ? 23   GLU A CA  1 
ATOM   138  C C   . GLU A 1 23  ? 10.216  13.542  11.218  1.00 34.90  ? 23   GLU A C   1 
ATOM   139  O O   . GLU A 1 23  ? 10.565  12.361  11.295  1.00 24.11  ? 23   GLU A O   1 
ATOM   140  C CB  . GLU A 1 23  ? 11.247  15.069  12.922  1.00 28.57  ? 23   GLU A CB  1 
ATOM   141  C CG  . GLU A 1 23  ? 12.436  15.942  13.287  1.00 32.12  ? 23   GLU A CG  1 
ATOM   142  C CD  . GLU A 1 23  ? 12.214  16.737  14.556  1.00 31.90  ? 23   GLU A CD  1 
ATOM   143  O OE1 . GLU A 1 23  ? 11.159  16.555  15.202  1.00 31.89  ? 23   GLU A OE1 1 
ATOM   144  O OE2 . GLU A 1 23  ? 13.095  17.549  14.903  1.00 33.69  ? 23   GLU A OE2 1 
ATOM   145  N N   . GLN A 1 24  ? 8.967   13.908  10.944  1.00 33.73  ? 24   GLN A N   1 
ATOM   146  C CA  . GLN A 1 24  ? 7.943   12.915  10.635  1.00 24.08  ? 24   GLN A CA  1 
ATOM   147  C C   . GLN A 1 24  ? 8.308   12.177  9.355   1.00 34.34  ? 24   GLN A C   1 
ATOM   148  O O   . GLN A 1 24  ? 8.305   10.947  9.309   1.00 44.92  ? 24   GLN A O   1 
ATOM   149  C CB  . GLN A 1 24  ? 6.571   13.576  10.492  1.00 30.79  ? 24   GLN A CB  1 
ATOM   150  C CG  . GLN A 1 24  ? 5.994   14.090  11.797  1.00 28.92  ? 24   GLN A CG  1 
ATOM   151  C CD  . GLN A 1 24  ? 4.573   14.586  11.641  1.00 46.55  ? 24   GLN A CD  1 
ATOM   152  O OE1 . GLN A 1 24  ? 4.341   15.759  11.352  1.00 26.68  ? 24   GLN A OE1 1 
ATOM   153  N NE2 . GLN A 1 24  ? 3.611   13.689  11.824  1.00 28.20  ? 24   GLN A NE2 1 
ATOM   154  N N   . TYR A 1 25  ? 8.628   12.943  8.320   1.00 36.62  ? 25   TYR A N   1 
ATOM   155  C CA  . TYR A 1 25  ? 9.060   12.381  7.050   1.00 41.86  ? 25   TYR A CA  1 
ATOM   156  C C   . TYR A 1 25  ? 10.212  11.399  7.255   1.00 46.88  ? 25   TYR A C   1 
ATOM   157  O O   . TYR A 1 25  ? 10.176  10.271  6.763   1.00 39.71  ? 25   TYR A O   1 
ATOM   158  C CB  . TYR A 1 25  ? 9.481   13.502  6.099   1.00 35.02  ? 25   TYR A CB  1 
ATOM   159  C CG  . TYR A 1 25  ? 9.979   13.027  4.753   1.00 47.59  ? 25   TYR A CG  1 
ATOM   160  C CD1 . TYR A 1 25  ? 9.094   12.566  3.786   1.00 57.02  ? 25   TYR A CD1 1 
ATOM   161  C CD2 . TYR A 1 25  ? 11.334  13.051  4.443   1.00 46.38  ? 25   TYR A CD2 1 
ATOM   162  C CE1 . TYR A 1 25  ? 9.542   12.135  2.552   1.00 52.87  ? 25   TYR A CE1 1 
ATOM   163  C CE2 . TYR A 1 25  ? 11.793  12.622  3.210   1.00 46.13  ? 25   TYR A CE2 1 
ATOM   164  C CZ  . TYR A 1 25  ? 10.892  12.165  2.270   1.00 76.28  ? 25   TYR A CZ  1 
ATOM   165  O OH  . TYR A 1 25  ? 11.341  11.737  1.040   1.00 86.76  ? 25   TYR A OH  1 
ATOM   166  N N   . ASN A 1 26  ? 11.222  11.832  8.000   1.00 27.20  ? 26   ASN A N   1 
ATOM   167  C CA  . ASN A 1 26  ? 12.433  11.040  8.200   1.00 31.42  ? 26   ASN A CA  1 
ATOM   168  C C   . ASN A 1 26  ? 12.276  9.812   9.099   1.00 26.71  ? 26   ASN A C   1 
ATOM   169  O O   . ASN A 1 26  ? 12.877  8.771   8.834   1.00 30.22  ? 26   ASN A O   1 
ATOM   170  C CB  . ASN A 1 26  ? 13.578  11.926  8.696   1.00 24.18  ? 26   ASN A CB  1 
ATOM   171  C CG  . ASN A 1 26  ? 14.171  12.776  7.591   1.00 55.05  ? 26   ASN A CG  1 
ATOM   172  O OD1 . ASN A 1 26  ? 15.076  12.342  6.880   1.00 33.56  ? 26   ASN A OD1 1 
ATOM   173  N ND2 . ASN A 1 26  ? 13.660  13.993  7.437   1.00 41.28  ? 26   ASN A ND2 1 
ATOM   174  N N   . TYR A 1 27  ? 11.478  9.924   10.159  1.00 28.25  ? 27   TYR A N   1 
ATOM   175  C CA  . TYR A 1 27  ? 11.258  8.777   11.039  1.00 29.59  ? 27   TYR A CA  1 
ATOM   176  C C   . TYR A 1 27  ? 10.597  7.632   10.281  1.00 44.03  ? 27   TYR A C   1 
ATOM   177  O O   . TYR A 1 27  ? 10.956  6.467   10.461  1.00 34.76  ? 27   TYR A O   1 
ATOM   178  C CB  . TYR A 1 27  ? 10.419  9.146   12.268  1.00 32.38  ? 27   TYR A CB  1 
ATOM   179  C CG  . TYR A 1 27  ? 10.280  8.003   13.256  1.00 30.19  ? 27   TYR A CG  1 
ATOM   180  C CD1 . TYR A 1 27  ? 11.294  7.715   14.162  1.00 43.22  ? 27   TYR A CD1 1 
ATOM   181  C CD2 . TYR A 1 27  ? 9.141   7.202   13.274  1.00 46.16  ? 27   TYR A CD2 1 
ATOM   182  C CE1 . TYR A 1 27  ? 11.178  6.668   15.063  1.00 34.08  ? 27   TYR A CE1 1 
ATOM   183  C CE2 . TYR A 1 27  ? 9.017   6.150   14.174  1.00 35.17  ? 27   TYR A CE2 1 
ATOM   184  C CZ  . TYR A 1 27  ? 10.040  5.890   15.065  1.00 42.35  ? 27   TYR A CZ  1 
ATOM   185  O OH  . TYR A 1 27  ? 9.928   4.851   15.963  1.00 42.74  ? 27   TYR A OH  1 
ATOM   186  N N   . ASN A 1 28  ? 9.633   7.974   9.433   1.00 37.93  ? 28   ASN A N   1 
ATOM   187  C CA  . ASN A 1 28  ? 8.926   6.987   8.630   1.00 57.74  ? 28   ASN A CA  1 
ATOM   188  C C   . ASN A 1 28  ? 9.880   6.139   7.791   1.00 55.09  ? 28   ASN A C   1 
ATOM   189  O O   . ASN A 1 28  ? 9.722   4.919   7.696   1.00 38.82  ? 28   ASN A O   1 
ATOM   190  C CB  . ASN A 1 28  ? 7.902   7.676   7.723   1.00 32.63  ? 28   ASN A CB  1 
ATOM   191  C CG  . ASN A 1 28  ? 6.758   6.760   7.332   1.00 57.30  ? 28   ASN A CG  1 
ATOM   192  O OD1 . ASN A 1 28  ? 6.807   5.552   7.564   1.00 45.89  ? 28   ASN A OD1 1 
ATOM   193  N ND2 . ASN A 1 28  ? 5.721   7.332   6.730   1.00 22.34  ? 28   ASN A ND2 1 
ATOM   194  N N   . SER A 1 29  ? 10.877  6.788   7.195   1.00 41.36  ? 29   SER A N   1 
ATOM   195  C CA  . SER A 1 29  ? 11.821  6.102   6.315   1.00 41.12  ? 29   SER A CA  1 
ATOM   196  C C   . SER A 1 29  ? 13.004  5.481   7.056   1.00 41.48  ? 29   SER A C   1 
ATOM   197  O O   . SER A 1 29  ? 13.857  4.835   6.446   1.00 36.42  ? 29   SER A O   1 
ATOM   198  C CB  . SER A 1 29  ? 12.322  7.042   5.218   1.00 52.04  ? 29   SER A CB  1 
ATOM   199  O OG  . SER A 1 29  ? 11.284  7.349   4.301   1.00 74.34  ? 29   SER A OG  1 
ATOM   200  N N   . SER A 1 30  ? 13.063  5.683   8.366   1.00 30.86  ? 30   SER A N   1 
ATOM   201  C CA  . SER A 1 30  ? 14.042  4.971   9.173   1.00 33.37  ? 30   SER A CA  1 
ATOM   202  C C   . SER A 1 30  ? 13.511  3.562   9.403   1.00 26.36  ? 30   SER A C   1 
ATOM   203  O O   . SER A 1 30  ? 12.318  3.311   9.236   1.00 28.90  ? 30   SER A O   1 
ATOM   204  C CB  . SER A 1 30  ? 14.268  5.677   10.508  1.00 27.97  ? 30   SER A CB  1 
ATOM   205  O OG  . SER A 1 30  ? 13.234  5.374   11.425  1.00 29.40  ? 30   SER A OG  1 
ATOM   206  N N   . LEU A 1 31  ? 14.388  2.638   9.781   1.00 28.04  ? 31   LEU A N   1 
ATOM   207  C CA  . LEU A 1 31  ? 13.957  1.264   10.020  1.00 21.33  ? 31   LEU A CA  1 
ATOM   208  C C   . LEU A 1 31  ? 13.122  1.126   11.293  1.00 31.65  ? 31   LEU A C   1 
ATOM   209  O O   . LEU A 1 31  ? 12.628  0.041   11.604  1.00 29.40  ? 31   LEU A O   1 
ATOM   210  C CB  . LEU A 1 31  ? 15.148  0.301   10.034  1.00 26.83  ? 31   LEU A CB  1 
ATOM   211  C CG  . LEU A 1 31  ? 15.642  -0.134  8.648   1.00 35.56  ? 31   LEU A CG  1 
ATOM   212  C CD1 . LEU A 1 31  ? 16.801  -1.106  8.772   1.00 51.30  ? 31   LEU A CD1 1 
ATOM   213  C CD2 . LEU A 1 31  ? 14.508  -0.750  7.840   1.00 40.78  ? 31   LEU A CD2 1 
ATOM   214  N N   . ASN A 1 32  ? 12.966  2.226   12.025  1.00 24.04  ? 32   ASN A N   1 
ATOM   215  C CA  . ASN A 1 32  ? 12.073  2.251   13.180  1.00 30.24  ? 32   ASN A CA  1 
ATOM   216  C C   . ASN A 1 32  ? 10.647  2.514   12.723  1.00 23.04  ? 32   ASN A C   1 
ATOM   217  O O   . ASN A 1 32  ? 9.692   2.242   13.445  1.00 35.76  ? 32   ASN A O   1 
ATOM   218  C CB  . ASN A 1 32  ? 12.491  3.329   14.184  1.00 33.88  ? 32   ASN A CB  1 
ATOM   219  C CG  . ASN A 1 32  ? 13.817  3.028   14.849  1.00 52.23  ? 32   ASN A CG  1 
ATOM   220  O OD1 . ASN A 1 32  ? 14.754  3.823   14.777  1.00 50.45  ? 32   ASN A OD1 1 
ATOM   221  N ND2 . ASN A 1 32  ? 13.901  1.880   15.512  1.00 34.04  ? 32   ASN A ND2 1 
ATOM   222  N N   . GLY A 1 33  ? 10.517  3.045   11.512  1.00 33.66  ? 33   GLY A N   1 
ATOM   223  C CA  . GLY A 1 33  ? 9.224   3.442   10.985  1.00 20.25  ? 33   GLY A CA  1 
ATOM   224  C C   . GLY A 1 33  ? 8.464   2.322   10.298  1.00 30.61  ? 33   GLY A C   1 
ATOM   225  O O   . GLY A 1 33  ? 8.998   1.238   10.057  1.00 36.92  ? 33   GLY A O   1 
ATOM   226  N N   . GLU A 1 34  ? 7.207   2.596   9.975   1.00 24.10  ? 34   GLU A N   1 
ATOM   227  C CA  . GLU A 1 34  ? 6.345   1.611   9.340   1.00 30.04  ? 34   GLU A CA  1 
ATOM   228  C C   . GLU A 1 34  ? 6.574   1.543   7.835   1.00 28.43  ? 34   GLU A C   1 
ATOM   229  O O   . GLU A 1 34  ? 7.019   2.507   7.216   1.00 24.28  ? 34   GLU A O   1 
ATOM   230  C CB  . GLU A 1 34  ? 4.876   1.959   9.592   1.00 26.50  ? 34   GLU A CB  1 
ATOM   231  C CG  . GLU A 1 34  ? 4.511   2.160   11.050  1.00 39.17  ? 34   GLU A CG  1 
ATOM   232  C CD  . GLU A 1 34  ? 3.632   1.048   11.582  1.00 40.19  ? 34   GLU A CD  1 
ATOM   233  O OE1 . GLU A 1 34  ? 3.575   -0.021  10.941  1.00 43.42  ? 34   GLU A OE1 1 
ATOM   234  O OE2 . GLU A 1 34  ? 2.994   1.244   12.639  1.00 41.73  ? 34   GLU A OE2 1 
ATOM   235  N N   . VAL A 1 35  ? 6.279   0.389   7.254   1.00 21.80  ? 35   VAL A N   1 
ATOM   236  C CA  . VAL A 1 35  ? 6.029   0.318   5.823   1.00 19.67  ? 35   VAL A CA  1 
ATOM   237  C C   . VAL A 1 35  ? 4.573   -0.101  5.687   1.00 17.76  ? 35   VAL A C   1 
ATOM   238  O O   . VAL A 1 35  ? 4.108   -0.995  6.394   1.00 16.97  ? 35   VAL A O   1 
ATOM   239  C CB  . VAL A 1 35  ? 6.967   -0.660  5.093   1.00 26.47  ? 35   VAL A CB  1 
ATOM   240  C CG1 . VAL A 1 35  ? 6.825   -2.053  5.660   1.00 21.60  ? 35   VAL A CG1 1 
ATOM   241  C CG2 . VAL A 1 35  ? 6.678   -0.656  3.593   1.00 28.09  ? 35   VAL A CG2 1 
ATOM   242  N N   . SER A 1 36  ? 3.845   0.571   4.805   1.00 20.19  ? 36   SER A N   1 
ATOM   243  C CA  . SER A 1 36  ? 2.410   0.369   4.713   1.00 14.48  ? 36   SER A CA  1 
ATOM   244  C C   . SER A 1 36  ? 1.984   0.022   3.298   1.00 18.33  ? 36   SER A C   1 
ATOM   245  O O   . SER A 1 36  ? 2.527   0.545   2.324   1.00 17.63  ? 36   SER A O   1 
ATOM   246  C CB  . SER A 1 36  ? 1.667   1.622   5.179   1.00 18.37  ? 36   SER A CB  1 
ATOM   247  O OG  . SER A 1 36  ? 1.980   1.938   6.523   1.00 21.69  ? 36   SER A OG  1 
ATOM   248  N N   . VAL A 1 37  ? 1.006   -0.866  3.192   1.00 21.05  ? 37   VAL A N   1 
ATOM   249  C CA  . VAL A 1 37  ? 0.424   -1.182  1.902   1.00 15.16  ? 37   VAL A CA  1 
ATOM   250  C C   . VAL A 1 37  ? -1.085  -1.033  1.987   1.00 23.65  ? 37   VAL A C   1 
ATOM   251  O O   . VAL A 1 37  ? -1.695  -1.305  3.021   1.00 21.98  ? 37   VAL A O   1 
ATOM   252  C CB  . VAL A 1 37  ? 0.779   -2.614  1.439   1.00 20.93  ? 37   VAL A CB  1 
ATOM   253  C CG1 . VAL A 1 37  ? 0.162   -3.648  2.368   1.00 18.07  ? 37   VAL A CG1 1 
ATOM   254  C CG2 . VAL A 1 37  ? 0.315   -2.836  0.001   1.00 18.65  ? 37   VAL A CG2 1 
ATOM   255  N N   . TRP A 1 38  ? -1.678  -0.566  0.898   1.00 16.68  ? 38   TRP A N   1 
ATOM   256  C CA  . TRP A 1 38  ? -3.122  -0.506  0.783   1.00 21.32  ? 38   TRP A CA  1 
ATOM   257  C C   . TRP A 1 38  ? -3.504  -1.269  -0.473  1.00 21.28  ? 38   TRP A C   1 
ATOM   258  O O   . TRP A 1 38  ? -2.836  -1.146  -1.502  1.00 20.32  ? 38   TRP A O   1 
ATOM   259  C CB  . TRP A 1 38  ? -3.597  0.943   0.647   1.00 18.62  ? 38   TRP A CB  1 
ATOM   260  C CG  . TRP A 1 38  ? -3.431  1.796   1.874   1.00 18.43  ? 38   TRP A CG  1 
ATOM   261  C CD1 . TRP A 1 38  ? -4.375  2.053   2.826   1.00 27.31  ? 38   TRP A CD1 1 
ATOM   262  C CD2 . TRP A 1 38  ? -2.260  2.528   2.264   1.00 25.69  ? 38   TRP A CD2 1 
ATOM   263  N NE1 . TRP A 1 38  ? -3.862  2.887   3.790   1.00 16.93  ? 38   TRP A NE1 1 
ATOM   264  C CE2 . TRP A 1 38  ? -2.566  3.194   3.467   1.00 16.64  ? 38   TRP A CE2 1 
ATOM   265  C CE3 . TRP A 1 38  ? -0.982  2.676   1.715   1.00 30.00  ? 38   TRP A CE3 1 
ATOM   266  C CZ2 . TRP A 1 38  ? -1.640  3.996   4.131   1.00 19.98  ? 38   TRP A CZ2 1 
ATOM   267  C CZ3 . TRP A 1 38  ? -0.063  3.475   2.377   1.00 21.50  ? 38   TRP A CZ3 1 
ATOM   268  C CH2 . TRP A 1 38  ? -0.398  4.125   3.573   1.00 19.18  ? 38   TRP A CH2 1 
ATOM   269  N N   . VAL A 1 39  ? -4.563  -2.064  -0.389  1.00 21.43  ? 39   VAL A N   1 
ATOM   270  C CA  . VAL A 1 39  ? -5.164  -2.650  -1.581  1.00 19.00  ? 39   VAL A CA  1 
ATOM   271  C C   . VAL A 1 39  ? -6.597  -2.145  -1.742  1.00 21.31  ? 39   VAL A C   1 
ATOM   272  O O   . VAL A 1 39  ? -7.469  -2.458  -0.934  1.00 20.04  ? 39   VAL A O   1 
ATOM   273  C CB  . VAL A 1 39  ? -5.156  -4.195  -1.545  1.00 15.88  ? 39   VAL A CB  1 
ATOM   274  C CG1 . VAL A 1 39  ? -5.812  -4.757  -2.802  1.00 18.90  ? 39   VAL A CG1 1 
ATOM   275  C CG2 . VAL A 1 39  ? -3.733  -4.714  -1.413  1.00 17.45  ? 39   VAL A CG2 1 
ATOM   276  N N   . TYR A 1 40  ? -6.826  -1.342  -2.776  1.00 18.43  ? 40   TYR A N   1 
ATOM   277  C CA  . TYR A 1 40  ? -8.155  -0.821  -3.062  1.00 11.50  ? 40   TYR A CA  1 
ATOM   278  C C   . TYR A 1 40  ? -8.823  -1.656  -4.146  1.00 18.60  ? 40   TYR A C   1 
ATOM   279  O O   . TYR A 1 40  ? -8.300  -1.780  -5.254  1.00 20.73  ? 40   TYR A O   1 
ATOM   280  C CB  . TYR A 1 40  ? -8.071  0.633   -3.525  1.00 17.21  ? 40   TYR A CB  1 
ATOM   281  C CG  . TYR A 1 40  ? -7.531  1.586   -2.483  1.00 22.79  ? 40   TYR A CG  1 
ATOM   282  C CD1 . TYR A 1 40  ? -8.382  2.222   -1.589  1.00 23.08  ? 40   TYR A CD1 1 
ATOM   283  C CD2 . TYR A 1 40  ? -6.170  1.855   -2.398  1.00 18.84  ? 40   TYR A CD2 1 
ATOM   284  C CE1 . TYR A 1 40  ? -7.893  3.097   -0.636  1.00 28.39  ? 40   TYR A CE1 1 
ATOM   285  C CE2 . TYR A 1 40  ? -5.672  2.727   -1.448  1.00 18.17  ? 40   TYR A CE2 1 
ATOM   286  C CZ  . TYR A 1 40  ? -6.540  3.345   -0.569  1.00 24.70  ? 40   TYR A CZ  1 
ATOM   287  O OH  . TYR A 1 40  ? -6.049  4.216   0.378   1.00 23.14  ? 40   TYR A OH  1 
ATOM   288  N N   . ALA A 1 41  ? -9.982  -2.222  -3.824  1.00 21.09  ? 41   ALA A N   1 
ATOM   289  C CA  . ALA A 1 41  ? -10.744 -3.004  -4.787  1.00 19.60  ? 41   ALA A CA  1 
ATOM   290  C C   . ALA A 1 41  ? -11.994 -2.240  -5.207  1.00 24.74  ? 41   ALA A C   1 
ATOM   291  O O   . ALA A 1 41  ? -12.843 -1.916  -4.378  1.00 23.28  ? 41   ALA A O   1 
ATOM   292  C CB  . ALA A 1 41  ? -11.106 -4.370  -4.204  1.00 20.00  ? 41   ALA A CB  1 
ATOM   293  N N   . TYR A 1 42  ? -12.094 -1.946  -6.501  1.00 25.08  ? 42   TYR A N   1 
ATOM   294  C CA  . TYR A 1 42  ? -13.189 -1.138  -7.030  1.00 15.56  ? 42   TYR A CA  1 
ATOM   295  C C   . TYR A 1 42  ? -14.307 -2.020  -7.580  1.00 21.14  ? 42   TYR A C   1 
ATOM   296  O O   . TYR A 1 42  ? -14.094 -2.817  -8.493  1.00 26.92  ? 42   TYR A O   1 
ATOM   297  C CB  . TYR A 1 42  ? -12.656 -0.178  -8.097  1.00 14.46  ? 42   TYR A CB  1 
ATOM   298  C CG  . TYR A 1 42  ? -11.531 0.675   -7.558  1.00 16.39  ? 42   TYR A CG  1 
ATOM   299  C CD1 . TYR A 1 42  ? -10.222 0.224   -7.584  1.00 15.91  ? 42   TYR A CD1 1 
ATOM   300  C CD2 . TYR A 1 42  ? -11.786 1.914   -6.984  1.00 24.12  ? 42   TYR A CD2 1 
ATOM   301  C CE1 . TYR A 1 42  ? -9.187  0.990   -7.074  1.00 19.08  ? 42   TYR A CE1 1 
ATOM   302  C CE2 . TYR A 1 42  ? -10.761 2.688   -6.469  1.00 30.06  ? 42   TYR A CE2 1 
ATOM   303  C CZ  . TYR A 1 42  ? -9.462  2.222   -6.513  1.00 24.33  ? 42   TYR A CZ  1 
ATOM   304  O OH  . TYR A 1 42  ? -8.435  2.988   -6.002  1.00 23.08  ? 42   TYR A OH  1 
ATOM   305  N N   . TYR A 1 43  ? -15.495 -1.883  -7.003  1.00 23.48  ? 43   TYR A N   1 
ATOM   306  C CA  . TYR A 1 43  ? -16.622 -2.744  -7.350  1.00 25.82  ? 43   TYR A CA  1 
ATOM   307  C C   . TYR A 1 43  ? -17.561 -2.116  -8.376  1.00 37.01  ? 43   TYR A C   1 
ATOM   308  O O   . TYR A 1 43  ? -17.625 -0.897  -8.516  1.00 24.82  ? 43   TYR A O   1 
ATOM   309  C CB  . TYR A 1 43  ? -17.381 -3.163  -6.089  1.00 17.53  ? 43   TYR A CB  1 
ATOM   310  C CG  . TYR A 1 43  ? -16.759 -4.361  -5.404  1.00 25.96  ? 43   TYR A CG  1 
ATOM   311  C CD1 . TYR A 1 43  ? -15.547 -4.253  -4.733  1.00 29.17  ? 43   TYR A CD1 1 
ATOM   312  C CD2 . TYR A 1 43  ? -17.369 -5.606  -5.455  1.00 30.83  ? 43   TYR A CD2 1 
ATOM   313  C CE1 . TYR A 1 43  ? -14.970 -5.351  -4.117  1.00 32.59  ? 43   TYR A CE1 1 
ATOM   314  C CE2 . TYR A 1 43  ? -16.801 -6.708  -4.842  1.00 28.20  ? 43   TYR A CE2 1 
ATOM   315  C CZ  . TYR A 1 43  ? -15.602 -6.577  -4.177  1.00 26.21  ? 43   TYR A CZ  1 
ATOM   316  O OH  . TYR A 1 43  ? -15.036 -7.673  -3.569  1.00 34.44  ? 43   TYR A OH  1 
ATOM   317  N N   . SER A 1 44  ? -18.291 -2.966  -9.090  1.00 32.32  ? 44   SER A N   1 
ATOM   318  C CA  . SER A 1 44  ? -19.143 -2.518  -10.188 1.00 27.68  ? 44   SER A CA  1 
ATOM   319  C C   . SER A 1 44  ? -20.220 -1.516  -9.762  1.00 36.81  ? 44   SER A C   1 
ATOM   320  O O   . SER A 1 44  ? -20.764 -0.795  -10.596 1.00 42.07  ? 44   SER A O   1 
ATOM   321  C CB  . SER A 1 44  ? -19.785 -3.722  -10.883 1.00 22.56  ? 44   SER A CB  1 
ATOM   322  O OG  . SER A 1 44  ? -20.478 -4.532  -9.948  1.00 32.65  ? 44   SER A OG  1 
ATOM   323  N N   . ASP A 1 45  ? -20.523 -1.470  -8.468  1.00 39.98  ? 45   ASP A N   1 
ATOM   324  C CA  . ASP A 1 45  ? -21.555 -0.567  -7.963  1.00 32.95  ? 45   ASP A CA  1 
ATOM   325  C C   . ASP A 1 45  ? -20.969 0.765   -7.488  1.00 35.69  ? 45   ASP A C   1 
ATOM   326  O O   . ASP A 1 45  ? -21.655 1.570   -6.860  1.00 33.34  ? 45   ASP A O   1 
ATOM   327  C CB  . ASP A 1 45  ? -22.351 -1.236  -6.838  1.00 27.08  ? 45   ASP A CB  1 
ATOM   328  C CG  . ASP A 1 45  ? -21.514 -1.489  -5.601  1.00 32.05  ? 45   ASP A CG  1 
ATOM   329  O OD1 . ASP A 1 45  ? -20.292 -1.234  -5.646  1.00 35.46  ? 45   ASP A OD1 1 
ATOM   330  O OD2 . ASP A 1 45  ? -22.076 -1.953  -4.587  1.00 43.71  ? 45   ASP A OD2 1 
ATOM   331  N N   . GLY A 1 46  ? -19.695 0.990   -7.792  1.00 37.73  ? 46   GLY A N   1 
ATOM   332  C CA  . GLY A 1 46  ? -19.032 2.227   -7.426  1.00 28.78  ? 46   GLY A CA  1 
ATOM   333  C C   . GLY A 1 46  ? -18.453 2.209   -6.024  1.00 29.17  ? 46   GLY A C   1 
ATOM   334  O O   . GLY A 1 46  ? -17.743 3.131   -5.629  1.00 23.78  ? 46   GLY A O   1 
ATOM   335  N N   . SER A 1 47  ? -18.761 1.166   -5.262  1.00 30.10  ? 47   SER A N   1 
ATOM   336  C CA  . SER A 1 47  ? -18.215 1.042   -3.916  1.00 31.33  ? 47   SER A CA  1 
ATOM   337  C C   . SER A 1 47  ? -16.734 0.692   -3.980  1.00 23.01  ? 47   SER A C   1 
ATOM   338  O O   . SER A 1 47  ? -16.251 0.161   -4.984  1.00 21.69  ? 47   SER A O   1 
ATOM   339  C CB  . SER A 1 47  ? -18.974 -0.016  -3.108  1.00 36.78  ? 47   SER A CB  1 
ATOM   340  O OG  . SER A 1 47  ? -18.635 -1.327  -3.527  1.00 29.08  ? 47   SER A OG  1 
ATOM   341  N N   . VAL A 1 48  ? -16.018 0.995   -2.902  1.00 22.38  ? 48   VAL A N   1 
ATOM   342  C CA  . VAL A 1 48  ? -14.603 0.664   -2.807  1.00 20.36  ? 48   VAL A CA  1 
ATOM   343  C C   . VAL A 1 48  ? -14.295 -0.067  -1.501  1.00 24.51  ? 48   VAL A C   1 
ATOM   344  O O   . VAL A 1 48  ? -14.631 0.409   -0.419  1.00 27.35  ? 48   VAL A O   1 
ATOM   345  C CB  . VAL A 1 48  ? -13.722 1.921   -2.882  1.00 23.54  ? 48   VAL A CB  1 
ATOM   346  C CG1 . VAL A 1 48  ? -12.256 1.534   -2.869  1.00 21.55  ? 48   VAL A CG1 1 
ATOM   347  C CG2 . VAL A 1 48  ? -14.052 2.729   -4.129  1.00 21.17  ? 48   VAL A CG2 1 
ATOM   348  N N   . LEU A 1 49  ? -13.655 -1.226  -1.611  1.00 25.40  ? 49   LEU A N   1 
ATOM   349  C CA  . LEU A 1 49  ? -13.205 -1.972  -0.443  1.00 20.32  ? 49   LEU A CA  1 
ATOM   350  C C   . LEU A 1 49  ? -11.701 -1.784  -0.294  1.00 24.43  ? 49   LEU A C   1 
ATOM   351  O O   . LEU A 1 49  ? -10.949 -1.992  -1.245  1.00 25.78  ? 49   LEU A O   1 
ATOM   352  C CB  . LEU A 1 49  ? -13.533 -3.455  -0.612  1.00 26.48  ? 49   LEU A CB  1 
ATOM   353  C CG  . LEU A 1 49  ? -13.300 -4.369  0.590   1.00 49.30  ? 49   LEU A CG  1 
ATOM   354  C CD1 . LEU A 1 49  ? -14.115 -3.890  1.778   1.00 37.07  ? 49   LEU A CD1 1 
ATOM   355  C CD2 . LEU A 1 49  ? -13.650 -5.807  0.234   1.00 52.85  ? 49   LEU A CD2 1 
ATOM   356  N N   . VAL A 1 50  ? -11.256 -1.378  0.890   1.00 22.81  ? 50   VAL A N   1 
ATOM   357  C CA  . VAL A 1 50  ? -9.827  -1.173  1.101   1.00 20.95  ? 50   VAL A CA  1 
ATOM   358  C C   . VAL A 1 50  ? -9.260  -2.054  2.209   1.00 27.18  ? 50   VAL A C   1 
ATOM   359  O O   . VAL A 1 50  ? -9.840  -2.173  3.289   1.00 32.85  ? 50   VAL A O   1 
ATOM   360  C CB  . VAL A 1 50  ? -9.483  0.304   1.389   1.00 21.60  ? 50   VAL A CB  1 
ATOM   361  C CG1 . VAL A 1 50  ? -10.282 0.821   2.574   1.00 28.85  ? 50   VAL A CG1 1 
ATOM   362  C CG2 . VAL A 1 50  ? -7.984  0.462   1.631   1.00 18.74  ? 50   VAL A CG2 1 
ATOM   363  N N   . ILE A 1 51  ? -8.127  -2.681  1.919   1.00 22.63  ? 51   ILE A N   1 
ATOM   364  C CA  . ILE A 1 51  ? -7.380  -3.415  2.929   1.00 13.72  ? 51   ILE A CA  1 
ATOM   365  C C   . ILE A 1 51  ? -6.065  -2.697  3.184   1.00 23.12  ? 51   ILE A C   1 
ATOM   366  O O   . ILE A 1 51  ? -5.307  -2.417  2.258   1.00 22.53  ? 51   ILE A O   1 
ATOM   367  C CB  . ILE A 1 51  ? -7.073  -4.858  2.496   1.00 15.12  ? 51   ILE A CB  1 
ATOM   368  C CG1 . ILE A 1 51  ? -8.323  -5.534  1.933   1.00 24.96  ? 51   ILE A CG1 1 
ATOM   369  C CG2 . ILE A 1 51  ? -6.519  -5.646  3.669   1.00 21.03  ? 51   ILE A CG2 1 
ATOM   370  C CD1 . ILE A 1 51  ? -9.476  -5.551  2.892   1.00 30.90  ? 51   ILE A CD1 1 
ATOM   371  N N   . ASN A 1 52  ? -5.800  -2.398  4.448   1.00 19.33  ? 52   ASN A N   1 
ATOM   372  C CA  . ASN A 1 52  ? -4.552  -1.755  4.826   1.00 15.69  ? 52   ASN A CA  1 
ATOM   373  C C   . ASN A 1 52  ? -3.814  -2.575  5.872   1.00 18.43  ? 52   ASN A C   1 
ATOM   374  O O   . ASN A 1 52  ? -4.413  -3.060  6.828   1.00 20.40  ? 52   ASN A O   1 
ATOM   375  C CB  . ASN A 1 52  ? -4.824  -0.334  5.340   1.00 14.29  ? 52   ASN A CB  1 
ATOM   376  C CG  . ASN A 1 52  ? -3.617  0.290   6.029   1.00 28.63  ? 52   ASN A CG  1 
ATOM   377  O OD1 . ASN A 1 52  ? -3.690  0.680   7.196   1.00 21.50  ? 52   ASN A OD1 1 
ATOM   378  N ND2 . ASN A 1 52  ? -2.506  0.395   5.307   1.00 22.61  ? 52   ASN A ND2 1 
ATOM   379  N N   . LYS A 1 53  ? -2.515  -2.755  5.671   1.00 14.55  ? 53   LYS A N   1 
ATOM   380  C CA  . LYS A 1 53  ? -1.681  -3.340  6.707   1.00 11.12  ? 53   LYS A CA  1 
ATOM   381  C C   . LYS A 1 53  ? -0.423  -2.504  6.870   1.00 12.62  ? 53   LYS A C   1 
ATOM   382  O O   . LYS A 1 53  ? 0.148   -2.018  5.893   1.00 17.82  ? 53   LYS A O   1 
ATOM   383  C CB  . LYS A 1 53  ? -1.329  -4.799  6.402   1.00 20.06  ? 53   LYS A CB  1 
ATOM   384  C CG  . LYS A 1 53  ? -0.702  -5.521  7.591   1.00 23.56  ? 53   LYS A CG  1 
ATOM   385  C CD  . LYS A 1 53  ? -0.233  -6.923  7.246   1.00 40.56  ? 53   LYS A CD  1 
ATOM   386  C CE  . LYS A 1 53  ? -1.395  -7.879  7.066   1.00 39.39  ? 53   LYS A CE  1 
ATOM   387  N NZ  . LYS A 1 53  ? -0.920  -9.233  6.666   1.00 36.47  ? 53   LYS A NZ  1 
ATOM   388  N N   . ASN A 1 54  ? -0.004  -2.328  8.114   1.00 21.82  ? 54   ASN A N   1 
ATOM   389  C CA  . ASN A 1 54  ? 1.170   -1.530  8.417   1.00 17.99  ? 54   ASN A CA  1 
ATOM   390  C C   . ASN A 1 54  ? 2.074   -2.320  9.335   1.00 19.90  ? 54   ASN A C   1 
ATOM   391  O O   . ASN A 1 54  ? 1.608   -2.919  10.299  1.00 21.04  ? 54   ASN A O   1 
ATOM   392  C CB  . ASN A 1 54  ? 0.757   -0.225  9.087   1.00 28.18  ? 54   ASN A CB  1 
ATOM   393  C CG  . ASN A 1 54  ? -0.368  0.461   8.355   1.00 34.08  ? 54   ASN A CG  1 
ATOM   394  O OD1 . ASN A 1 54  ? -0.174  0.998   7.264   1.00 18.02  ? 54   ASN A OD1 1 
ATOM   395  N ND2 . ASN A 1 54  ? -1.559  0.436   8.940   1.00 25.22  ? 54   ASN A ND2 1 
ATOM   396  N N   . SER A 1 55  ? 3.367   -2.327  9.036   1.00 20.21  ? 55   SER A N   1 
ATOM   397  C CA  . SER A 1 55  ? 4.298   -3.126  9.817   1.00 24.74  ? 55   SER A CA  1 
ATOM   398  C C   . SER A 1 55  ? 5.734   -2.668  9.625   1.00 27.79  ? 55   SER A C   1 
ATOM   399  O O   . SER A 1 55  ? 6.063   -2.005  8.643   1.00 25.11  ? 55   SER A O   1 
ATOM   400  C CB  . SER A 1 55  ? 4.166   -4.604  9.442   1.00 25.74  ? 55   SER A CB  1 
ATOM   401  O OG  . SER A 1 55  ? 4.811   -5.433  10.391  1.00 32.25  ? 55   SER A OG  1 
ATOM   402  N N   . GLN A 1 56  ? 6.588   -3.035  10.571  1.00 13.51  ? 56   GLN A N   1 
ATOM   403  C CA  . GLN A 1 56  ? 8.006   -2.723  10.491  1.00 19.04  ? 56   GLN A CA  1 
ATOM   404  C C   . GLN A 1 56  ? 8.727   -3.694  9.554   1.00 21.10  ? 56   GLN A C   1 
ATOM   405  O O   . GLN A 1 56  ? 8.308   -4.842  9.396   1.00 21.83  ? 56   GLN A O   1 
ATOM   406  C CB  . GLN A 1 56  ? 8.618   -2.794  11.888  1.00 21.25  ? 56   GLN A CB  1 
ATOM   407  C CG  . GLN A 1 56  ? 9.880   -1.977  12.082  1.00 24.79  ? 56   GLN A CG  1 
ATOM   408  C CD  . GLN A 1 56  ? 10.322  -1.963  13.530  1.00 26.54  ? 56   GLN A CD  1 
ATOM   409  O OE1 . GLN A 1 56  ? 9.751   -2.663  14.365  1.00 17.59  ? 56   GLN A OE1 1 
ATOM   410  N NE2 . GLN A 1 56  ? 11.337  -1.165  13.836  1.00 21.00  ? 56   GLN A NE2 1 
ATOM   411  N N   . TYR A 1 57  ? 9.798   -3.213  8.923   1.00 18.98  ? 57   TYR A N   1 
ATOM   412  C CA  . TYR A 1 57  ? 10.702  -4.039  8.114   1.00 12.49  ? 57   TYR A CA  1 
ATOM   413  C C   . TYR A 1 57  ? 10.139  -4.470  6.766   1.00 20.60  ? 57   TYR A C   1 
ATOM   414  O O   . TYR A 1 57  ? 10.780  -4.298  5.730   1.00 20.23  ? 57   TYR A O   1 
ATOM   415  C CB  . TYR A 1 57  ? 11.162  -5.271  8.895   1.00 21.75  ? 57   TYR A CB  1 
ATOM   416  C CG  . TYR A 1 57  ? 11.697  -4.934  10.260  1.00 20.57  ? 57   TYR A CG  1 
ATOM   417  C CD1 . TYR A 1 57  ? 12.822  -4.134  10.404  1.00 24.04  ? 57   TYR A CD1 1 
ATOM   418  C CD2 . TYR A 1 57  ? 11.072  -5.402  11.408  1.00 13.54  ? 57   TYR A CD2 1 
ATOM   419  C CE1 . TYR A 1 57  ? 13.318  -3.815  11.653  1.00 24.96  ? 57   TYR A CE1 1 
ATOM   420  C CE2 . TYR A 1 57  ? 11.561  -5.088  12.662  1.00 15.40  ? 57   TYR A CE2 1 
ATOM   421  C CZ  . TYR A 1 57  ? 12.683  -4.295  12.778  1.00 25.45  ? 57   TYR A CZ  1 
ATOM   422  O OH  . TYR A 1 57  ? 13.174  -3.981  14.024  1.00 24.24  ? 57   TYR A OH  1 
ATOM   423  N N   . LYS A 1 58  ? 8.949   -5.055  6.789   1.00 15.76  ? 58   LYS A N   1 
ATOM   424  C CA  . LYS A 1 58  ? 8.290   -5.476  5.565   1.00 19.89  ? 58   LYS A CA  1 
ATOM   425  C C   . LYS A 1 58  ? 6.800   -5.582  5.829   1.00 25.34  ? 58   LYS A C   1 
ATOM   426  O O   . LYS A 1 58  ? 6.371   -5.657  6.976   1.00 22.02  ? 58   LYS A O   1 
ATOM   427  C CB  . LYS A 1 58  ? 8.848   -6.817  5.078   1.00 20.48  ? 58   LYS A CB  1 
ATOM   428  C CG  . LYS A 1 58  ? 8.638   -7.978  6.037   1.00 26.65  ? 58   LYS A CG  1 
ATOM   429  C CD  . LYS A 1 58  ? 7.379   -8.761  5.704   1.00 41.79  ? 58   LYS A CD  1 
ATOM   430  C CE  . LYS A 1 58  ? 7.130   -9.860  6.723   1.00 45.60  ? 58   LYS A CE  1 
ATOM   431  N NZ  . LYS A 1 58  ? 5.817   -10.519 6.499   1.00 30.81  ? 58   LYS A NZ  1 
ATOM   432  N N   . VAL A 1 59  ? 6.007   -5.574  4.769   1.00 24.74  ? 59   VAL A N   1 
ATOM   433  C CA  . VAL A 1 59  ? 4.569   -5.711  4.931   1.00 16.09  ? 59   VAL A CA  1 
ATOM   434  C C   . VAL A 1 59  ? 3.987   -6.348  3.688   1.00 21.99  ? 59   VAL A C   1 
ATOM   435  O O   . VAL A 1 59  ? 4.559   -6.258  2.603   1.00 15.84  ? 59   VAL A O   1 
ATOM   436  C CB  . VAL A 1 59  ? 3.882   -4.353  5.218   1.00 16.31  ? 59   VAL A CB  1 
ATOM   437  C CG1 . VAL A 1 59  ? 3.851   -3.495  3.972   1.00 14.91  ? 59   VAL A CG1 1 
ATOM   438  C CG2 . VAL A 1 59  ? 2.473   -4.570  5.734   1.00 15.32  ? 59   VAL A CG2 1 
ATOM   439  N N   . GLY A 1 60  ? 2.852   -7.009  3.857   1.00 20.03  ? 60   GLY A N   1 
ATOM   440  C CA  . GLY A 1 60  ? 2.213   -7.686  2.754   1.00 19.56  ? 60   GLY A CA  1 
ATOM   441  C C   . GLY A 1 60  ? 0.773   -8.002  3.070   1.00 24.82  ? 60   GLY A C   1 
ATOM   442  O O   . GLY A 1 60  ? 0.350   -7.983  4.226   1.00 26.30  ? 60   GLY A O   1 
ATOM   443  N N   . ILE A 1 61  ? 0.016   -8.292  2.024   1.00 22.75  ? 61   ILE A N   1 
ATOM   444  C CA  . ILE A 1 61  ? -1.394  -8.586  2.157   1.00 24.32  ? 61   ILE A CA  1 
ATOM   445  C C   . ILE A 1 61  ? -1.713  -9.784  1.280   1.00 24.65  ? 61   ILE A C   1 
ATOM   446  O O   . ILE A 1 61  ? -1.170  -9.914  0.190   1.00 24.77  ? 61   ILE A O   1 
ATOM   447  C CB  . ILE A 1 61  ? -2.233  -7.372  1.715   1.00 24.29  ? 61   ILE A CB  1 
ATOM   448  C CG1 . ILE A 1 61  ? -2.244  -6.311  2.817   1.00 26.05  ? 61   ILE A CG1 1 
ATOM   449  C CG2 . ILE A 1 61  ? -3.636  -7.787  1.386   1.00 40.93  ? 61   ILE A CG2 1 
ATOM   450  C CD1 . ILE A 1 61  ? -2.807  -6.809  4.124   1.00 38.31  ? 61   ILE A CD1 1 
ATOM   451  N N   . SER A 1 62  ? -2.572  -10.671 1.770   1.00 18.70  ? 62   SER A N   1 
ATOM   452  C CA  . SER A 1 62  ? -3.066  -11.783 0.964   1.00 19.66  ? 62   SER A CA  1 
ATOM   453  C C   . SER A 1 62  ? -4.572  -11.884 1.154   1.00 23.31  ? 62   SER A C   1 
ATOM   454  O O   . SER A 1 62  ? -5.043  -12.269 2.226   1.00 21.61  ? 62   SER A O   1 
ATOM   455  C CB  . SER A 1 62  ? -2.379  -13.092 1.359   1.00 18.78  ? 62   SER A CB  1 
ATOM   456  O OG  . SER A 1 62  ? -2.705  -14.135 0.456   1.00 23.69  ? 62   SER A OG  1 
ATOM   457  N N   . GLU A 1 63  ? -5.323  -11.530 0.116   1.00 20.97  ? 63   GLU A N   1 
ATOM   458  C CA  . GLU A 1 63  ? -6.769  -11.375 0.244   1.00 26.35  ? 63   GLU A CA  1 
ATOM   459  C C   . GLU A 1 63  ? -7.522  -11.960 -0.938  1.00 23.03  ? 63   GLU A C   1 
ATOM   460  O O   . GLU A 1 63  ? -6.967  -12.139 -2.020  1.00 17.21  ? 63   GLU A O   1 
ATOM   461  C CB  . GLU A 1 63  ? -7.138  -9.892  0.348   1.00 25.02  ? 63   GLU A CB  1 
ATOM   462  C CG  . GLU A 1 63  ? -6.355  -9.102  1.378   1.00 23.08  ? 63   GLU A CG  1 
ATOM   463  C CD  . GLU A 1 63  ? -6.820  -9.344  2.799   1.00 24.15  ? 63   GLU A CD  1 
ATOM   464  O OE1 . GLU A 1 63  ? -7.975  -9.785  2.981   1.00 32.58  ? 63   GLU A OE1 1 
ATOM   465  O OE2 . GLU A 1 63  ? -6.027  -9.094  3.731   1.00 29.30  ? 63   GLU A OE2 1 
ATOM   466  N N   . THR A 1 64  ? -8.803  -12.233 -0.724  1.00 19.16  ? 64   THR A N   1 
ATOM   467  C CA  . THR A 1 64  ? -9.694  -12.617 -1.807  1.00 30.79  ? 64   THR A CA  1 
ATOM   468  C C   . THR A 1 64  ? -10.833 -11.612 -1.893  1.00 22.81  ? 64   THR A C   1 
ATOM   469  O O   . THR A 1 64  ? -11.496 -11.322 -0.897  1.00 28.90  ? 64   THR A O   1 
ATOM   470  C CB  . THR A 1 64  ? -10.275 -14.025 -1.601  1.00 32.55  ? 64   THR A CB  1 
ATOM   471  O OG1 . THR A 1 64  ? -9.207  -14.976 -1.519  1.00 31.25  ? 64   THR A OG1 1 
ATOM   472  C CG2 . THR A 1 64  ? -11.184 -14.396 -2.764  1.00 46.12  ? 64   THR A CG2 1 
ATOM   473  N N   . PHE A 1 65  ? -11.041 -11.069 -3.085  1.00 24.39  ? 65   PHE A N   1 
ATOM   474  C CA  . PHE A 1 65  ? -12.128 -10.129 -3.317  1.00 22.57  ? 65   PHE A CA  1 
ATOM   475  C C   . PHE A 1 65  ? -13.212 -10.818 -4.136  1.00 34.26  ? 65   PHE A C   1 
ATOM   476  O O   . PHE A 1 65  ? -13.015 -11.124 -5.310  1.00 30.02  ? 65   PHE A O   1 
ATOM   477  C CB  . PHE A 1 65  ? -11.613 -8.872  -4.020  1.00 29.02  ? 65   PHE A CB  1 
ATOM   478  C CG  . PHE A 1 65  ? -10.595 -8.100  -3.213  1.00 16.33  ? 65   PHE A CG  1 
ATOM   479  C CD1 . PHE A 1 65  ? -11.002 -7.190  -2.250  1.00 32.92  ? 65   PHE A CD1 1 
ATOM   480  C CD2 . PHE A 1 65  ? -9.239  -8.291  -3.414  1.00 31.29  ? 65   PHE A CD2 1 
ATOM   481  C CE1 . PHE A 1 65  ? -10.072 -6.481  -1.506  1.00 36.37  ? 65   PHE A CE1 1 
ATOM   482  C CE2 . PHE A 1 65  ? -8.305  -7.587  -2.675  1.00 33.60  ? 65   PHE A CE2 1 
ATOM   483  C CZ  . PHE A 1 65  ? -8.722  -6.682  -1.719  1.00 24.12  ? 65   PHE A CZ  1 
ATOM   484  N N   . LYS A 1 66  ? -14.352 -11.069 -3.501  1.00 40.10  ? 66   LYS A N   1 
ATOM   485  C CA  . LYS A 1 66  ? -15.419 -11.864 -4.105  1.00 27.90  ? 66   LYS A CA  1 
ATOM   486  C C   . LYS A 1 66  ? -16.621 -11.025 -4.531  1.00 34.48  ? 66   LYS A C   1 
ATOM   487  O O   . LYS A 1 66  ? -16.805 -9.902  -4.060  1.00 26.06  ? 66   LYS A O   1 
ATOM   488  C CB  . LYS A 1 66  ? -15.867 -12.957 -3.130  1.00 30.44  ? 66   LYS A CB  1 
ATOM   489  C CG  . LYS A 1 66  ? -14.892 -14.119 -3.019  1.00 38.96  ? 66   LYS A CG  1 
ATOM   490  C CD  . LYS A 1 66  ? -15.233 -15.054 -1.867  1.00 47.40  ? 66   LYS A CD  1 
ATOM   491  C CE  . LYS A 1 66  ? -14.433 -14.710 -0.618  1.00 88.82  ? 66   LYS A CE  1 
ATOM   492  N NZ  . LYS A 1 66  ? -14.281 -15.884 0.292   1.00 54.96  ? 66   LYS A NZ  1 
ATOM   493  N N   . VAL A 1 67  ? -17.437 -11.573 -5.428  1.00 26.43  ? 67   VAL A N   1 
ATOM   494  C CA  . VAL A 1 67  ? -18.697 -10.936 -5.791  1.00 37.50  ? 67   VAL A CA  1 
ATOM   495  C C   . VAL A 1 67  ? -19.610 -10.892 -4.572  1.00 26.85  ? 67   VAL A C   1 
ATOM   496  O O   . VAL A 1 67  ? -19.752 -11.885 -3.859  1.00 45.90  ? 67   VAL A O   1 
ATOM   497  C CB  . VAL A 1 67  ? -19.416 -11.682 -6.930  1.00 29.26  ? 67   VAL A CB  1 
ATOM   498  C CG1 . VAL A 1 67  ? -20.851 -11.203 -7.053  1.00 43.12  ? 67   VAL A CG1 1 
ATOM   499  C CG2 . VAL A 1 67  ? -18.681 -11.485 -8.238  1.00 22.47  ? 67   VAL A CG2 1 
ATOM   500  N N   . LEU A 1 68  ? -20.225 -9.737  -4.338  1.00 42.26  ? 68   LEU A N   1 
ATOM   501  C CA  . LEU A 1 68  ? -21.050 -9.526  -3.153  1.00 50.38  ? 68   LEU A CA  1 
ATOM   502  C C   . LEU A 1 68  ? -22.285 -10.423 -3.133  1.00 47.81  ? 68   LEU A C   1 
ATOM   503  O O   . LEU A 1 68  ? -22.681 -10.980 -4.158  1.00 57.00  ? 68   LEU A O   1 
ATOM   504  C CB  . LEU A 1 68  ? -21.473 -8.058  -3.056  1.00 57.51  ? 68   LEU A CB  1 
ATOM   505  C CG  . LEU A 1 68  ? -20.354 -7.016  -3.132  1.00 57.36  ? 68   LEU A CG  1 
ATOM   506  C CD1 . LEU A 1 68  ? -20.927 -5.611  -3.054  1.00 68.33  ? 68   LEU A CD1 1 
ATOM   507  C CD2 . LEU A 1 68  ? -19.321 -7.242  -2.037  1.00 66.37  ? 68   LEU A CD2 1 
ATOM   508  N N   . LYS A 1 69  ? -22.883 -10.554 -1.952  1.00 71.66  ? 69   LYS A N   1 
ATOM   509  C CA  . LYS A 1 69  ? -24.121 -11.314 -1.768  1.00 93.77  ? 69   LYS A CA  1 
ATOM   510  C C   . LYS A 1 69  ? -24.113 -12.686 -2.441  1.00 86.01  ? 69   LYS A C   1 
ATOM   511  O O   . LYS A 1 69  ? -24.964 -12.977 -3.281  1.00 71.00  ? 69   LYS A O   1 
ATOM   512  C CB  . LYS A 1 69  ? -25.327 -10.501 -2.247  1.00 73.10  ? 69   LYS A CB  1 
ATOM   513  C CG  . LYS A 1 69  ? -25.710 -9.352  -1.329  1.00 81.61  ? 69   LYS A CG  1 
ATOM   514  C CD  . LYS A 1 69  ? -26.843 -8.530  -1.924  1.00 87.65  ? 69   LYS A CD  1 
ATOM   515  C CE  . LYS A 1 69  ? -26.430 -7.907  -3.248  1.00 85.43  ? 69   LYS A CE  1 
ATOM   516  N NZ  . LYS A 1 69  ? -27.530 -7.130  -3.884  1.00 71.97  ? 69   LYS A NZ  1 
ATOM   517  N N   . GLU A 1 70  ? -23.151 -13.523 -2.060  1.00 74.57  ? 70   GLU A N   1 
ATOM   518  C CA  . GLU A 1 70  ? -23.076 -14.899 -2.547  1.00 72.38  ? 70   GLU A CA  1 
ATOM   519  C C   . GLU A 1 70  ? -23.051 -15.004 -4.069  1.00 73.76  ? 70   GLU A C   1 
ATOM   520  O O   . GLU A 1 70  ? -23.429 -16.031 -4.632  1.00 69.27  ? 70   GLU A O   1 
ATOM   521  C CB  . GLU A 1 70  ? -24.232 -15.734 -1.989  1.00 99.66  ? 70   GLU A CB  1 
ATOM   522  C CG  . GLU A 1 70  ? -24.217 -15.890 -0.477  1.00 119.57 ? 70   GLU A CG  1 
ATOM   523  C CD  . GLU A 1 70  ? -25.329 -16.793 0.025   1.00 129.85 ? 70   GLU A CD  1 
ATOM   524  O OE1 . GLU A 1 70  ? -25.859 -17.589 -0.778  1.00 116.62 ? 70   GLU A OE1 1 
ATOM   525  O OE2 . GLU A 1 70  ? -25.674 -16.703 1.222   1.00 103.16 ? 70   GLU A OE2 1 
ATOM   526  N N   . GLY A 1 71  ? -22.608 -13.942 -4.731  1.00 74.82  ? 101  GLY A N   1 
ATOM   527  C CA  . GLY A 1 71  ? -22.495 -13.946 -6.178  1.00 74.56  ? 101  GLY A CA  1 
ATOM   528  C C   . GLY A 1 71  ? -23.621 -13.211 -6.879  1.00 84.66  ? 101  GLY A C   1 
ATOM   529  O O   . GLY A 1 71  ? -23.713 -13.230 -8.107  1.00 59.10  ? 101  GLY A O   1 
ATOM   530  N N   . SER A 1 72  ? -24.476 -12.554 -6.102  1.00 74.09  ? 102  SER A N   1 
ATOM   531  C CA  . SER A 1 72  ? -25.625 -11.847 -6.657  1.00 78.49  ? 102  SER A CA  1 
ATOM   532  C C   . SER A 1 72  ? -25.411 -10.335 -6.719  1.00 85.95  ? 102  SER A C   1 
ATOM   533  O O   . SER A 1 72  ? -26.016 -9.647  -7.543  1.00 73.51  ? 102  SER A O   1 
ATOM   534  C CB  . SER A 1 72  ? -26.889 -12.174 -5.855  1.00 86.90  ? 102  SER A CB  1 
ATOM   535  O OG  . SER A 1 72  ? -26.684 -11.960 -4.470  1.00 86.23  ? 102  SER A OG  1 
ATOM   536  N N   . GLY A 1 73  ? -24.545 -9.824  -5.851  1.00 83.03  ? 103  GLY A N   1 
ATOM   537  C CA  . GLY A 1 73  ? -24.293 -8.395  -5.779  1.00 42.93  ? 103  GLY A CA  1 
ATOM   538  C C   . GLY A 1 73  ? -23.209 -7.907  -6.722  1.00 56.47  ? 103  GLY A C   1 
ATOM   539  O O   . GLY A 1 73  ? -22.953 -8.510  -7.764  1.00 44.85  ? 103  GLY A O   1 
ATOM   540  N N   . ALA A 1 74  ? -22.569 -6.804  -6.346  1.00 34.10  ? 104  ALA A N   1 
ATOM   541  C CA  . ALA A 1 74  ? -21.524 -6.203  -7.167  1.00 36.13  ? 104  ALA A CA  1 
ATOM   542  C C   . ALA A 1 74  ? -20.266 -7.064  -7.218  1.00 24.76  ? 104  ALA A C   1 
ATOM   543  O O   . ALA A 1 74  ? -20.018 -7.885  -6.331  1.00 31.01  ? 104  ALA A O   1 
ATOM   544  C CB  . ALA A 1 74  ? -21.193 -4.807  -6.655  1.00 34.48  ? 104  ALA A CB  1 
ATOM   545  N N   . LYS A 1 75  ? -19.472 -6.872  -8.265  1.00 30.38  ? 105  LYS A N   1 
ATOM   546  C CA  . LYS A 1 75  ? -18.241 -7.631  -8.442  1.00 37.66  ? 105  LYS A CA  1 
ATOM   547  C C   . LYS A 1 75  ? -17.032 -6.712  -8.585  1.00 33.76  ? 105  LYS A C   1 
ATOM   548  O O   . LYS A 1 75  ? -17.159 -5.580  -9.056  1.00 27.65  ? 105  LYS A O   1 
ATOM   549  C CB  . LYS A 1 75  ? -18.361 -8.561  -9.653  1.00 23.14  ? 105  LYS A CB  1 
ATOM   550  C CG  . LYS A 1 75  ? -18.779 -7.872  -10.937 1.00 38.45  ? 105  LYS A CG  1 
ATOM   551  C CD  . LYS A 1 75  ? -19.303 -8.881  -11.949 1.00 50.67  ? 105  LYS A CD  1 
ATOM   552  C CE  . LYS A 1 75  ? -18.197 -9.784  -12.476 1.00 72.60  ? 105  LYS A CE  1 
ATOM   553  N NZ  . LYS A 1 75  ? -17.274 -9.066  -13.400 1.00 62.22  ? 105  LYS A NZ  1 
ATOM   554  N N   . PRO A 1 76  ? -15.849 -7.192  -8.166  1.00 28.88  ? 106  PRO A N   1 
ATOM   555  C CA  . PRO A 1 76  ? -14.630 -6.388  -8.287  1.00 28.32  ? 106  PRO A CA  1 
ATOM   556  C C   . PRO A 1 76  ? -14.293 -6.150  -9.752  1.00 20.65  ? 106  PRO A C   1 
ATOM   557  O O   . PRO A 1 76  ? -14.425 -7.063  -10.566 1.00 39.04  ? 106  PRO A O   1 
ATOM   558  C CB  . PRO A 1 76  ? -13.564 -7.264  -7.626  1.00 31.52  ? 106  PRO A CB  1 
ATOM   559  C CG  . PRO A 1 76  ? -14.098 -8.654  -7.728  1.00 37.62  ? 106  PRO A CG  1 
ATOM   560  C CD  . PRO A 1 76  ? -15.583 -8.522  -7.593  1.00 32.07  ? 106  PRO A CD  1 
ATOM   561  N N   . ARG A 1 77  ? -13.870 -4.934  -10.076 1.00 27.00  ? 107  ARG A N   1 
ATOM   562  C CA  . ARG A 1 77  ? -13.584 -4.557  -11.452 1.00 29.95  ? 107  ARG A CA  1 
ATOM   563  C C   . ARG A 1 77  ? -12.129 -4.143  -11.626 1.00 27.76  ? 107  ARG A C   1 
ATOM   564  O O   . ARG A 1 77  ? -11.551 -4.310  -12.698 1.00 34.82  ? 107  ARG A O   1 
ATOM   565  C CB  . ARG A 1 77  ? -14.498 -3.409  -11.886 1.00 23.74  ? 107  ARG A CB  1 
ATOM   566  C CG  . ARG A 1 77  ? -15.961 -3.798  -12.074 1.00 37.47  ? 107  ARG A CG  1 
ATOM   567  C CD  . ARG A 1 77  ? -16.135 -4.728  -13.266 1.00 29.58  ? 107  ARG A CD  1 
ATOM   568  N NE  . ARG A 1 77  ? -15.306 -4.313  -14.393 1.00 50.18  ? 107  ARG A NE  1 
ATOM   569  C CZ  . ARG A 1 77  ? -14.339 -5.055  -14.927 1.00 48.09  ? 107  ARG A CZ  1 
ATOM   570  N NH1 . ARG A 1 77  ? -14.082 -6.263  -14.447 1.00 46.73  ? 107  ARG A NH1 1 
ATOM   571  N NH2 . ARG A 1 77  ? -13.634 -4.589  -15.948 1.00 59.59  ? 107  ARG A NH2 1 
ATOM   572  N N   . ALA A 1 78  ? -11.544 -3.598  -10.566 1.00 25.61  ? 108  ALA A N   1 
ATOM   573  C CA  . ALA A 1 78  ? -10.186 -3.076  -10.640 1.00 22.79  ? 108  ALA A CA  1 
ATOM   574  C C   . ALA A 1 78  ? -9.507  -3.071  -9.278  1.00 19.18  ? 108  ALA A C   1 
ATOM   575  O O   . ALA A 1 78  ? -10.169 -3.123  -8.241  1.00 24.34  ? 108  ALA A O   1 
ATOM   576  C CB  . ALA A 1 78  ? -10.192 -1.673  -11.238 1.00 20.40  ? 108  ALA A CB  1 
ATOM   577  N N   . ILE A 1 79  ? -8.180  -3.008  -9.299  1.00 20.92  ? 109  ILE A N   1 
ATOM   578  C CA  . ILE A 1 79  ? -7.370  -2.987  -8.091  1.00 20.70  ? 109  ILE A CA  1 
ATOM   579  C C   . ILE A 1 79  ? -6.346  -1.858  -8.167  1.00 18.52  ? 109  ILE A C   1 
ATOM   580  O O   . ILE A 1 79  ? -5.670  -1.695  -9.180  1.00 23.54  ? 109  ILE A O   1 
ATOM   581  C CB  . ILE A 1 79  ? -6.594  -4.317  -7.922  1.00 17.25  ? 109  ILE A CB  1 
ATOM   582  C CG1 . ILE A 1 79  ? -7.553  -5.474  -7.647  1.00 18.89  ? 109  ILE A CG1 1 
ATOM   583  C CG2 . ILE A 1 79  ? -5.550  -4.202  -6.808  1.00 16.91  ? 109  ILE A CG2 1 
ATOM   584  C CD1 . ILE A 1 79  ? -8.110  -5.481  -6.246  1.00 25.73  ? 109  ILE A CD1 1 
ATOM   585  N N   . GLN A 1 80  ? -6.242  -1.067  -7.106  1.00 18.38  ? 110  GLN A N   1 
ATOM   586  C CA  . GLN A 1 80  ? -5.104  -0.171  -6.972  1.00 18.67  ? 110  GLN A CA  1 
ATOM   587  C C   . GLN A 1 80  ? -4.331  -0.530  -5.721  1.00 17.97  ? 110  GLN A C   1 
ATOM   588  O O   . GLN A 1 80  ? -4.896  -0.589  -4.629  1.00 21.50  ? 110  GLN A O   1 
ATOM   589  C CB  . GLN A 1 80  ? -5.510  1.304   -6.926  1.00 16.57  ? 110  GLN A CB  1 
ATOM   590  C CG  . GLN A 1 80  ? -4.293  2.224   -6.854  1.00 14.40  ? 110  GLN A CG  1 
ATOM   591  C CD  . GLN A 1 80  ? -4.642  3.696   -6.721  1.00 24.61  ? 110  GLN A CD  1 
ATOM   592  O OE1 . GLN A 1 80  ? -3.760  4.553   -6.739  1.00 21.40  ? 110  GLN A OE1 1 
ATOM   593  N NE2 . GLN A 1 80  ? -5.929  3.995   -6.587  1.00 15.74  ? 110  GLN A NE2 1 
ATOM   594  N N   . ILE A 1 81  ? -3.038  -0.779  -5.894  1.00 17.16  ? 111  ILE A N   1 
ATOM   595  C CA  . ILE A 1 81  ? -2.156  -1.088  -4.775  1.00 11.46  ? 111  ILE A CA  1 
ATOM   596  C C   . ILE A 1 81  ? -1.274  0.115   -4.473  1.00 20.50  ? 111  ILE A C   1 
ATOM   597  O O   . ILE A 1 81  ? -0.584  0.635   -5.357  1.00 17.06  ? 111  ILE A O   1 
ATOM   598  C CB  . ILE A 1 81  ? -1.271  -2.315  -5.079  1.00 15.91  ? 111  ILE A CB  1 
ATOM   599  C CG1 . ILE A 1 81  ? -2.145  -3.518  -5.457  1.00 16.27  ? 111  ILE A CG1 1 
ATOM   600  C CG2 . ILE A 1 81  ? -0.384  -2.647  -3.889  1.00 16.89  ? 111  ILE A CG2 1 
ATOM   601  C CD1 . ILE A 1 81  ? -1.354  -4.716  -5.923  1.00 24.76  ? 111  ILE A CD1 1 
ATOM   602  N N   . ILE A 1 82  ? -1.318  0.566   -3.224  1.00 19.88  ? 112  ILE A N   1 
ATOM   603  C CA  . ILE A 1 82  ? -0.527  1.710   -2.795  1.00 23.90  ? 112  ILE A CA  1 
ATOM   604  C C   . ILE A 1 82  ? 0.478   1.295   -1.734  1.00 20.16  ? 112  ILE A C   1 
ATOM   605  O O   . ILE A 1 82  ? 0.125   0.628   -0.762  1.00 22.63  ? 112  ILE A O   1 
ATOM   606  C CB  . ILE A 1 82  ? -1.409  2.827   -2.189  1.00 21.41  ? 112  ILE A CB  1 
ATOM   607  C CG1 . ILE A 1 82  ? -2.546  3.203   -3.139  1.00 16.55  ? 112  ILE A CG1 1 
ATOM   608  C CG2 . ILE A 1 82  ? -0.563  4.050   -1.865  1.00 19.71  ? 112  ILE A CG2 1 
ATOM   609  C CD1 . ILE A 1 82  ? -2.076  3.740   -4.458  1.00 54.13  ? 112  ILE A CD1 1 
ATOM   610  N N   . PHE A 1 83  ? 1.731   1.687   -1.928  1.00 16.73  ? 113  PHE A N   1 
ATOM   611  C CA  . PHE A 1 83  ? 2.745   1.553   -0.889  1.00 17.59  ? 113  PHE A CA  1 
ATOM   612  C C   . PHE A 1 83  ? 3.156   2.927   -0.367  1.00 19.43  ? 113  PHE A C   1 
ATOM   613  O O   . PHE A 1 83  ? 3.196   3.899   -1.121  1.00 23.61  ? 113  PHE A O   1 
ATOM   614  C CB  . PHE A 1 83  ? 3.977   0.822   -1.421  1.00 21.74  ? 113  PHE A CB  1 
ATOM   615  C CG  . PHE A 1 83  ? 3.866   -0.675  -1.380  1.00 19.00  ? 113  PHE A CG  1 
ATOM   616  C CD1 . PHE A 1 83  ? 4.187   -1.376  -0.229  1.00 20.81  ? 113  PHE A CD1 1 
ATOM   617  C CD2 . PHE A 1 83  ? 3.456   -1.382  -2.498  1.00 18.63  ? 113  PHE A CD2 1 
ATOM   618  C CE1 . PHE A 1 83  ? 4.092   -2.755  -0.191  1.00 18.23  ? 113  PHE A CE1 1 
ATOM   619  C CE2 . PHE A 1 83  ? 3.362   -2.758  -2.468  1.00 13.08  ? 113  PHE A CE2 1 
ATOM   620  C CZ  . PHE A 1 83  ? 3.680   -3.447  -1.311  1.00 20.07  ? 113  PHE A CZ  1 
ATOM   621  N N   . SER A 1 84  ? 3.459   3.002   0.925   1.00 21.41  ? 114  SER A N   1 
ATOM   622  C CA  . SER A 1 84  ? 4.025   4.213   1.510   1.00 18.97  ? 114  SER A CA  1 
ATOM   623  C C   . SER A 1 84  ? 5.396   4.467   0.892   1.00 22.91  ? 114  SER A C   1 
ATOM   624  O O   . SER A 1 84  ? 6.000   3.553   0.336   1.00 20.28  ? 114  SER A O   1 
ATOM   625  C CB  . SER A 1 84  ? 4.156   4.065   3.028   1.00 17.48  ? 114  SER A CB  1 
ATOM   626  O OG  . SER A 1 84  ? 4.993   2.973   3.362   1.00 17.80  ? 114  SER A OG  1 
ATOM   627  N N   . PRO A 1 85  ? 5.897   5.708   0.990   1.00 17.79  ? 115  PRO A N   1 
ATOM   628  C CA  . PRO A 1 85  ? 7.197   6.057   0.398   1.00 17.30  ? 115  PRO A CA  1 
ATOM   629  C C   . PRO A 1 85  ? 8.377   5.321   1.031   1.00 21.39  ? 115  PRO A C   1 
ATOM   630  O O   . PRO A 1 85  ? 9.479   5.358   0.483   1.00 20.89  ? 115  PRO A O   1 
ATOM   631  C CB  . PRO A 1 85  ? 7.311   7.564   0.657   1.00 29.72  ? 115  PRO A CB  1 
ATOM   632  C CG  . PRO A 1 85  ? 6.366   7.843   1.776   1.00 25.43  ? 115  PRO A CG  1 
ATOM   633  C CD  . PRO A 1 85  ? 5.239   6.868   1.611   1.00 21.50  ? 115  PRO A CD  1 
ATOM   634  N N   . SER A 1 86  ? 8.150   4.668   2.167   1.00 18.89  ? 116  SER A N   1 
ATOM   635  C CA  . SER A 1 86  ? 9.221   3.959   2.868   1.00 17.66  ? 116  SER A CA  1 
ATOM   636  C C   . SER A 1 86  ? 9.567   2.624   2.227   1.00 26.06  ? 116  SER A C   1 
ATOM   637  O O   . SER A 1 86  ? 10.561  2.000   2.589   1.00 25.21  ? 116  SER A O   1 
ATOM   638  C CB  . SER A 1 86  ? 8.849   3.734   4.337   1.00 18.19  ? 116  SER A CB  1 
ATOM   639  O OG  . SER A 1 86  ? 7.648   2.983   4.447   1.00 26.92  ? 116  SER A OG  1 
ATOM   640  N N   . VAL A 1 87  ? 8.747   2.179   1.282   1.00 17.77  ? 117  VAL A N   1 
ATOM   641  C CA  . VAL A 1 87  ? 9.002   0.902   0.629   1.00 18.90  ? 117  VAL A CA  1 
ATOM   642  C C   . VAL A 1 87  ? 10.163  0.998   -0.355  1.00 24.34  ? 117  VAL A C   1 
ATOM   643  O O   . VAL A 1 87  ? 10.377  2.029   -0.988  1.00 18.60  ? 117  VAL A O   1 
ATOM   644  C CB  . VAL A 1 87  ? 7.762   0.365   -0.116  1.00 29.00  ? 117  VAL A CB  1 
ATOM   645  C CG1 . VAL A 1 87  ? 7.564   1.102   -1.438  1.00 25.00  ? 117  VAL A CG1 1 
ATOM   646  C CG2 . VAL A 1 87  ? 7.910   -1.124  -0.365  1.00 18.09  ? 117  VAL A CG2 1 
ATOM   647  N N   . ASN A 1 88  ? 10.920  -0.087  -0.462  1.00 20.12  ? 118  ASN A N   1 
ATOM   648  C CA  . ASN A 1 88  ? 11.887  -0.227  -1.535  1.00 22.85  ? 118  ASN A CA  1 
ATOM   649  C C   . ASN A 1 88  ? 11.164  -0.788  -2.758  1.00 21.14  ? 118  ASN A C   1 
ATOM   650  O O   . ASN A 1 88  ? 10.833  -1.970  -2.808  1.00 17.65  ? 118  ASN A O   1 
ATOM   651  C CB  . ASN A 1 88  ? 13.027  -1.147  -1.100  1.00 23.43  ? 118  ASN A CB  1 
ATOM   652  C CG  . ASN A 1 88  ? 14.094  -1.295  -2.160  1.00 26.62  ? 118  ASN A CG  1 
ATOM   653  O OD1 . ASN A 1 88  ? 13.837  -1.098  -3.345  1.00 23.70  ? 118  ASN A OD1 1 
ATOM   654  N ND2 . ASN A 1 88  ? 15.301  -1.652  -1.740  1.00 27.28  ? 118  ASN A ND2 1 
ATOM   655  N N   . VAL A 1 89  ? 10.905  0.066   -3.740  1.00 20.47  ? 119  VAL A N   1 
ATOM   656  C CA  . VAL A 1 89  ? 10.106  -0.330  -4.900  1.00 18.86  ? 119  VAL A CA  1 
ATOM   657  C C   . VAL A 1 89  ? 10.625  -1.599  -5.584  1.00 22.52  ? 119  VAL A C   1 
ATOM   658  O O   . VAL A 1 89  ? 9.845   -2.369  -6.155  1.00 19.16  ? 119  VAL A O   1 
ATOM   659  C CB  . VAL A 1 89  ? 9.991   0.820   -5.913  1.00 27.61  ? 119  VAL A CB  1 
ATOM   660  C CG1 . VAL A 1 89  ? 9.315   0.349   -7.179  1.00 25.13  ? 119  VAL A CG1 1 
ATOM   661  C CG2 . VAL A 1 89  ? 9.211   1.970   -5.299  1.00 27.68  ? 119  VAL A CG2 1 
ATOM   662  N N   . ARG A 1 90  ? 11.934  -1.823  -5.513  1.00 16.67  ? 120  ARG A N   1 
ATOM   663  C CA  . ARG A 1 90  ? 12.550  -2.981  -6.161  1.00 30.32  ? 120  ARG A CA  1 
ATOM   664  C C   . ARG A 1 90  ? 12.257  -4.309  -5.456  1.00 23.25  ? 120  ARG A C   1 
ATOM   665  O O   . ARG A 1 90  ? 12.469  -5.379  -6.029  1.00 18.50  ? 120  ARG A O   1 
ATOM   666  C CB  . ARG A 1 90  ? 14.062  -2.777  -6.320  1.00 19.28  ? 120  ARG A CB  1 
ATOM   667  C CG  . ARG A 1 90  ? 14.445  -1.879  -7.494  1.00 33.78  ? 120  ARG A CG  1 
ATOM   668  C CD  . ARG A 1 90  ? 15.263  -0.679  -7.047  1.00 57.58  ? 120  ARG A CD  1 
ATOM   669  N NE  . ARG A 1 90  ? 16.680  -0.995  -6.879  1.00 43.67  ? 120  ARG A NE  1 
ATOM   670  C CZ  . ARG A 1 90  ? 17.602  -0.805  -7.819  1.00 78.12  ? 120  ARG A CZ  1 
ATOM   671  N NH1 . ARG A 1 90  ? 17.257  -0.302  -8.996  1.00 70.34  ? 120  ARG A NH1 1 
ATOM   672  N NH2 . ARG A 1 90  ? 18.868  -1.119  -7.581  1.00 87.07  ? 120  ARG A NH2 1 
ATOM   673  N N   . THR A 1 91  ? 11.767  -4.242  -4.222  1.00 17.23  ? 121  THR A N   1 
ATOM   674  C CA  . THR A 1 91  ? 11.460  -5.447  -3.456  1.00 18.82  ? 121  THR A CA  1 
ATOM   675  C C   . THR A 1 91  ? 9.998   -5.859  -3.591  1.00 18.08  ? 121  THR A C   1 
ATOM   676  O O   . THR A 1 91  ? 9.596   -6.914  -3.102  1.00 17.83  ? 121  THR A O   1 
ATOM   677  C CB  . THR A 1 91  ? 11.748  -5.243  -1.966  1.00 19.60  ? 121  THR A CB  1 
ATOM   678  O OG1 . THR A 1 91  ? 10.868  -4.237  -1.453  1.00 16.89  ? 121  THR A OG1 1 
ATOM   679  C CG2 . THR A 1 91  ? 13.196  -4.813  -1.746  1.00 17.58  ? 121  THR A CG2 1 
ATOM   680  N N   . ILE A 1 92  ? 9.204   -5.018  -4.240  1.00 19.10  ? 122  ILE A N   1 
ATOM   681  C CA  . ILE A 1 92  ? 7.778   -5.280  -4.368  1.00 23.79  ? 122  ILE A CA  1 
ATOM   682  C C   . ILE A 1 92  ? 7.525   -6.535  -5.192  1.00 28.23  ? 122  ILE A C   1 
ATOM   683  O O   . ILE A 1 92  ? 8.104   -6.718  -6.262  1.00 16.77  ? 122  ILE A O   1 
ATOM   684  C CB  . ILE A 1 92  ? 7.027   -4.080  -4.978  1.00 20.25  ? 122  ILE A CB  1 
ATOM   685  C CG1 . ILE A 1 92  ? 7.030   -2.903  -4.002  1.00 14.61  ? 122  ILE A CG1 1 
ATOM   686  C CG2 . ILE A 1 92  ? 5.595   -4.459  -5.318  1.00 17.89  ? 122  ILE A CG2 1 
ATOM   687  C CD1 . ILE A 1 92  ? 6.441   -1.624  -4.585  1.00 12.54  ? 122  ILE A CD1 1 
ATOM   688  N N   . LYS A 1 93  ? 6.666   -7.404  -4.670  1.00 16.21  ? 123  LYS A N   1 
ATOM   689  C CA  . LYS A 1 93  ? 6.314   -8.646  -5.342  1.00 16.51  ? 123  LYS A CA  1 
ATOM   690  C C   . LYS A 1 93  ? 4.801   -8.821  -5.308  1.00 16.28  ? 123  LYS A C   1 
ATOM   691  O O   . LYS A 1 93  ? 4.142   -8.394  -4.360  1.00 23.13  ? 123  LYS A O   1 
ATOM   692  C CB  . LYS A 1 93  ? 6.985   -9.829  -4.646  1.00 15.84  ? 123  LYS A CB  1 
ATOM   693  C CG  . LYS A 1 93  ? 8.508   -9.798  -4.696  1.00 21.23  ? 123  LYS A CG  1 
ATOM   694  C CD  . LYS A 1 93  ? 9.112   -10.796 -3.718  1.00 17.43  ? 123  LYS A CD  1 
ATOM   695  C CE  . LYS A 1 93  ? 10.611  -10.938 -3.927  1.00 21.52  ? 123  LYS A CE  1 
ATOM   696  N NZ  . LYS A 1 93  ? 11.313  -9.628  -3.816  1.00 24.13  ? 123  LYS A NZ  1 
ATOM   697  N N   . MET A 1 94  ? 4.253   -9.443  -6.344  1.00 14.03  ? 124  MET A N   1 
ATOM   698  C CA  . MET A 1 94  ? 2.822   -9.717  -6.393  1.00 18.52  ? 124  MET A CA  1 
ATOM   699  C C   . MET A 1 94  ? 2.526   -11.090 -6.969  1.00 20.05  ? 124  MET A C   1 
ATOM   700  O O   . MET A 1 94  ? 3.111   -11.504 -7.970  1.00 20.05  ? 124  MET A O   1 
ATOM   701  C CB  . MET A 1 94  ? 2.074   -8.649  -7.194  1.00 18.12  ? 124  MET A CB  1 
ATOM   702  C CG  . MET A 1 94  ? 0.549   -8.808  -7.155  1.00 15.83  ? 124  MET A CG  1 
ATOM   703  S SD  . MET A 1 94  ? -0.359  -7.436  -7.906  1.00 23.30  ? 124  MET A SD  1 
ATOM   704  C CE  . MET A 1 94  ? 0.050   -7.657  -9.632  1.00 18.49  ? 124  MET A CE  1 
ATOM   705  N N   . ALA A 1 95  ? 1.607   -11.788 -6.316  1.00 20.51  ? 125  ALA A N   1 
ATOM   706  C CA  . ALA A 1 95  ? 1.092   -13.050 -6.815  1.00 24.86  ? 125  ALA A CA  1 
ATOM   707  C C   . ALA A 1 95  ? -0.417  -12.909 -6.896  1.00 24.32  ? 125  ALA A C   1 
ATOM   708  O O   . ALA A 1 95  ? -1.045  -12.424 -5.957  1.00 27.45  ? 125  ALA A O   1 
ATOM   709  C CB  . ALA A 1 95  ? 1.465   -14.175 -5.872  1.00 17.85  ? 125  ALA A CB  1 
ATOM   710  N N   . LYS A 1 96  ? -1.007  -13.313 -8.016  1.00 26.07  ? 126  LYS A N   1 
ATOM   711  C CA  . LYS A 1 96  ? -2.456  -13.219 -8.145  1.00 25.38  ? 126  LYS A CA  1 
ATOM   712  C C   . LYS A 1 96  ? -3.105  -14.436 -8.792  1.00 40.85  ? 126  LYS A C   1 
ATOM   713  O O   . LYS A 1 96  ? -2.468  -15.173 -9.544  1.00 33.18  ? 126  LYS A O   1 
ATOM   714  C CB  . LYS A 1 96  ? -2.861  -11.939 -8.880  1.00 38.56  ? 126  LYS A CB  1 
ATOM   715  C CG  . LYS A 1 96  ? -2.512  -11.905 -10.355 1.00 38.19  ? 126  LYS A CG  1 
ATOM   716  C CD  . LYS A 1 96  ? -2.940  -10.577 -10.963 1.00 36.71  ? 126  LYS A CD  1 
ATOM   717  C CE  . LYS A 1 96  ? -2.574  -10.490 -12.435 1.00 51.63  ? 126  LYS A CE  1 
ATOM   718  N NZ  . LYS A 1 96  ? -2.993  -9.186  -13.025 1.00 52.65  ? 126  LYS A NZ  1 
ATOM   719  N N   . GLY A 1 97  ? -4.376  -14.628 -8.454  1.00 35.25  ? 127  GLY A N   1 
ATOM   720  C CA  . GLY A 1 97  ? -5.248  -15.573 -9.119  1.00 57.07  ? 127  GLY A CA  1 
ATOM   721  C C   . GLY A 1 97  ? -6.574  -14.887 -9.387  1.00 47.51  ? 127  GLY A C   1 
ATOM   722  O O   . GLY A 1 97  ? -7.030  -14.078 -8.581  1.00 49.33  ? 127  GLY A O   1 
ATOM   723  N N   . ASN A 1 98  ? -7.204  -15.214 -10.508 1.00 68.52  ? 128  ASN A N   1 
ATOM   724  C CA  . ASN A 1 98  ? -8.485  -14.609 -10.877 1.00 73.75  ? 128  ASN A CA  1 
ATOM   725  C C   . ASN A 1 98  ? -9.651  -15.439 -10.356 1.00 61.19  ? 128  ASN A C   1 
ATOM   726  O O   . ASN A 1 98  ? -10.807 -15.177 -10.676 1.00 57.86  ? 128  ASN A O   1 
ATOM   727  C CB  . ASN A 1 98  ? -8.601  -14.440 -12.397 1.00 78.38  ? 128  ASN A CB  1 
ATOM   728  C CG  . ASN A 1 98  ? -7.866  -13.218 -12.907 1.00 79.35  ? 128  ASN A CG  1 
ATOM   729  O OD1 . ASN A 1 98  ? -8.173  -12.090 -12.522 1.00 60.28  ? 128  ASN A OD1 1 
ATOM   730  N ND2 . ASN A 1 98  ? -6.889  -13.435 -13.778 1.00 55.34  ? 128  ASN A ND2 1 
ATOM   731  N N   . ALA A 1 99  ? -9.328  -16.459 -9.572  1.00 56.09  ? 129  ALA A N   1 
ATOM   732  C CA  . ALA A 1 99  ? -10.293 -17.454 -9.142  1.00 62.12  ? 129  ALA A CA  1 
ATOM   733  C C   . ALA A 1 99  ? -10.178 -17.738 -7.650  1.00 56.00  ? 129  ALA A C   1 
ATOM   734  O O   . ALA A 1 99  ? -9.226  -17.326 -6.989  1.00 60.59  ? 129  ALA A O   1 
ATOM   735  C CB  . ALA A 1 99  ? -10.108 -18.738 -9.936  1.00 83.68  ? 129  ALA A CB  1 
ATOM   736  N N   . VAL A 1 100 ? -11.178 -18.442 -7.135  1.00 104.74 ? 130  VAL A N   1 
ATOM   737  C CA  . VAL A 1 100 ? -11.190 -18.918 -5.762  1.00 52.15  ? 130  VAL A CA  1 
ATOM   738  C C   . VAL A 1 100 ? -10.525 -20.287 -5.807  1.00 78.55  ? 130  VAL A C   1 
ATOM   739  O O   . VAL A 1 100 ? -10.563 -21.056 -4.848  1.00 79.57  ? 130  VAL A O   1 
ATOM   740  C CB  . VAL A 1 100 ? -12.622 -19.023 -5.205  1.00 84.15  ? 130  VAL A CB  1 
ATOM   741  C CG1 . VAL A 1 100 ? -12.603 -19.451 -3.740  1.00 59.82  ? 130  VAL A CG1 1 
ATOM   742  C CG2 . VAL A 1 100 ? -13.340 -17.690 -5.352  1.00 44.12  ? 130  VAL A CG2 1 
ATOM   743  N N   . SER A 1 101 ? -9.926  -20.582 -6.957  1.00 71.22  ? 131  SER A N   1 
ATOM   744  C CA  . SER A 1 101 ? -9.338  -21.892 -7.224  1.00 72.29  ? 131  SER A CA  1 
ATOM   745  C C   . SER A 1 101 ? -8.038  -21.806 -8.022  1.00 96.76  ? 131  SER A C   1 
ATOM   746  O O   . SER A 1 101 ? -7.903  -22.439 -9.068  1.00 85.20  ? 131  SER A O   1 
ATOM   747  C CB  . SER A 1 101 ? -10.335 -22.802 -7.945  1.00 59.85  ? 131  SER A CB  1 
ATOM   748  O OG  . SER A 1 101 ? -9.742  -24.052 -8.256  1.00 47.71  ? 131  SER A OG  1 
ATOM   749  N N   . VAL A 1 102 ? -7.018  -21.160 -7.464  1.00 78.63  ? 132  VAL A N   1 
ATOM   750  C CA  . VAL A 1 102 ? -5.662  -21.321 -8.034  1.00 108.74 ? 132  VAL A CA  1 
ATOM   751  C C   . VAL A 1 102 ? -5.613  -21.021 -9.530  1.00 109.96 ? 132  VAL A C   1 
ATOM   752  O O   . VAL A 1 102 ? -5.189  -21.857 -10.327 1.00 115.92 ? 132  VAL A O   1 
ATOM   753  C CB  . VAL A 1 102 ? -5.160  -22.761 -7.831  1.00 104.67 ? 132  VAL A CB  1 
ATOM   754  C CG1 . VAL A 1 102 ? -4.657  -22.954 -6.408  1.00 75.07  ? 132  VAL A CG1 1 
ATOM   755  C CG2 . VAL A 1 102 ? -6.262  -23.758 -8.155  1.00 107.92 ? 132  VAL A CG2 1 
ATOM   756  N N   . PRO A 1 103 ? -6.002  -19.798 -9.873  1.00 112.30 ? 133  PRO A N   1 
ATOM   757  C CA  . PRO A 1 103 ? -6.280  -19.358 -11.244 1.00 111.26 ? 133  PRO A CA  1 
ATOM   758  C C   . PRO A 1 103 ? -5.104  -19.426 -12.213 1.00 121.33 ? 133  PRO A C   1 
ATOM   759  O O   . PRO A 1 103 ? -5.328  -19.692 -13.392 1.00 100.78 ? 133  PRO A O   1 
ATOM   760  C CB  . PRO A 1 103 ? -6.690  -17.889 -11.045 1.00 107.82 ? 133  PRO A CB  1 
ATOM   761  C CG  . PRO A 1 103 ? -5.867  -17.464 -9.858  1.00 99.10  ? 133  PRO A CG  1 
ATOM   762  C CD  . PRO A 1 103 ? -5.969  -18.661 -8.936  1.00 84.74  ? 133  PRO A CD  1 
ATOM   763  N N   . ASP A 1 104 ? -3.889  -19.165 -11.746 1.00 127.54 ? 134  ASP A N   1 
ATOM   764  C CA  . ASP A 1 104 ? -2.769  -18.893 -12.640 1.00 120.67 ? 134  ASP A CA  1 
ATOM   765  C C   . ASP A 1 104 ? -2.157  -20.170 -13.211 1.00 99.51  ? 134  ASP A C   1 
ATOM   766  O O   . ASP A 1 104 ? -1.176  -20.696 -12.692 1.00 99.70  ? 134  ASP A O   1 
ATOM   767  C CB  . ASP A 1 104 ? -1.684  -18.108 -11.888 1.00 90.70  ? 134  ASP A CB  1 
ATOM   768  C CG  . ASP A 1 104 ? -0.838  -17.249 -12.806 1.00 86.86  ? 134  ASP A CG  1 
ATOM   769  O OD1 . ASP A 1 104 ? 0.049   -17.799 -13.490 1.00 69.76  ? 134  ASP A OD1 1 
ATOM   770  O OD2 . ASP A 1 104 ? -1.057  -16.019 -12.838 1.00 74.07  ? 134  ASP A OD2 1 
ATOM   771  N N   . GLU A 1 105 ? -2.754  -20.645 -14.301 1.00 84.10  ? 135  GLU A N   1 
ATOM   772  C CA  . GLU A 1 105 ? -2.226  -21.818 -15.035 1.00 78.84  ? 135  GLU A CA  1 
ATOM   773  C C   . GLU A 1 105 ? -2.135  -23.035 -14.099 1.00 78.64  ? 135  GLU A C   1 
ATOM   774  O O   . GLU A 1 105 ? -3.118  -23.370 -13.440 1.00 77.71  ? 135  GLU A O   1 
ATOM   775  C CB  . GLU A 1 105 ? -0.884  -21.453 -15.689 1.00 63.69  ? 135  GLU A CB  1 
ATOM   776  C CG  . GLU A 1 105 ? -0.965  -20.229 -16.590 1.00 66.40  ? 135  GLU A CG  1 
ATOM   777  C CD  . GLU A 1 105 ? 0.279   -20.059 -17.439 1.00 94.41  ? 135  GLU A CD  1 
ATOM   778  O OE1 . GLU A 1 105 ? 1.258   -19.459 -16.948 1.00 74.79  ? 135  GLU A OE1 1 
ATOM   779  O OE2 . GLU A 1 105 ? 0.276   -20.531 -18.596 1.00 59.31  ? 135  GLU A OE2 1 
ATOM   780  N N   . TYR A 1 106 ? -0.986  -23.704 -14.044 1.00 29.99  ? 136  TYR A N   1 
ATOM   781  C CA  . TYR A 1 106 ? -0.839  -24.914 -13.255 1.00 33.17  ? 136  TYR A CA  1 
ATOM   782  C C   . TYR A 1 106 ? 0.294   -24.725 -12.259 1.00 24.46  ? 136  TYR A C   1 
ATOM   783  O O   . TYR A 1 106 ? 1.288   -24.072 -12.558 1.00 45.67  ? 136  TYR A O   1 
ATOM   784  C CB  . TYR A 1 106 ? -0.531  -26.107 -14.160 1.00 19.79  ? 136  TYR A CB  1 
ATOM   785  C CG  . TYR A 1 106 ? -1.680  -26.545 -15.042 1.00 27.21  ? 136  TYR A CG  1 
ATOM   786  C CD1 . TYR A 1 106 ? -2.656  -27.409 -14.568 1.00 38.93  ? 136  TYR A CD1 1 
ATOM   787  C CD2 . TYR A 1 106 ? -1.779  -26.106 -16.354 1.00 26.78  ? 136  TYR A CD2 1 
ATOM   788  C CE1 . TYR A 1 106 ? -3.702  -27.816 -15.372 1.00 28.68  ? 136  TYR A CE1 1 
ATOM   789  C CE2 . TYR A 1 106 ? -2.823  -26.507 -17.165 1.00 36.00  ? 136  TYR A CE2 1 
ATOM   790  C CZ  . TYR A 1 106 ? -3.781  -27.363 -16.669 1.00 22.67  ? 136  TYR A CZ  1 
ATOM   791  O OH  . TYR A 1 106 ? -4.818  -27.765 -17.472 1.00 29.04  ? 136  TYR A OH  1 
ATOM   792  N N   . LEU A 1 107 ? 0.141   -25.294 -11.071 1.00 29.57  ? 137  LEU A N   1 
ATOM   793  C CA  . LEU A 1 107 ? 1.154   -25.145 -10.032 1.00 28.48  ? 137  LEU A CA  1 
ATOM   794  C C   . LEU A 1 107 ? 2.547   -25.559 -10.499 1.00 38.84  ? 137  LEU A C   1 
ATOM   795  O O   . LEU A 1 107 ? 3.544   -24.943 -10.122 1.00 32.58  ? 137  LEU A O   1 
ATOM   796  C CB  . LEU A 1 107 ? 0.758   -25.937 -8.784  1.00 33.77  ? 137  LEU A CB  1 
ATOM   797  C CG  . LEU A 1 107 ? -0.368  -25.331 -7.946  1.00 33.31  ? 137  LEU A CG  1 
ATOM   798  C CD1 . LEU A 1 107 ? -0.690  -26.223 -6.753  1.00 24.50  ? 137  LEU A CD1 1 
ATOM   799  C CD2 . LEU A 1 107 ? 0.021   -23.930 -7.491  1.00 28.95  ? 137  LEU A CD2 1 
ATOM   800  N N   . GLN A 1 108 ? 2.609   -26.601 -11.323 1.00 28.02  ? 138  GLN A N   1 
ATOM   801  C CA  . GLN A 1 108 ? 3.886   -27.149 -11.765 1.00 36.55  ? 138  GLN A CA  1 
ATOM   802  C C   . GLN A 1 108 ? 4.739   -26.137 -12.530 1.00 37.88  ? 138  GLN A C   1 
ATOM   803  O O   . GLN A 1 108 ? 5.962   -26.264 -12.585 1.00 52.31  ? 138  GLN A O   1 
ATOM   804  C CB  . GLN A 1 108 ? 3.670   -28.397 -12.629 1.00 31.44  ? 138  GLN A CB  1 
ATOM   805  C CG  . GLN A 1 108 ? 3.117   -29.604 -11.880 1.00 40.62  ? 138  GLN A CG  1 
ATOM   806  C CD  . GLN A 1 108 ? 1.606   -29.577 -11.742 1.00 33.16  ? 138  GLN A CD  1 
ATOM   807  O OE1 . GLN A 1 108 ? 0.977   -28.521 -11.840 1.00 32.14  ? 138  GLN A OE1 1 
ATOM   808  N NE2 . GLN A 1 108 ? 1.013   -30.746 -11.523 1.00 31.58  ? 138  GLN A NE2 1 
ATOM   809  N N   . ARG A 1 109 ? 4.094   -25.129 -13.112 1.00 18.78  ? 139  ARG A N   1 
ATOM   810  C CA  . ARG A 1 109 ? 4.789   -24.199 -14.001 1.00 21.86  ? 139  ARG A CA  1 
ATOM   811  C C   . ARG A 1 109 ? 4.710   -22.755 -13.518 1.00 30.61  ? 139  ARG A C   1 
ATOM   812  O O   . ARG A 1 109 ? 5.100   -21.836 -14.236 1.00 30.47  ? 139  ARG A O   1 
ATOM   813  C CB  . ARG A 1 109 ? 4.188   -24.276 -15.404 1.00 33.06  ? 139  ARG A CB  1 
ATOM   814  C CG  . ARG A 1 109 ? 2.807   -23.649 -15.489 1.00 42.65  ? 139  ARG A CG  1 
ATOM   815  C CD  . ARG A 1 109 ? 2.287   -23.589 -16.911 1.00 30.45  ? 139  ARG A CD  1 
ATOM   816  N NE  . ARG A 1 109 ? 1.978   -24.915 -17.436 1.00 34.20  ? 139  ARG A NE  1 
ATOM   817  C CZ  . ARG A 1 109 ? 1.214   -25.132 -18.500 1.00 38.55  ? 139  ARG A CZ  1 
ATOM   818  N NH1 . ARG A 1 109 ? 0.673   -24.109 -19.150 1.00 38.76  ? 139  ARG A NH1 1 
ATOM   819  N NH2 . ARG A 1 109 ? 0.985   -26.372 -18.913 1.00 26.15  ? 139  ARG A NH2 1 
ATOM   820  N N   . SER A 1 110 ? 4.199   -22.552 -12.311 1.00 39.45  ? 140  SER A N   1 
ATOM   821  C CA  . SER A 1 110 ? 3.987   -21.200 -11.811 1.00 53.25  ? 140  SER A CA  1 
ATOM   822  C C   . SER A 1 110 ? 5.199   -20.660 -11.064 1.00 30.85  ? 140  SER A C   1 
ATOM   823  O O   . SER A 1 110 ? 5.771   -21.348 -10.216 1.00 34.86  ? 140  SER A O   1 
ATOM   824  C CB  . SER A 1 110 ? 2.762   -21.156 -10.894 1.00 34.83  ? 140  SER A CB  1 
ATOM   825  O OG  . SER A 1 110 ? 1.586   -21.520 -11.591 1.00 62.75  ? 140  SER A OG  1 
ATOM   826  N N   . HIS A 1 111 ? 5.587   -19.430 -11.388 1.00 39.89  ? 141  HIS A N   1 
ATOM   827  C CA  . HIS A 1 111 ? 6.518   -18.690 -10.548 1.00 34.58  ? 141  HIS A CA  1 
ATOM   828  C C   . HIS A 1 111 ? 5.680   -18.092 -9.424  1.00 25.95  ? 141  HIS A C   1 
ATOM   829  O O   . HIS A 1 111 ? 4.581   -17.593 -9.664  1.00 27.95  ? 141  HIS A O   1 
ATOM   830  C CB  . HIS A 1 111 ? 7.243   -17.596 -11.342 1.00 45.59  ? 141  HIS A CB  1 
ATOM   831  C CG  . HIS A 1 111 ? 8.377   -16.954 -10.595 1.00 84.84  ? 141  HIS A CG  1 
ATOM   832  N ND1 . HIS A 1 111 ? 8.732   -15.654 -10.455 1.00 75.64  ? 141  HIS A ND1 1 
ATOM   833  C CD2 . HIS A 1 111 ? 9.309   -17.683 -9.886  1.00 39.31  ? 141  HIS A CD2 1 
ATOM   834  C CE1 . HIS A 1 111 ? 9.857   -15.623 -9.665  1.00 47.30  ? 141  HIS A CE1 1 
ATOM   835  N NE2 . HIS A 1 111 ? 10.183  -16.860 -9.334  1.00 55.20  ? 141  HIS A NE2 1 
ATOM   836  N N   . PRO A 1 112 ? 6.185   -18.159 -8.186  1.00 22.05  ? 142  PRO A N   1 
ATOM   837  C CA  . PRO A 1 112 ? 5.367   -17.805 -7.022  1.00 23.52  ? 142  PRO A CA  1 
ATOM   838  C C   . PRO A 1 112 ? 5.094   -16.308 -6.887  1.00 34.17  ? 142  PRO A C   1 
ATOM   839  O O   . PRO A 1 112 ? 4.387   -15.915 -5.959  1.00 33.89  ? 142  PRO A O   1 
ATOM   840  C CB  . PRO A 1 112 ? 6.207   -18.304 -5.844  1.00 36.92  ? 142  PRO A CB  1 
ATOM   841  C CG  . PRO A 1 112 ? 7.607   -18.255 -6.343  1.00 35.99  ? 142  PRO A CG  1 
ATOM   842  C CD  . PRO A 1 112 ? 7.526   -18.625 -7.796  1.00 37.63  ? 142  PRO A CD  1 
ATOM   843  N N   . TRP A 1 113 ? 5.632   -15.494 -7.792  1.00 22.25  ? 143  TRP A N   1 
ATOM   844  C CA  . TRP A 1 113 ? 5.407   -14.051 -7.747  1.00 20.79  ? 143  TRP A CA  1 
ATOM   845  C C   . TRP A 1 113 ? 6.022   -13.338 -8.948  1.00 25.06  ? 143  TRP A C   1 
ATOM   846  O O   . TRP A 1 113 ? 6.846   -13.902 -9.660  1.00 18.74  ? 143  TRP A O   1 
ATOM   847  C CB  . TRP A 1 113 ? 5.971   -13.455 -6.451  1.00 17.00  ? 143  TRP A CB  1 
ATOM   848  C CG  . TRP A 1 113 ? 7.394   -13.862 -6.151  1.00 15.76  ? 143  TRP A CG  1 
ATOM   849  C CD1 . TRP A 1 113 ? 7.802   -14.861 -5.314  1.00 24.46  ? 143  TRP A CD1 1 
ATOM   850  C CD2 . TRP A 1 113 ? 8.591   -13.273 -6.685  1.00 22.84  ? 143  TRP A CD2 1 
ATOM   851  N NE1 . TRP A 1 113 ? 9.178   -14.932 -5.295  1.00 26.00  ? 143  TRP A NE1 1 
ATOM   852  C CE2 . TRP A 1 113 ? 9.684   -13.969 -6.125  1.00 22.48  ? 143  TRP A CE2 1 
ATOM   853  C CE3 . TRP A 1 113 ? 8.843   -12.226 -7.579  1.00 21.78  ? 143  TRP A CE3 1 
ATOM   854  C CZ2 . TRP A 1 113 ? 11.006  -13.653 -6.435  1.00 22.45  ? 143  TRP A CZ2 1 
ATOM   855  C CZ3 . TRP A 1 113 ? 10.155  -11.915 -7.883  1.00 18.01  ? 143  TRP A CZ3 1 
ATOM   856  C CH2 . TRP A 1 113 ? 11.220  -12.625 -7.313  1.00 26.49  ? 143  TRP A CH2 1 
ATOM   857  N N   . GLU A 1 114 ? 5.607   -12.096 -9.167  1.00 17.80  ? 144  GLU A N   1 
ATOM   858  C CA  . GLU A 1 114 ? 6.234   -11.234 -10.162 1.00 15.34  ? 144  GLU A CA  1 
ATOM   859  C C   . GLU A 1 114 ? 6.726   -9.969  -9.471  1.00 19.54  ? 144  GLU A C   1 
ATOM   860  O O   . GLU A 1 114 ? 6.073   -9.468  -8.556  1.00 18.18  ? 144  GLU A O   1 
ATOM   861  C CB  . GLU A 1 114 ? 5.234   -10.862 -11.259 1.00 18.29  ? 144  GLU A CB  1 
ATOM   862  C CG  . GLU A 1 114 ? 4.659   -12.048 -12.019 1.00 32.31  ? 144  GLU A CG  1 
ATOM   863  C CD  . GLU A 1 114 ? 5.689   -12.729 -12.902 1.00 42.88  ? 144  GLU A CD  1 
ATOM   864  O OE1 . GLU A 1 114 ? 6.727   -12.102 -13.200 1.00 40.37  ? 144  GLU A OE1 1 
ATOM   865  O OE2 . GLU A 1 114 ? 5.459   -13.891 -13.298 1.00 45.11  ? 144  GLU A OE2 1 
ATOM   866  N N   . ALA A 1 115 ? 7.883   -9.469  -9.902  1.00 16.12  ? 145  ALA A N   1 
ATOM   867  C CA  . ALA A 1 115 ? 8.395   -8.187  -9.434  1.00 23.53  ? 145  ALA A CA  1 
ATOM   868  C C   . ALA A 1 115 ? 7.740   -7.080  -10.248 1.00 29.24  ? 145  ALA A C   1 
ATOM   869  O O   . ALA A 1 115 ? 8.105   -6.839  -11.395 1.00 22.01  ? 145  ALA A O   1 
ATOM   870  C CB  . ALA A 1 115 ? 9.910   -8.130  -9.583  1.00 22.22  ? 145  ALA A CB  1 
ATOM   871  N N   . THR A 1 116 ? 6.765   -6.411  -9.652  1.00 19.45  ? 146  THR A N   1 
ATOM   872  C CA  . THR A 1 116 ? 5.955   -5.441  -10.376 1.00 15.50  ? 146  THR A CA  1 
ATOM   873  C C   . THR A 1 116 ? 6.356   -3.983  -10.116 1.00 20.52  ? 146  THR A C   1 
ATOM   874  O O   . THR A 1 116 ? 5.664   -3.064  -10.548 1.00 23.07  ? 146  THR A O   1 
ATOM   875  C CB  . THR A 1 116 ? 4.477   -5.617  -10.023 1.00 19.71  ? 146  THR A CB  1 
ATOM   876  O OG1 . THR A 1 116 ? 4.320   -5.499  -8.606  1.00 19.25  ? 146  THR A OG1 1 
ATOM   877  C CG2 . THR A 1 116 ? 3.988   -6.991  -10.455 1.00 15.11  ? 146  THR A CG2 1 
ATOM   878  N N   . GLY A 1 117 ? 7.471   -3.774  -9.420  1.00 22.97  ? 147  GLY A N   1 
ATOM   879  C CA  . GLY A 1 117 ? 7.917   -2.433  -9.065  1.00 15.40  ? 147  GLY A CA  1 
ATOM   880  C C   . GLY A 1 117 ? 7.987   -1.428  -10.207 1.00 24.78  ? 147  GLY A C   1 
ATOM   881  O O   . GLY A 1 117 ? 7.659   -0.250  -10.039 1.00 20.05  ? 147  GLY A O   1 
ATOM   882  N N   . ILE A 1 118 ? 8.415   -1.889  -11.375 1.00 13.92  ? 148  ILE A N   1 
ATOM   883  C CA  . ILE A 1 118 ? 8.604   -1.000  -12.518 1.00 21.80  ? 148  ILE A CA  1 
ATOM   884  C C   . ILE A 1 118 ? 7.288   -0.390  -13.009 1.00 19.44  ? 148  ILE A C   1 
ATOM   885  O O   . ILE A 1 118 ? 7.285   0.599   -13.743 1.00 19.52  ? 148  ILE A O   1 
ATOM   886  C CB  . ILE A 1 118 ? 9.322   -1.729  -13.679 1.00 26.77  ? 148  ILE A CB  1 
ATOM   887  C CG1 . ILE A 1 118 ? 9.815   -0.728  -14.724 1.00 29.35  ? 148  ILE A CG1 1 
ATOM   888  C CG2 . ILE A 1 118 ? 8.413   -2.783  -14.298 1.00 26.80  ? 148  ILE A CG2 1 
ATOM   889  C CD1 . ILE A 1 118 ? 10.817  -1.312  -15.693 1.00 33.73  ? 148  ILE A CD1 1 
ATOM   890  N N   . LYS A 1 119 ? 6.171   -0.974  -12.589 1.00 20.29  ? 149  LYS A N   1 
ATOM   891  C CA  . LYS A 1 119 ? 4.858   -0.504  -13.012 1.00 15.64  ? 149  LYS A CA  1 
ATOM   892  C C   . LYS A 1 119 ? 4.257   0.493   -12.034 1.00 28.79  ? 149  LYS A C   1 
ATOM   893  O O   . LYS A 1 119 ? 3.214   1.081   -12.306 1.00 23.01  ? 149  LYS A O   1 
ATOM   894  C CB  . LYS A 1 119 ? 3.897   -1.679  -13.185 1.00 18.19  ? 149  LYS A CB  1 
ATOM   895  C CG  . LYS A 1 119 ? 4.258   -2.628  -14.312 1.00 23.87  ? 149  LYS A CG  1 
ATOM   896  C CD  . LYS A 1 119 ? 3.237   -3.744  -14.405 1.00 30.34  ? 149  LYS A CD  1 
ATOM   897  C CE  . LYS A 1 119 ? 3.673   -4.820  -15.376 1.00 36.56  ? 149  LYS A CE  1 
ATOM   898  N NZ  . LYS A 1 119 ? 2.822   -6.037  -15.250 1.00 51.52  ? 149  LYS A NZ  1 
ATOM   899  N N   . TYR A 1 120 ? 4.906   0.668   -10.888 1.00 19.62  ? 150  TYR A N   1 
ATOM   900  C CA  . TYR A 1 120 ? 4.412   1.602   -9.878  1.00 18.55  ? 150  TYR A CA  1 
ATOM   901  C C   . TYR A 1 120 ? 4.721   3.048   -10.240 1.00 29.76  ? 150  TYR A C   1 
ATOM   902  O O   . TYR A 1 120 ? 5.872   3.409   -10.497 1.00 22.87  ? 150  TYR A O   1 
ATOM   903  C CB  . TYR A 1 120 ? 4.974   1.264   -8.493  1.00 20.24  ? 150  TYR A CB  1 
ATOM   904  C CG  . TYR A 1 120 ? 4.247   0.121   -7.825  1.00 23.00  ? 150  TYR A CG  1 
ATOM   905  C CD1 . TYR A 1 120 ? 4.441   -1.187  -8.244  1.00 18.92  ? 150  TYR A CD1 1 
ATOM   906  C CD2 . TYR A 1 120 ? 3.354   0.351   -6.784  1.00 18.96  ? 150  TYR A CD2 1 
ATOM   907  C CE1 . TYR A 1 120 ? 3.772   -2.237  -7.645  1.00 21.98  ? 150  TYR A CE1 1 
ATOM   908  C CE2 . TYR A 1 120 ? 2.679   -0.694  -6.180  1.00 16.64  ? 150  TYR A CE2 1 
ATOM   909  C CZ  . TYR A 1 120 ? 2.890   -1.982  -6.611  1.00 17.87  ? 150  TYR A CZ  1 
ATOM   910  O OH  . TYR A 1 120 ? 2.215   -3.021  -6.010  1.00 19.05  ? 150  TYR A OH  1 
ATOM   911  N N   . ARG A 1 121 ? 3.677   3.868   -10.266 1.00 20.16  ? 151  ARG A N   1 
ATOM   912  C CA  . ARG A 1 121 ? 3.831   5.300   -10.474 1.00 33.01  ? 151  ARG A CA  1 
ATOM   913  C C   . ARG A 1 121 ? 4.098   5.999   -9.144  1.00 29.77  ? 151  ARG A C   1 
ATOM   914  O O   . ARG A 1 121 ? 3.628   5.556   -8.099  1.00 23.99  ? 151  ARG A O   1 
ATOM   915  C CB  . ARG A 1 121 ? 2.571   5.884   -11.112 1.00 24.46  ? 151  ARG A CB  1 
ATOM   916  C CG  . ARG A 1 121 ? 2.300   5.419   -12.532 1.00 17.15  ? 151  ARG A CG  1 
ATOM   917  C CD  . ARG A 1 121 ? 1.149   6.212   -13.141 1.00 24.65  ? 151  ARG A CD  1 
ATOM   918  N NE  . ARG A 1 121 ? -0.157  5.617   -12.873 1.00 34.84  ? 151  ARG A NE  1 
ATOM   919  C CZ  . ARG A 1 121 ? -1.303  6.291   -12.896 1.00 52.12  ? 151  ARG A CZ  1 
ATOM   920  N NH1 . ARG A 1 121 ? -1.305  7.593   -13.151 1.00 28.82  ? 151  ARG A NH1 1 
ATOM   921  N NH2 . ARG A 1 121 ? -2.449  5.667   -12.650 1.00 20.17  ? 151  ARG A NH2 1 
ATOM   922  N N   . LYS A 1 122 ? 4.854   7.089   -9.186  1.00 21.31  ? 152  LYS A N   1 
ATOM   923  C CA  . LYS A 1 122 ? 5.071   7.905   -7.998  1.00 33.10  ? 152  LYS A CA  1 
ATOM   924  C C   . LYS A 1 122 ? 3.892   8.842   -7.783  1.00 24.69  ? 152  LYS A C   1 
ATOM   925  O O   . LYS A 1 122 ? 3.552   9.633   -8.662  1.00 26.85  ? 152  LYS A O   1 
ATOM   926  C CB  . LYS A 1 122 ? 6.347   8.735   -8.140  1.00 30.61  ? 152  LYS A CB  1 
ATOM   927  C CG  . LYS A 1 122 ? 7.607   7.920   -8.332  1.00 28.14  ? 152  LYS A CG  1 
ATOM   928  C CD  . LYS A 1 122 ? 8.756   8.803   -8.780  1.00 31.95  ? 152  LYS A CD  1 
ATOM   929  C CE  . LYS A 1 122 ? 10.027  7.999   -8.993  1.00 41.94  ? 152  LYS A CE  1 
ATOM   930  N NZ  . LYS A 1 122 ? 11.091  8.826   -9.629  1.00 76.97  ? 152  LYS A NZ  1 
ATOM   931  N N   . ILE A 1 123 ? 3.266   8.748   -6.616  1.00 22.60  ? 153  ILE A N   1 
ATOM   932  C CA  . ILE A 1 123 ? 2.252   9.716   -6.224  1.00 17.91  ? 153  ILE A CA  1 
ATOM   933  C C   . ILE A 1 123 ? 2.984   10.873  -5.570  1.00 27.92  ? 153  ILE A C   1 
ATOM   934  O O   . ILE A 1 123 ? 3.728   10.672  -4.612  1.00 23.50  ? 153  ILE A O   1 
ATOM   935  C CB  . ILE A 1 123 ? 1.249   9.118   -5.224  1.00 14.86  ? 153  ILE A CB  1 
ATOM   936  C CG1 . ILE A 1 123 ? 0.632   7.837   -5.786  1.00 17.02  ? 153  ILE A CG1 1 
ATOM   937  C CG2 . ILE A 1 123 ? 0.166   10.134  -4.877  1.00 17.25  ? 153  ILE A CG2 1 
ATOM   938  C CD1 . ILE A 1 123 ? -0.081  7.003   -4.745  1.00 21.36  ? 153  ILE A CD1 1 
ATOM   939  N N   . LYS A 1 124 ? 2.789   12.079  -6.094  1.00 25.29  ? 154  LYS A N   1 
ATOM   940  C CA  . LYS A 1 124 ? 3.516   13.246  -5.608  1.00 17.96  ? 154  LYS A CA  1 
ATOM   941  C C   . LYS A 1 124 ? 2.591   14.375  -5.165  1.00 28.17  ? 154  LYS A C   1 
ATOM   942  O O   . LYS A 1 124 ? 1.515   14.572  -5.729  1.00 26.95  ? 154  LYS A O   1 
ATOM   943  C CB  . LYS A 1 124 ? 4.465   13.773  -6.690  1.00 19.40  ? 154  LYS A CB  1 
ATOM   944  C CG  . LYS A 1 124 ? 5.628   12.857  -7.030  1.00 37.47  ? 154  LYS A CG  1 
ATOM   945  C CD  . LYS A 1 124 ? 6.389   13.387  -8.243  1.00 38.41  ? 154  LYS A CD  1 
ATOM   946  C CE  . LYS A 1 124 ? 7.626   12.555  -8.545  1.00 57.12  ? 154  LYS A CE  1 
ATOM   947  N NZ  . LYS A 1 124 ? 8.296   12.996  -9.802  1.00 44.39  ? 154  LYS A NZ  1 
ATOM   948  N N   . ARG A 1 125 ? 3.020   15.103  -4.141  1.00 26.21  ? 155  ARG A N   1 
ATOM   949  C CA  . ARG A 1 125 ? 2.403   16.373  -3.774  1.00 28.10  ? 155  ARG A CA  1 
ATOM   950  C C   . ARG A 1 125 ? 3.523   17.386  -3.591  1.00 24.62  ? 155  ARG A C   1 
ATOM   951  O O   . ARG A 1 125 ? 4.418   17.184  -2.769  1.00 28.70  ? 155  ARG A O   1 
ATOM   952  C CB  . ARG A 1 125 ? 1.607   16.269  -2.470  1.00 36.49  ? 155  ARG A CB  1 
ATOM   953  C CG  . ARG A 1 125 ? 0.521   15.206  -2.437  1.00 22.70  ? 155  ARG A CG  1 
ATOM   954  C CD  . ARG A 1 125 ? -0.512  15.367  -3.543  1.00 37.77  ? 155  ARG A CD  1 
ATOM   955  N NE  . ARG A 1 125 ? -1.005  16.734  -3.692  1.00 32.85  ? 155  ARG A NE  1 
ATOM   956  C CZ  . ARG A 1 125 ? -1.824  17.341  -2.840  1.00 47.04  ? 155  ARG A CZ  1 
ATOM   957  N NH1 . ARG A 1 125 ? -2.244  16.718  -1.746  1.00 30.82  ? 155  ARG A NH1 1 
ATOM   958  N NH2 . ARG A 1 125 ? -2.215  18.585  -3.076  1.00 29.17  ? 155  ARG A NH2 1 
ATOM   959  N N   . ASP A 1 126 ? 3.483   18.464  -4.367  1.00 30.23  ? 156  ASP A N   1 
ATOM   960  C CA  . ASP A 1 126 ? 4.489   19.512  -4.264  1.00 37.50  ? 156  ASP A CA  1 
ATOM   961  C C   . ASP A 1 126 ? 5.892   18.986  -4.562  1.00 31.42  ? 156  ASP A C   1 
ATOM   962  O O   . ASP A 1 126 ? 6.857   19.378  -3.908  1.00 38.97  ? 156  ASP A O   1 
ATOM   963  C CB  . ASP A 1 126 ? 4.460   20.146  -2.872  1.00 34.46  ? 156  ASP A CB  1 
ATOM   964  C CG  . ASP A 1 126 ? 3.071   20.599  -2.466  1.00 77.51  ? 156  ASP A CG  1 
ATOM   965  O OD1 . ASP A 1 126 ? 2.326   21.097  -3.337  1.00 74.91  ? 156  ASP A OD1 1 
ATOM   966  O OD2 . ASP A 1 126 ? 2.722   20.453  -1.275  1.00 71.31  ? 156  ASP A OD2 1 
ATOM   967  N N   . GLY A 1 127 ? 5.995   18.091  -5.542  1.00 32.23  ? 157  GLY A N   1 
ATOM   968  C CA  . GLY A 1 127 ? 7.279   17.564  -5.972  1.00 39.08  ? 157  GLY A CA  1 
ATOM   969  C C   . GLY A 1 127 ? 7.844   16.470  -5.082  1.00 36.26  ? 157  GLY A C   1 
ATOM   970  O O   . GLY A 1 127 ? 8.895   15.899  -5.375  1.00 56.72  ? 157  GLY A O   1 
ATOM   971  N N   . GLU A 1 128 ? 7.143   16.174  -3.992  1.00 25.70  ? 158  GLU A N   1 
ATOM   972  C CA  . GLU A 1 128 ? 7.573   15.139  -3.057  1.00 25.27  ? 158  GLU A CA  1 
ATOM   973  C C   . GLU A 1 128 ? 6.819   13.828  -3.262  1.00 28.78  ? 158  GLU A C   1 
ATOM   974  O O   . GLU A 1 128 ? 5.606   13.826  -3.466  1.00 31.08  ? 158  GLU A O   1 
ATOM   975  C CB  . GLU A 1 128 ? 7.396   15.617  -1.616  1.00 25.13  ? 158  GLU A CB  1 
ATOM   976  C CG  . GLU A 1 128 ? 7.386   14.499  -0.587  1.00 48.08  ? 158  GLU A CG  1 
ATOM   977  C CD  . GLU A 1 128 ? 7.378   15.019  0.836   1.00 37.41  ? 158  GLU A CD  1 
ATOM   978  O OE1 . GLU A 1 128 ? 7.743   16.195  1.038   1.00 48.10  ? 158  GLU A OE1 1 
ATOM   979  O OE2 . GLU A 1 128 ? 7.008   14.255  1.750   1.00 34.83  ? 158  GLU A OE2 1 
ATOM   980  N N   . ILE A 1 129 ? 7.543   12.715  -3.208  1.00 33.54  ? 159  ILE A N   1 
ATOM   981  C CA  . ILE A 1 129 ? 6.926   11.396  -3.309  1.00 25.46  ? 159  ILE A CA  1 
ATOM   982  C C   . ILE A 1 129 ? 6.186   11.044  -2.021  1.00 22.14  ? 159  ILE A C   1 
ATOM   983  O O   . ILE A 1 129 ? 6.807   10.874  -0.974  1.00 27.14  ? 159  ILE A O   1 
ATOM   984  C CB  . ILE A 1 129 ? 7.975   10.302  -3.583  1.00 33.53  ? 159  ILE A CB  1 
ATOM   985  C CG1 . ILE A 1 129 ? 8.615   10.501  -4.961  1.00 28.93  ? 159  ILE A CG1 1 
ATOM   986  C CG2 . ILE A 1 129 ? 7.343   8.923   -3.484  1.00 25.05  ? 159  ILE A CG2 1 
ATOM   987  C CD1 . ILE A 1 129 ? 9.779   9.570   -5.228  1.00 39.85  ? 159  ILE A CD1 1 
ATOM   988  N N   . VAL A 1 130 ? 4.865   10.931  -2.100  1.00 25.53  ? 160  VAL A N   1 
ATOM   989  C CA  . VAL A 1 130 ? 4.065   10.580  -0.930  1.00 17.11  ? 160  VAL A CA  1 
ATOM   990  C C   . VAL A 1 130 ? 3.656   9.109   -0.952  1.00 22.83  ? 160  VAL A C   1 
ATOM   991  O O   . VAL A 1 130 ? 3.136   8.584   0.032   1.00 19.04  ? 160  VAL A O   1 
ATOM   992  C CB  . VAL A 1 130 ? 2.801   11.468  -0.807  1.00 23.20  ? 160  VAL A CB  1 
ATOM   993  C CG1 . VAL A 1 130 ? 3.194   12.925  -0.590  1.00 25.14  ? 160  VAL A CG1 1 
ATOM   994  C CG2 . VAL A 1 130 ? 1.930   11.329  -2.039  1.00 25.27  ? 160  VAL A CG2 1 
ATOM   995  N N   . GLY A 1 131 ? 3.901   8.441   -2.073  1.00 21.11  ? 161  GLY A N   1 
ATOM   996  C CA  . GLY A 1 131 ? 3.562   7.034   -2.194  1.00 22.37  ? 161  GLY A CA  1 
ATOM   997  C C   . GLY A 1 131 ? 3.828   6.459   -3.570  1.00 23.02  ? 161  GLY A C   1 
ATOM   998  O O   . GLY A 1 131 ? 4.310   7.154   -4.464  1.00 22.73  ? 161  GLY A O   1 
ATOM   999  N N   . TYR A 1 132 ? 3.511   5.178   -3.733  1.00 22.63  ? 162  TYR A N   1 
ATOM   1000 C CA  . TYR A 1 132 ? 3.658   4.495   -5.015  1.00 17.30  ? 162  TYR A CA  1 
ATOM   1001 C C   . TYR A 1 132 ? 2.372   3.756   -5.366  1.00 16.55  ? 162  TYR A C   1 
ATOM   1002 O O   . TYR A 1 132 ? 1.765   3.115   -4.510  1.00 23.49  ? 162  TYR A O   1 
ATOM   1003 C CB  . TYR A 1 132 ? 4.827   3.510   -4.970  1.00 15.19  ? 162  TYR A CB  1 
ATOM   1004 C CG  . TYR A 1 132 ? 6.173   4.157   -4.716  1.00 19.49  ? 162  TYR A CG  1 
ATOM   1005 C CD1 . TYR A 1 132 ? 6.882   4.752   -5.750  1.00 22.89  ? 162  TYR A CD1 1 
ATOM   1006 C CD2 . TYR A 1 132 ? 6.734   4.169   -3.446  1.00 20.31  ? 162  TYR A CD2 1 
ATOM   1007 C CE1 . TYR A 1 132 ? 8.114   5.342   -5.530  1.00 20.32  ? 162  TYR A CE1 1 
ATOM   1008 C CE2 . TYR A 1 132 ? 7.966   4.760   -3.210  1.00 19.29  ? 162  TYR A CE2 1 
ATOM   1009 C CZ  . TYR A 1 132 ? 8.653   5.344   -4.263  1.00 20.13  ? 162  TYR A CZ  1 
ATOM   1010 O OH  . TYR A 1 132 ? 9.880   5.934   -4.049  1.00 40.54  ? 162  TYR A OH  1 
ATOM   1011 N N   . SER A 1 133 ? 1.966   3.829   -6.630  1.00 24.40  ? 163  SER A N   1 
ATOM   1012 C CA  . SER A 1 133 ? 0.682   3.268   -7.042  1.00 19.20  ? 163  SER A CA  1 
ATOM   1013 C C   . SER A 1 133 ? 0.767   2.345   -8.254  1.00 28.64  ? 163  SER A C   1 
ATOM   1014 O O   . SER A 1 133 ? 1.309   2.717   -9.295  1.00 21.60  ? 163  SER A O   1 
ATOM   1015 C CB  . SER A 1 133 ? -0.305  4.397   -7.340  1.00 22.10  ? 163  SER A CB  1 
ATOM   1016 O OG  . SER A 1 133 ? -1.458  3.896   -7.993  1.00 20.67  ? 163  SER A OG  1 
ATOM   1017 N N   . HIS A 1 134 ? 0.220   1.143   -8.114  1.00 22.91  ? 164  HIS A N   1 
ATOM   1018 C CA  . HIS A 1 134 ? 0.058   0.243   -9.249  1.00 17.86  ? 164  HIS A CA  1 
ATOM   1019 C C   . HIS A 1 134 ? -1.416  -0.051  -9.454  1.00 27.09  ? 164  HIS A C   1 
ATOM   1020 O O   . HIS A 1 134 ? -2.082  -0.584  -8.569  1.00 21.69  ? 164  HIS A O   1 
ATOM   1021 C CB  . HIS A 1 134 ? 0.825   -1.065  -9.061  1.00 19.54  ? 164  HIS A CB  1 
ATOM   1022 C CG  . HIS A 1 134 ? 0.731   -1.984  -10.241 1.00 19.67  ? 164  HIS A CG  1 
ATOM   1023 N ND1 . HIS A 1 134 ? 0.982   -3.337  -10.159 1.00 22.43  ? 164  HIS A ND1 1 
ATOM   1024 C CD2 . HIS A 1 134 ? 0.412   -1.741  -11.536 1.00 22.62  ? 164  HIS A CD2 1 
ATOM   1025 C CE1 . HIS A 1 134 ? 0.822   -3.888  -11.350 1.00 19.31  ? 164  HIS A CE1 1 
ATOM   1026 N NE2 . HIS A 1 134 ? 0.474   -2.940  -12.202 1.00 19.41  ? 164  HIS A NE2 1 
ATOM   1027 N N   . TYR A 1 135 ? -1.923  0.304   -10.626 1.00 22.06  ? 165  TYR A N   1 
ATOM   1028 C CA  . TYR A 1 135 ? -3.337  0.143   -10.920 1.00 21.13  ? 165  TYR A CA  1 
ATOM   1029 C C   . TYR A 1 135 ? -3.527  -0.827  -12.073 1.00 17.44  ? 165  TYR A C   1 
ATOM   1030 O O   . TYR A 1 135 ? -2.866  -0.717  -13.106 1.00 18.41  ? 165  TYR A O   1 
ATOM   1031 C CB  . TYR A 1 135 ? -3.957  1.502   -11.259 1.00 23.43  ? 165  TYR A CB  1 
ATOM   1032 C CG  . TYR A 1 135 ? -5.442  1.463   -11.544 1.00 24.44  ? 165  TYR A CG  1 
ATOM   1033 C CD1 . TYR A 1 135 ? -6.360  1.254   -10.523 1.00 19.03  ? 165  TYR A CD1 1 
ATOM   1034 C CD2 . TYR A 1 135 ? -5.929  1.651   -12.833 1.00 29.82  ? 165  TYR A CD2 1 
ATOM   1035 C CE1 . TYR A 1 135 ? -7.720  1.221   -10.779 1.00 28.31  ? 165  TYR A CE1 1 
ATOM   1036 C CE2 . TYR A 1 135 ? -7.290  1.622   -13.095 1.00 33.56  ? 165  TYR A CE2 1 
ATOM   1037 C CZ  . TYR A 1 135 ? -8.181  1.407   -12.062 1.00 36.78  ? 165  TYR A CZ  1 
ATOM   1038 O OH  . TYR A 1 135 ? -9.538  1.377   -12.309 1.00 38.87  ? 165  TYR A OH  1 
ATOM   1039 N N   . PHE A 1 136 ? -4.426  -1.788  -11.894 1.00 22.63  ? 166  PHE A N   1 
ATOM   1040 C CA  . PHE A 1 136 ? -4.785  -2.683  -12.987 1.00 20.16  ? 166  PHE A CA  1 
ATOM   1041 C C   . PHE A 1 136 ? -6.254  -3.068  -12.920 1.00 27.05  ? 166  PHE A C   1 
ATOM   1042 O O   . PHE A 1 136 ? -6.815  -3.233  -11.839 1.00 23.05  ? 166  PHE A O   1 
ATOM   1043 C CB  . PHE A 1 136 ? -3.880  -3.925  -13.032 1.00 22.77  ? 166  PHE A CB  1 
ATOM   1044 C CG  . PHE A 1 136 ? -3.860  -4.726  -11.753 1.00 22.74  ? 166  PHE A CG  1 
ATOM   1045 C CD1 . PHE A 1 136 ? -2.972  -4.409  -10.736 1.00 21.44  ? 166  PHE A CD1 1 
ATOM   1046 C CD2 . PHE A 1 136 ? -4.703  -5.812  -11.581 1.00 28.11  ? 166  PHE A CD2 1 
ATOM   1047 C CE1 . PHE A 1 136 ? -2.937  -5.150  -9.564  1.00 20.46  ? 166  PHE A CE1 1 
ATOM   1048 C CE2 . PHE A 1 136 ? -4.674  -6.559  -10.409 1.00 21.05  ? 166  PHE A CE2 1 
ATOM   1049 C CZ  . PHE A 1 136 ? -3.791  -6.226  -9.401  1.00 19.71  ? 166  PHE A CZ  1 
ATOM   1050 N N   . GLU A 1 137 ? -6.870  -3.191  -14.090 1.00 43.86  ? 167  GLU A N   1 
ATOM   1051 C CA  . GLU A 1 137 ? -8.277  -3.539  -14.191 1.00 39.82  ? 167  GLU A CA  1 
ATOM   1052 C C   . GLU A 1 137 ? -8.416  -5.049  -14.297 1.00 32.12  ? 167  GLU A C   1 
ATOM   1053 O O   . GLU A 1 137 ? -7.508  -5.731  -14.767 1.00 31.56  ? 167  GLU A O   1 
ATOM   1054 C CB  . GLU A 1 137 ? -8.896  -2.857  -15.411 1.00 33.30  ? 167  GLU A CB  1 
ATOM   1055 C CG  . GLU A 1 137 ? -8.242  -1.522  -15.743 1.00 35.93  ? 167  GLU A CG  1 
ATOM   1056 C CD  . GLU A 1 137 ? -9.058  -0.680  -16.703 1.00 80.42  ? 167  GLU A CD  1 
ATOM   1057 O OE1 . GLU A 1 137 ? -9.788  -1.260  -17.536 1.00 69.64  ? 167  GLU A OE1 1 
ATOM   1058 O OE2 . GLU A 1 137 ? -8.974  0.564   -16.620 1.00 56.61  ? 167  GLU A OE2 1 
ATOM   1059 N N   . LEU A 1 138 ? -9.554  -5.568  -13.851 1.00 32.70  ? 168  LEU A N   1 
ATOM   1060 C CA  . LEU A 1 138 ? -9.793  -7.002  -13.883 1.00 40.92  ? 168  LEU A CA  1 
ATOM   1061 C C   . LEU A 1 138 ? -10.596 -7.386  -15.118 1.00 39.20  ? 168  LEU A C   1 
ATOM   1062 O O   . LEU A 1 138 ? -11.467 -6.634  -15.559 1.00 45.80  ? 168  LEU A O   1 
ATOM   1063 C CB  . LEU A 1 138 ? -10.515 -7.448  -12.610 1.00 41.12  ? 168  LEU A CB  1 
ATOM   1064 C CG  . LEU A 1 138 ? -9.761  -7.113  -11.320 1.00 34.22  ? 168  LEU A CG  1 
ATOM   1065 C CD1 . LEU A 1 138 ? -10.529 -7.574  -10.096 1.00 33.62  ? 168  LEU A CD1 1 
ATOM   1066 C CD2 . LEU A 1 138 ? -8.372  -7.729  -11.345 1.00 40.41  ? 168  LEU A CD2 1 
ATOM   1067 N N   . PRO A 1 139 ? -10.296 -8.560  -15.688 1.00 45.95  ? 169  PRO A N   1 
ATOM   1068 C CA  . PRO A 1 139 ? -11.051 -9.041  -16.847 1.00 55.42  ? 169  PRO A CA  1 
ATOM   1069 C C   . PRO A 1 139 ? -12.530 -9.155  -16.498 1.00 39.83  ? 169  PRO A C   1 
ATOM   1070 O O   . PRO A 1 139 ? -12.871 -9.719  -15.458 1.00 36.53  ? 169  PRO A O   1 
ATOM   1071 C CB  . PRO A 1 139 ? -10.459 -10.431 -17.098 1.00 55.58  ? 169  PRO A CB  1 
ATOM   1072 C CG  . PRO A 1 139 ? -9.105  -10.393 -16.465 1.00 64.98  ? 169  PRO A CG  1 
ATOM   1073 C CD  . PRO A 1 139 ? -9.254  -9.511  -15.268 1.00 48.52  ? 169  PRO A CD  1 
ATOM   1074 N N   . HIS A 1 140 ? -13.396 -8.618  -17.349 1.00 43.20  ? 170  HIS A N   1 
ATOM   1075 C CA  . HIS A 1 140 ? -14.830 -8.700  -17.109 1.00 57.06  ? 170  HIS A CA  1 
ATOM   1076 C C   . HIS A 1 140 ? -15.255 -10.150 -16.905 1.00 49.18  ? 170  HIS A C   1 
ATOM   1077 O O   . HIS A 1 140 ? -16.234 -10.430 -16.214 1.00 53.97  ? 170  HIS A O   1 
ATOM   1078 C CB  . HIS A 1 140 ? -15.610 -8.096  -18.277 1.00 58.97  ? 170  HIS A CB  1 
ATOM   1079 C CG  . HIS A 1 140 ? -15.358 -6.635  -18.486 1.00 64.30  ? 170  HIS A CG  1 
ATOM   1080 N ND1 . HIS A 1 140 ? -14.229 -6.156  -19.113 1.00 66.76  ? 170  HIS A ND1 1 
ATOM   1081 C CD2 . HIS A 1 140 ? -16.096 -5.548  -18.154 1.00 75.31  ? 170  HIS A CD2 1 
ATOM   1082 C CE1 . HIS A 1 140 ? -14.279 -4.835  -19.156 1.00 67.69  ? 170  HIS A CE1 1 
ATOM   1083 N NE2 . HIS A 1 140 ? -15.401 -4.443  -18.582 1.00 81.15  ? 170  HIS A NE2 1 
ATOM   1084 N N   . GLU A 1 141 ? -14.502 -11.066 -17.505 1.00 45.59  ? 171  GLU A N   1 
ATOM   1085 C CA  . GLU A 1 141 ? -14.845 -12.485 -17.493 1.00 64.07  ? 171  GLU A CA  1 
ATOM   1086 C C   . GLU A 1 141 ? -14.730 -13.111 -16.108 1.00 58.72  ? 171  GLU A C   1 
ATOM   1087 O O   . GLU A 1 141 ? -15.030 -14.292 -15.930 1.00 68.58  ? 171  GLU A O   1 
ATOM   1088 C CB  . GLU A 1 141 ? -13.955 -13.261 -18.471 1.00 58.55  ? 171  GLU A CB  1 
ATOM   1089 C CG  . GLU A 1 141 ? -13.750 -12.589 -19.821 1.00 84.76  ? 171  GLU A CG  1 
ATOM   1090 C CD  . GLU A 1 141 ? -12.635 -11.559 -19.800 1.00 71.28  ? 171  GLU A CD  1 
ATOM   1091 O OE1 . GLU A 1 141 ? -12.837 -10.472 -19.219 1.00 79.89  ? 171  GLU A OE1 1 
ATOM   1092 O OE2 . GLU A 1 141 ? -11.556 -11.839 -20.362 1.00 92.16  ? 171  GLU A OE2 1 
ATOM   1093 N N   . TYR A 1 142 ? -14.296 -12.329 -15.126 1.00 61.32  ? 172  TYR A N   1 
ATOM   1094 C CA  . TYR A 1 142 ? -14.048 -12.882 -13.798 1.00 74.09  ? 172  TYR A CA  1 
ATOM   1095 C C   . TYR A 1 142 ? -14.861 -12.228 -12.688 1.00 44.32  ? 172  TYR A C   1 
ATOM   1096 O O   . TYR A 1 142 ? -15.149 -11.031 -12.722 1.00 65.96  ? 172  TYR A O   1 
ATOM   1097 C CB  . TYR A 1 142 ? -12.549 -12.876 -13.485 1.00 58.40  ? 172  TYR A CB  1 
ATOM   1098 C CG  . TYR A 1 142 ? -11.773 -13.767 -14.426 1.00 87.29  ? 172  TYR A CG  1 
ATOM   1099 C CD1 . TYR A 1 142 ? -11.866 -15.149 -14.333 1.00 98.21  ? 172  TYR A CD1 1 
ATOM   1100 C CD2 . TYR A 1 142 ? -10.978 -13.230 -15.429 1.00 72.21  ? 172  TYR A CD2 1 
ATOM   1101 C CE1 . TYR A 1 142 ? -11.172 -15.972 -15.198 1.00 109.51 ? 172  TYR A CE1 1 
ATOM   1102 C CE2 . TYR A 1 142 ? -10.279 -14.045 -16.300 1.00 77.67  ? 172  TYR A CE2 1 
ATOM   1103 C CZ  . TYR A 1 142 ? -10.380 -15.416 -16.180 1.00 96.89  ? 172  TYR A CZ  1 
ATOM   1104 O OH  . TYR A 1 142 ? -9.689  -16.234 -17.043 1.00 64.67  ? 172  TYR A OH  1 
ATOM   1105 N N   . ASN A 1 143 ? -15.228 -13.042 -11.705 1.00 46.01  ? 173  ASN A N   1 
ATOM   1106 C CA  . ASN A 1 143 ? -16.116 -12.622 -10.635 1.00 37.07  ? 173  ASN A CA  1 
ATOM   1107 C C   . ASN A 1 143 ? -15.364 -12.372 -9.337  1.00 38.98  ? 173  ASN A C   1 
ATOM   1108 O O   . ASN A 1 143 ? -15.944 -11.935 -8.349  1.00 36.46  ? 173  ASN A O   1 
ATOM   1109 C CB  . ASN A 1 143 ? -17.185 -13.690 -10.401 1.00 55.26  ? 173  ASN A CB  1 
ATOM   1110 C CG  . ASN A 1 143 ? -16.612 -14.962 -9.802  1.00 73.83  ? 173  ASN A CG  1 
ATOM   1111 O OD1 . ASN A 1 143 ? -16.013 -15.778 -10.503 1.00 93.79  ? 173  ASN A OD1 1 
ATOM   1112 N ND2 . ASN A 1 143 ? -16.792 -15.133 -8.497  1.00 53.18  ? 173  ASN A ND2 1 
ATOM   1113 N N   . SER A 1 144 ? -14.069 -12.657 -9.338  1.00 33.42  ? 174  SER A N   1 
ATOM   1114 C CA  . SER A 1 144 ? -13.280 -12.512 -8.122  1.00 33.57  ? 174  SER A CA  1 
ATOM   1115 C C   . SER A 1 144 ? -11.794 -12.514 -8.421  1.00 30.06  ? 174  SER A C   1 
ATOM   1116 O O   . SER A 1 144 ? -11.368 -12.863 -9.520  1.00 26.93  ? 174  SER A O   1 
ATOM   1117 C CB  . SER A 1 144 ? -13.608 -13.639 -7.140  1.00 38.88  ? 174  SER A CB  1 
ATOM   1118 O OG  . SER A 1 144 ? -13.208 -14.893 -7.664  1.00 38.63  ? 174  SER A OG  1 
ATOM   1119 N N   . ILE A 1 145 ? -11.004 -12.114 -7.434  1.00 32.53  ? 175  ILE A N   1 
ATOM   1120 C CA  . ILE A 1 145 ? -9.561  -12.167 -7.560  1.00 29.50  ? 175  ILE A CA  1 
ATOM   1121 C C   . ILE A 1 145 ? -8.917  -12.438 -6.211  1.00 29.57  ? 175  ILE A C   1 
ATOM   1122 O O   . ILE A 1 145 ? -9.210  -11.763 -5.222  1.00 23.91  ? 175  ILE A O   1 
ATOM   1123 C CB  . ILE A 1 145 ? -8.979  -10.869 -8.171  1.00 41.51  ? 175  ILE A CB  1 
ATOM   1124 C CG1 . ILE A 1 145 ? -7.470  -11.012 -8.371  1.00 37.07  ? 175  ILE A CG1 1 
ATOM   1125 C CG2 . ILE A 1 145 ? -9.298  -9.663  -7.297  1.00 35.04  ? 175  ILE A CG2 1 
ATOM   1126 C CD1 . ILE A 1 145 ? -6.834  -9.858  -9.096  1.00 39.89  ? 175  ILE A CD1 1 
ATOM   1127 N N   . SER A 1 146 ? -8.067  -13.457 -6.172  1.00 24.56  ? 176  SER A N   1 
ATOM   1128 C CA  . SER A 1 146 ? -7.201  -13.679 -5.025  1.00 28.35  ? 176  SER A CA  1 
ATOM   1129 C C   . SER A 1 146 ? -5.867  -13.023 -5.337  1.00 25.76  ? 176  SER A C   1 
ATOM   1130 O O   . SER A 1 146 ? -5.298  -13.228 -6.408  1.00 26.32  ? 176  SER A O   1 
ATOM   1131 C CB  . SER A 1 146 ? -7.028  -15.172 -4.748  1.00 37.02  ? 176  SER A CB  1 
ATOM   1132 O OG  . SER A 1 146 ? -8.244  -15.739 -4.283  1.00 35.85  ? 176  SER A OG  1 
ATOM   1133 N N   . LEU A 1 147 ? -5.380  -12.219 -4.403  1.00 21.37  ? 177  LEU A N   1 
ATOM   1134 C CA  . LEU A 1 147 ? -4.246  -11.355 -4.671  1.00 22.85  ? 177  LEU A CA  1 
ATOM   1135 C C   . LEU A 1 147 ? -3.347  -11.291 -3.448  1.00 18.02  ? 177  LEU A C   1 
ATOM   1136 O O   . LEU A 1 147 ? -3.830  -11.187 -2.324  1.00 19.93  ? 177  LEU A O   1 
ATOM   1137 C CB  . LEU A 1 147 ? -4.761  -9.952  -4.998  1.00 34.30  ? 177  LEU A CB  1 
ATOM   1138 C CG  . LEU A 1 147 ? -3.817  -8.894  -5.563  1.00 47.56  ? 177  LEU A CG  1 
ATOM   1139 C CD1 . LEU A 1 147 ? -3.399  -9.256  -6.974  1.00 41.76  ? 177  LEU A CD1 1 
ATOM   1140 C CD2 . LEU A 1 147 ? -4.509  -7.545  -5.548  1.00 29.42  ? 177  LEU A CD2 1 
ATOM   1141 N N   . ALA A 1 148 ? -2.039  -11.359 -3.670  1.00 16.53  ? 178  ALA A N   1 
ATOM   1142 C CA  . ALA A 1 148 ? -1.069  -11.175 -2.597  1.00 16.42  ? 178  ALA A CA  1 
ATOM   1143 C C   . ALA A 1 148 ? 0.024   -10.222 -3.056  1.00 16.79  ? 178  ALA A C   1 
ATOM   1144 O O   . ALA A 1 148 ? 0.515   -10.330 -4.176  1.00 20.35  ? 178  ALA A O   1 
ATOM   1145 C CB  . ALA A 1 148 ? -0.475  -12.504 -2.182  1.00 22.93  ? 178  ALA A CB  1 
ATOM   1146 N N   . VAL A 1 149 ? 0.396   -9.283  -2.191  1.00 15.55  ? 179  VAL A N   1 
ATOM   1147 C CA  . VAL A 1 149 ? 1.452   -8.329  -2.513  1.00 13.02  ? 179  VAL A CA  1 
ATOM   1148 C C   . VAL A 1 149 ? 2.367   -8.138  -1.308  1.00 20.34  ? 179  VAL A C   1 
ATOM   1149 O O   . VAL A 1 149 ? 1.920   -8.228  -0.168  1.00 18.58  ? 179  VAL A O   1 
ATOM   1150 C CB  . VAL A 1 149 ? 0.875   -6.971  -2.970  1.00 16.08  ? 179  VAL A CB  1 
ATOM   1151 C CG1 . VAL A 1 149 ? 0.023   -6.348  -1.871  1.00 16.46  ? 179  VAL A CG1 1 
ATOM   1152 C CG2 . VAL A 1 149 ? 1.994   -6.028  -3.383  1.00 38.68  ? 179  VAL A CG2 1 
ATOM   1153 N N   . SER A 1 150 ? 3.647   -7.880  -1.566  1.00 16.91  ? 180  SER A N   1 
ATOM   1154 C CA  . SER A 1 150 ? 4.643   -7.770  -0.505  1.00 16.29  ? 180  SER A CA  1 
ATOM   1155 C C   . SER A 1 150 ? 5.707   -6.729  -0.843  1.00 17.01  ? 180  SER A C   1 
ATOM   1156 O O   . SER A 1 150 ? 6.123   -6.603  -1.995  1.00 18.48  ? 180  SER A O   1 
ATOM   1157 C CB  . SER A 1 150 ? 5.311   -9.130  -0.270  1.00 20.18  ? 180  SER A CB  1 
ATOM   1158 O OG  . SER A 1 150 ? 6.356   -9.034  0.681   1.00 20.71  ? 180  SER A OG  1 
ATOM   1159 N N   . GLY A 1 151 ? 6.149   -5.996  0.171   1.00 15.79  ? 181  GLY A N   1 
ATOM   1160 C CA  . GLY A 1 151 ? 7.186   -4.994  0.000   1.00 13.29  ? 181  GLY A CA  1 
ATOM   1161 C C   . GLY A 1 151 ? 8.095   -4.921  1.214   1.00 16.62  ? 181  GLY A C   1 
ATOM   1162 O O   . GLY A 1 151 ? 7.653   -5.138  2.343   1.00 19.93  ? 181  GLY A O   1 
ATOM   1163 N N   . VAL A 1 152 ? 9.367   -4.619  0.982   1.00 16.26  ? 182  VAL A N   1 
ATOM   1164 C CA  . VAL A 1 152 ? 10.332  -4.487  2.072   1.00 13.80  ? 182  VAL A CA  1 
ATOM   1165 C C   . VAL A 1 152 ? 10.696  -3.022  2.303   1.00 21.88  ? 182  VAL A C   1 
ATOM   1166 O O   . VAL A 1 152 ? 10.851  -2.254  1.354   1.00 21.93  ? 182  VAL A O   1 
ATOM   1167 C CB  . VAL A 1 152 ? 11.618  -5.283  1.781   1.00 21.79  ? 182  VAL A CB  1 
ATOM   1168 C CG1 . VAL A 1 152 ? 12.546  -5.260  2.985   1.00 21.51  ? 182  VAL A CG1 1 
ATOM   1169 C CG2 . VAL A 1 152 ? 11.275  -6.714  1.395   1.00 16.36  ? 182  VAL A CG2 1 
ATOM   1170 N N   . HIS A 1 153 ? 10.827  -2.636  3.567   1.00 24.22  ? 183  HIS A N   1 
ATOM   1171 C CA  . HIS A 1 153 ? 11.203  -1.269  3.897   1.00 31.81  ? 183  HIS A CA  1 
ATOM   1172 C C   . HIS A 1 153 ? 12.565  -0.951  3.299   1.00 28.25  ? 183  HIS A C   1 
ATOM   1173 O O   . HIS A 1 153 ? 13.445  -1.809  3.260   1.00 31.14  ? 183  HIS A O   1 
ATOM   1174 C CB  . HIS A 1 153 ? 11.247  -1.080  5.413   1.00 29.16  ? 183  HIS A CB  1 
ATOM   1175 C CG  . HIS A 1 153 ? 11.439  0.341   5.841   1.00 25.17  ? 183  HIS A CG  1 
ATOM   1176 N ND1 . HIS A 1 153 ? 12.579  1.061   5.549   1.00 23.15  ? 183  HIS A ND1 1 
ATOM   1177 C CD2 . HIS A 1 153 ? 10.642  1.174   6.550   1.00 26.08  ? 183  HIS A CD2 1 
ATOM   1178 C CE1 . HIS A 1 153 ? 12.472  2.275   6.054   1.00 31.42  ? 183  HIS A CE1 1 
ATOM   1179 N NE2 . HIS A 1 153 ? 11.304  2.370   6.667   1.00 31.57  ? 183  HIS A NE2 1 
ATOM   1180 N N   . LYS A 1 154 ? 12.736  0.273   2.813   1.00 25.04  ? 184  LYS A N   1 
ATOM   1181 C CA  . LYS A 1 154 ? 14.054  0.718   2.378   1.00 26.44  ? 184  LYS A CA  1 
ATOM   1182 C C   . LYS A 1 154 ? 15.029  0.530   3.530   1.00 41.75  ? 184  LYS A C   1 
ATOM   1183 O O   . LYS A 1 154 ? 14.722  0.872   4.672   1.00 43.09  ? 184  LYS A O   1 
ATOM   1184 C CB  . LYS A 1 154 ? 14.031  2.190   1.967   1.00 37.00  ? 184  LYS A CB  1 
ATOM   1185 C CG  . LYS A 1 154 ? 13.548  2.446   0.553   1.00 42.89  ? 184  LYS A CG  1 
ATOM   1186 C CD  . LYS A 1 154 ? 13.639  3.926   0.216   1.00 37.56  ? 184  LYS A CD  1 
ATOM   1187 C CE  . LYS A 1 154 ? 12.947  4.767   1.277   1.00 43.05  ? 184  LYS A CE  1 
ATOM   1188 N NZ  . LYS A 1 154 ? 12.944  6.217   0.935   1.00 48.43  ? 184  LYS A NZ  1 
ATOM   1189 N N   . ASN A 1 155 ? 16.196  -0.029  3.238   1.00 54.64  ? 185  ASN A N   1 
ATOM   1190 C CA  . ASN A 1 155 ? 17.230  -0.165  4.250   1.00 55.50  ? 185  ASN A CA  1 
ATOM   1191 C C   . ASN A 1 155 ? 18.276  0.922   4.051   1.00 70.69  ? 185  ASN A C   1 
ATOM   1192 O O   . ASN A 1 155 ? 19.198  0.765   3.252   1.00 82.92  ? 185  ASN A O   1 
ATOM   1193 C CB  . ASN A 1 155 ? 17.868  -1.553  4.197   1.00 50.43  ? 185  ASN A CB  1 
ATOM   1194 C CG  . ASN A 1 155 ? 18.537  -1.934  5.503   1.00 63.64  ? 185  ASN A CG  1 
ATOM   1195 O OD1 . ASN A 1 155 ? 19.117  -1.090  6.186   1.00 49.27  ? 185  ASN A OD1 1 
ATOM   1196 N ND2 . ASN A 1 155 ? 18.451  -3.210  5.861   1.00 43.89  ? 185  ASN A ND2 1 
ATOM   1197 N N   . PRO A 1 156 ? 18.192  2.011   4.797   1.00 79.20  ? 186  PRO A N   1 
ATOM   1198 C CA  . PRO A 1 156 ? 19.048  3.156   4.480   1.00 100.26 ? 186  PRO A CA  1 
ATOM   1199 C C   . PRO A 1 156 ? 20.524  2.774   4.549   1.00 114.80 ? 186  PRO A C   1 
ATOM   1200 O O   . PRO A 1 156 ? 21.315  3.221   3.720   1.00 101.77 ? 186  PRO A O   1 
ATOM   1201 C CB  . PRO A 1 156 ? 18.689  4.180   5.580   1.00 118.61 ? 186  PRO A CB  1 
ATOM   1202 C CG  . PRO A 1 156 ? 18.109  3.343   6.702   1.00 83.53  ? 186  PRO A CG  1 
ATOM   1203 C CD  . PRO A 1 156 ? 17.338  2.275   5.966   1.00 70.63  ? 186  PRO A CD  1 
ATOM   1204 N N   . SER A 1 157 ? 20.884  1.958   5.528   1.00 95.97  ? 187  SER A N   1 
ATOM   1205 C CA  . SER A 1 157 ? 22.256  1.492   5.687   1.00 91.93  ? 187  SER A CA  1 
ATOM   1206 C C   . SER A 1 157 ? 22.554  0.143   5.020   1.00 94.75  ? 187  SER A C   1 
ATOM   1207 O O   . SER A 1 157 ? 21.800  -0.361  4.187   1.00 90.35  ? 187  SER A O   1 
ATOM   1208 C CB  . SER A 1 157 ? 22.607  1.412   7.174   1.00 82.22  ? 187  SER A CB  1 
ATOM   1209 O OG  . SER A 1 157 ? 22.712  2.707   7.736   1.00 94.82  ? 187  SER A OG  1 
ATOM   1210 N N   . SER A 1 158 ? 23.686  -0.412  5.434   1.00 84.03  ? 188  SER A N   1 
ATOM   1211 C CA  . SER A 1 158 ? 24.112  -1.774  5.147   1.00 98.26  ? 188  SER A CA  1 
ATOM   1212 C C   . SER A 1 158 ? 23.771  -2.672  6.329   1.00 98.68  ? 188  SER A C   1 
ATOM   1213 O O   . SER A 1 158 ? 24.422  -3.691  6.557   1.00 89.32  ? 188  SER A O   1 
ATOM   1214 C CB  . SER A 1 158 ? 25.615  -1.818  4.873   1.00 101.32 ? 188  SER A CB  1 
ATOM   1215 O OG  . SER A 1 158 ? 26.354  -1.446  6.026   1.00 59.59  ? 188  SER A OG  1 
ATOM   1216 N N   . TYR A 1 159 ? 22.745  -2.285  7.080   1.00 89.81  ? 189  TYR A N   1 
ATOM   1217 C CA  . TYR A 1 159 ? 22.369  -3.019  8.281   1.00 76.61  ? 189  TYR A CA  1 
ATOM   1218 C C   . TYR A 1 159 ? 21.592  -4.289  7.951   1.00 85.56  ? 189  TYR A C   1 
ATOM   1219 O O   . TYR A 1 159 ? 20.618  -4.260  7.198   1.00 89.98  ? 189  TYR A O   1 
ATOM   1220 C CB  . TYR A 1 159 ? 21.562  -2.135  9.233   1.00 92.86  ? 189  TYR A CB  1 
ATOM   1221 C CG  . TYR A 1 159 ? 21.371  -2.753  10.599  1.00 78.45  ? 189  TYR A CG  1 
ATOM   1222 C CD1 . TYR A 1 159 ? 22.435  -2.858  11.484  1.00 45.14  ? 189  TYR A CD1 1 
ATOM   1223 C CD2 . TYR A 1 159 ? 20.133  -3.237  11.000  1.00 70.49  ? 189  TYR A CD2 1 
ATOM   1224 C CE1 . TYR A 1 159 ? 22.273  -3.424  12.733  1.00 77.90  ? 189  TYR A CE1 1 
ATOM   1225 C CE2 . TYR A 1 159 ? 19.961  -3.806  12.248  1.00 80.76  ? 189  TYR A CE2 1 
ATOM   1226 C CZ  . TYR A 1 159 ? 21.034  -3.896  13.110  1.00 83.45  ? 189  TYR A CZ  1 
ATOM   1227 O OH  . TYR A 1 159 ? 20.871  -4.460  14.352  1.00 94.69  ? 189  TYR A OH  1 
ATOM   1228 N N   . ASN A 1 160 ? 22.036  -5.404  8.524   1.00 80.93  ? 190  ASN A N   1 
ATOM   1229 C CA  . ASN A 1 160 ? 21.387  -6.691  8.316   1.00 92.30  ? 190  ASN A CA  1 
ATOM   1230 C C   . ASN A 1 160 ? 20.261  -6.930  9.314   1.00 75.08  ? 190  ASN A C   1 
ATOM   1231 O O   . ASN A 1 160 ? 20.497  -7.422  10.417  1.00 85.09  ? 190  ASN A O   1 
ATOM   1232 C CB  . ASN A 1 160 ? 22.411  -7.824  8.418   1.00 69.21  ? 190  ASN A CB  1 
ATOM   1233 C CG  . ASN A 1 160 ? 22.588  -8.569  7.110   1.00 91.79  ? 190  ASN A CG  1 
ATOM   1234 O OD1 . ASN A 1 160 ? 21.779  -9.427  6.757   1.00 72.30  ? 190  ASN A OD1 1 
ATOM   1235 N ND2 . ASN A 1 160 ? 23.655  -8.249  6.385   1.00 72.81  ? 190  ASN A ND2 1 
ATOM   1236 N N   . VAL A 1 161 ? 19.039  -6.582  8.923   1.00 75.57  ? 191  VAL A N   1 
ATOM   1237 C CA  . VAL A 1 161 ? 17.880  -6.783  9.788   1.00 91.20  ? 191  VAL A CA  1 
ATOM   1238 C C   . VAL A 1 161 ? 17.578  -8.267  9.969   1.00 84.46  ? 191  VAL A C   1 
ATOM   1239 O O   . VAL A 1 161 ? 16.882  -8.659  10.905  1.00 56.99  ? 191  VAL A O   1 
ATOM   1240 C CB  . VAL A 1 161 ? 16.627  -6.065  9.245   1.00 79.18  ? 191  VAL A CB  1 
ATOM   1241 C CG1 . VAL A 1 161 ? 16.768  -4.562  9.405   1.00 56.72  ? 191  VAL A CG1 1 
ATOM   1242 C CG2 . VAL A 1 161 ? 16.386  -6.440  7.790   1.00 70.42  ? 191  VAL A CG2 1 
ATOM   1243 N N   . GLY A 1 162 ? 18.110  -9.085  9.067   1.00 69.55  ? 192  GLY A N   1 
ATOM   1244 C CA  . GLY A 1 162 ? 17.928  -10.523 9.138   1.00 56.27  ? 192  GLY A CA  1 
ATOM   1245 C C   . GLY A 1 162 ? 19.192  -11.244 9.567   1.00 58.80  ? 192  GLY A C   1 
ATOM   1246 O O   . GLY A 1 162 ? 19.490  -12.335 9.081   1.00 61.97  ? 192  GLY A O   1 
ATOM   1247 N N   . SER A 1 163 ? 19.940  -10.632 10.479  1.00 71.75  ? 193  SER A N   1 
ATOM   1248 C CA  . SER A 1 163 ? 21.157  -11.243 11.002  1.00 58.16  ? 193  SER A CA  1 
ATOM   1249 C C   . SER A 1 163 ? 20.855  -12.006 12.285  1.00 73.64  ? 193  SER A C   1 
ATOM   1250 O O   . SER A 1 163 ? 19.775  -11.863 12.862  1.00 43.92  ? 193  SER A O   1 
ATOM   1251 C CB  . SER A 1 163 ? 22.234  -10.186 11.259  1.00 65.94  ? 193  SER A CB  1 
ATOM   1252 O OG  . SER A 1 163 ? 21.936  -9.422  12.414  1.00 69.41  ? 193  SER A OG  1 
ATOM   1253 N N   . ALA A 1 164 ? 21.820  -12.807 12.726  1.00 65.01  ? 194  ALA A N   1 
ATOM   1254 C CA  . ALA A 1 164 ? 21.663  -13.669 13.895  1.00 77.08  ? 194  ALA A CA  1 
ATOM   1255 C C   . ALA A 1 164 ? 20.743  -13.097 14.973  1.00 68.19  ? 194  ALA A C   1 
ATOM   1256 O O   . ALA A 1 164 ? 19.762  -13.734 15.360  1.00 61.81  ? 194  ALA A O   1 
ATOM   1257 C CB  . ALA A 1 164 ? 23.029  -14.011 14.485  1.00 73.78  ? 194  ALA A CB  1 
ATOM   1258 N N   . HIS A 1 165 ? 21.056  -11.898 15.456  1.00 74.22  ? 195  HIS A N   1 
ATOM   1259 C CA  . HIS A 1 165 ? 20.287  -11.303 16.548  1.00 87.13  ? 195  HIS A CA  1 
ATOM   1260 C C   . HIS A 1 165 ? 18.982  -10.646 16.095  1.00 66.17  ? 195  HIS A C   1 
ATOM   1261 O O   . HIS A 1 165 ? 17.961  -10.751 16.776  1.00 76.35  ? 195  HIS A O   1 
ATOM   1262 C CB  . HIS A 1 165 ? 21.136  -10.302 17.345  1.00 93.69  ? 195  HIS A CB  1 
ATOM   1263 C CG  . HIS A 1 165 ? 22.424  -9.927  16.679  1.00 94.33  ? 195  HIS A CG  1 
ATOM   1264 N ND1 . HIS A 1 165 ? 22.770  -8.833  15.957  1.00 111.77 ? 195  HIS A ND1 1 
ATOM   1265 C CD2 . HIS A 1 165 ? 23.548  -10.721 16.733  1.00 76.78  ? 195  HIS A CD2 1 
ATOM   1266 C CE1 . HIS A 1 165 ? 24.083  -8.991  15.587  1.00 96.46  ? 195  HIS A CE1 1 
ATOM   1267 N NE2 . HIS A 1 165 ? 24.531  -10.138 16.066  1.00 101.68 ? 195  HIS A NE2 1 
ATOM   1268 N N   . ASN A 1 166 ? 19.014  -9.984  14.944  1.00 58.04  ? 196  ASN A N   1 
ATOM   1269 C CA  . ASN A 1 166 ? 17.896  -9.149  14.511  1.00 46.91  ? 196  ASN A CA  1 
ATOM   1270 C C   . ASN A 1 166 ? 16.729  -9.898  13.863  1.00 46.70  ? 196  ASN A C   1 
ATOM   1271 O O   . ASN A 1 166 ? 15.664  -9.322  13.648  1.00 32.81  ? 196  ASN A O   1 
ATOM   1272 C CB  . ASN A 1 166 ? 18.390  -8.059  13.557  1.00 51.38  ? 196  ASN A CB  1 
ATOM   1273 C CG  . ASN A 1 166 ? 19.677  -7.409  14.029  1.00 70.91  ? 196  ASN A CG  1 
ATOM   1274 O OD1 . ASN A 1 166 ? 19.657  -6.399  14.733  1.00 86.86  ? 196  ASN A OD1 1 
ATOM   1275 N ND2 . ASN A 1 166 ? 20.806  -7.986  13.639  1.00 70.91  ? 196  ASN A ND2 1 
ATOM   1276 N N   . VAL A 1 167 ? 16.921  -11.173 13.548  1.00 26.92  ? 197  VAL A N   1 
ATOM   1277 C CA  . VAL A 1 167 ? 15.896  -11.909 12.813  1.00 31.52  ? 197  VAL A CA  1 
ATOM   1278 C C   . VAL A 1 167 ? 14.632  -12.122 13.644  1.00 18.90  ? 197  VAL A C   1 
ATOM   1279 O O   . VAL A 1 167 ? 13.525  -12.119 13.110  1.00 17.40  ? 197  VAL A O   1 
ATOM   1280 C CB  . VAL A 1 167 ? 16.417  -13.260 12.279  1.00 33.78  ? 197  VAL A CB  1 
ATOM   1281 C CG1 . VAL A 1 167 ? 16.628  -14.239 13.418  1.00 46.36  ? 197  VAL A CG1 1 
ATOM   1282 C CG2 . VAL A 1 167 ? 15.444  -13.828 11.265  1.00 28.04  ? 197  VAL A CG2 1 
ATOM   1283 N N   . MET A 1 168 ? 14.794  -12.289 14.950  1.00 19.26  ? 198  MET A N   1 
ATOM   1284 C CA  . MET A 1 168 ? 13.644  -12.505 15.821  1.00 17.37  ? 198  MET A CA  1 
ATOM   1285 C C   . MET A 1 168 ? 12.753  -11.264 15.905  1.00 24.06  ? 198  MET A C   1 
ATOM   1286 O O   . MET A 1 168 ? 11.543  -11.371 16.116  1.00 27.38  ? 198  MET A O   1 
ATOM   1287 C CB  . MET A 1 168 ? 14.091  -12.946 17.216  1.00 22.92  ? 198  MET A CB  1 
ATOM   1288 C CG  . MET A 1 168 ? 12.945  -13.355 18.124  1.00 25.56  ? 198  MET A CG  1 
ATOM   1289 S SD  . MET A 1 168 ? 11.895  -14.634 17.401  1.00 33.40  ? 198  MET A SD  1 
ATOM   1290 C CE  . MET A 1 168 ? 13.126  -15.852 16.951  1.00 26.02  ? 198  MET A CE  1 
ATOM   1291 N N   . ASP A 1 169 ? 13.352  -10.088 15.738  1.00 25.75  ? 199  ASP A N   1 
ATOM   1292 C CA  . ASP A 1 169 ? 12.585  -8.846  15.705  1.00 24.48  ? 199  ASP A CA  1 
ATOM   1293 C C   . ASP A 1 169 ? 11.695  -8.782  14.471  1.00 23.05  ? 199  ASP A C   1 
ATOM   1294 O O   . ASP A 1 169 ? 10.578  -8.272  14.531  1.00 24.23  ? 199  ASP A O   1 
ATOM   1295 C CB  . ASP A 1 169 ? 13.509  -7.627  15.766  1.00 28.28  ? 199  ASP A CB  1 
ATOM   1296 C CG  . ASP A 1 169 ? 13.962  -7.312  17.179  1.00 37.48  ? 199  ASP A CG  1 
ATOM   1297 O OD1 . ASP A 1 169 ? 14.930  -7.946  17.648  1.00 46.77  ? 199  ASP A OD1 1 
ATOM   1298 O OD2 . ASP A 1 169 ? 13.345  -6.436  17.823  1.00 43.48  ? 199  ASP A OD2 1 
ATOM   1299 N N   . VAL A 1 170 ? 12.193  -9.303  13.355  1.00 19.58  ? 200  VAL A N   1 
ATOM   1300 C CA  . VAL A 1 170 ? 11.409  -9.346  12.128  1.00 14.23  ? 200  VAL A CA  1 
ATOM   1301 C C   . VAL A 1 170 ? 10.271  -10.346 12.282  1.00 19.08  ? 200  VAL A C   1 
ATOM   1302 O O   . VAL A 1 170 ? 9.156   -10.102 11.822  1.00 21.88  ? 200  VAL A O   1 
ATOM   1303 C CB  . VAL A 1 170 ? 12.275  -9.723  10.914  1.00 17.83  ? 200  VAL A CB  1 
ATOM   1304 C CG1 . VAL A 1 170 ? 11.434  -9.735  9.648   1.00 21.53  ? 200  VAL A CG1 1 
ATOM   1305 C CG2 . VAL A 1 170 ? 13.451  -8.759  10.782  1.00 23.37  ? 200  VAL A CG2 1 
ATOM   1306 N N   . PHE A 1 171 ? 10.554  -11.474 12.932  1.00 18.60  ? 201  PHE A N   1 
ATOM   1307 C CA  . PHE A 1 171 ? 9.508   -12.442 13.254  1.00 16.89  ? 201  PHE A CA  1 
ATOM   1308 C C   . PHE A 1 171 ? 8.420   -11.798 14.103  1.00 17.85  ? 201  PHE A C   1 
ATOM   1309 O O   . PHE A 1 171 ? 7.231   -11.993 13.853  1.00 20.09  ? 201  PHE A O   1 
ATOM   1310 C CB  . PHE A 1 171 ? 10.079  -13.677 13.965  1.00 21.42  ? 201  PHE A CB  1 
ATOM   1311 C CG  . PHE A 1 171 ? 10.577  -14.738 13.026  1.00 21.52  ? 201  PHE A CG  1 
ATOM   1312 C CD1 . PHE A 1 171 ? 9.695   -15.424 12.206  1.00 16.64  ? 201  PHE A CD1 1 
ATOM   1313 C CD2 . PHE A 1 171 ? 11.924  -15.056 12.966  1.00 16.78  ? 201  PHE A CD2 1 
ATOM   1314 C CE1 . PHE A 1 171 ? 10.151  -16.402 11.337  1.00 19.34  ? 201  PHE A CE1 1 
ATOM   1315 C CE2 . PHE A 1 171 ? 12.384  -16.032 12.095  1.00 16.13  ? 201  PHE A CE2 1 
ATOM   1316 C CZ  . PHE A 1 171 ? 11.496  -16.707 11.283  1.00 15.65  ? 201  PHE A CZ  1 
ATOM   1317 N N   . GLN A 1 172 ? 8.830   -11.022 15.102  1.00 17.49  ? 202  GLN A N   1 
ATOM   1318 C CA  . GLN A 1 172 ? 7.879   -10.307 15.944  1.00 21.06  ? 202  GLN A CA  1 
ATOM   1319 C C   . GLN A 1 172 ? 7.088   -9.274  15.143  1.00 24.25  ? 202  GLN A C   1 
ATOM   1320 O O   . GLN A 1 172 ? 5.887   -9.098  15.365  1.00 23.62  ? 202  GLN A O   1 
ATOM   1321 C CB  . GLN A 1 172 ? 8.579   -9.649  17.135  1.00 13.75  ? 202  GLN A CB  1 
ATOM   1322 C CG  . GLN A 1 172 ? 8.968   -10.626 18.237  1.00 17.05  ? 202  GLN A CG  1 
ATOM   1323 C CD  . GLN A 1 172 ? 9.209   -9.933  19.567  1.00 23.21  ? 202  GLN A CD  1 
ATOM   1324 O OE1 . GLN A 1 172 ? 10.269  -9.352  19.795  1.00 17.11  ? 202  GLN A OE1 1 
ATOM   1325 N NE2 . GLN A 1 172 ? 8.222   -9.992  20.453  1.00 19.52  ? 202  GLN A NE2 1 
ATOM   1326 N N   . SER A 1 173 ? 7.754   -8.604  14.204  1.00 19.05  ? 203  SER A N   1 
ATOM   1327 C CA  . SER A 1 173 ? 7.083   -7.618  13.360  1.00 16.57  ? 203  SER A CA  1 
ATOM   1328 C C   . SER A 1 173 ? 5.890   -8.249  12.652  1.00 25.64  ? 203  SER A C   1 
ATOM   1329 O O   . SER A 1 173 ? 4.884   -7.583  12.408  1.00 21.19  ? 203  SER A O   1 
ATOM   1330 C CB  . SER A 1 173 ? 8.048   -7.004  12.336  1.00 19.26  ? 203  SER A CB  1 
ATOM   1331 O OG  . SER A 1 173 ? 8.220   -7.844  11.202  1.00 23.41  ? 203  SER A OG  1 
ATOM   1332 N N   . CYS A 1 174 ? 6.003   -9.538  12.339  1.00 22.56  ? 204  CYS A N   1 
ATOM   1333 C CA  . CYS A 1 174 ? 4.919   -10.273 11.694  1.00 26.35  ? 204  CYS A CA  1 
ATOM   1334 C C   . CYS A 1 174 ? 3.699   -10.401 12.608  1.00 40.27  ? 204  CYS A C   1 
ATOM   1335 O O   . CYS A 1 174 ? 2.557   -10.253 12.164  1.00 25.11  ? 204  CYS A O   1 
ATOM   1336 C CB  . CYS A 1 174 ? 5.390   -11.659 11.239  1.00 25.40  ? 204  CYS A CB  1 
ATOM   1337 S SG  . CYS A 1 174 ? 6.623   -11.649 9.904   1.00 34.27  ? 204  CYS A SG  1 
ATOM   1338 N N   . ASP A 1 175 ? 3.945   -10.683 13.884  1.00 21.37  ? 205  ASP A N   1 
ATOM   1339 C CA  . ASP A 1 175 ? 2.869   -10.760 14.867  1.00 24.79  ? 205  ASP A CA  1 
ATOM   1340 C C   . ASP A 1 175 ? 2.211   -9.400  15.067  1.00 24.66  ? 205  ASP A C   1 
ATOM   1341 O O   . ASP A 1 175 ? 0.997   -9.310  15.252  1.00 20.63  ? 205  ASP A O   1 
ATOM   1342 C CB  . ASP A 1 175 ? 3.406   -11.229 16.219  1.00 24.38  ? 205  ASP A CB  1 
ATOM   1343 C CG  . ASP A 1 175 ? 3.882   -12.660 16.198  1.00 30.17  ? 205  ASP A CG  1 
ATOM   1344 O OD1 . ASP A 1 175 ? 3.343   -13.458 15.404  1.00 30.10  ? 205  ASP A OD1 1 
ATOM   1345 O OD2 . ASP A 1 175 ? 4.793   -12.983 16.985  1.00 38.16  ? 205  ASP A OD2 1 
ATOM   1346 N N   . LEU A 1 176 ? 3.030   -8.352  15.026  1.00 15.96  ? 206  LEU A N   1 
ATOM   1347 C CA  . LEU A 1 176 ? 2.622   -7.009  15.447  1.00 14.86  ? 206  LEU A CA  1 
ATOM   1348 C C   . LEU A 1 176 ? 1.911   -6.185  14.376  1.00 24.66  ? 206  LEU A C   1 
ATOM   1349 O O   . LEU A 1 176 ? 1.324   -5.142  14.681  1.00 24.19  ? 206  LEU A O   1 
ATOM   1350 C CB  . LEU A 1 176 ? 3.841   -6.235  15.967  1.00 18.22  ? 206  LEU A CB  1 
ATOM   1351 C CG  . LEU A 1 176 ? 4.438   -6.753  17.279  1.00 17.11  ? 206  LEU A CG  1 
ATOM   1352 C CD1 . LEU A 1 176 ? 5.817   -6.161  17.533  1.00 18.98  ? 206  LEU A CD1 1 
ATOM   1353 C CD2 . LEU A 1 176 ? 3.498   -6.481  18.447  1.00 19.06  ? 206  LEU A CD2 1 
ATOM   1354 N N   . ALA A 1 177 ? 1.967   -6.649  13.132  1.00 18.95  ? 207  ALA A N   1 
ATOM   1355 C CA  . ALA A 1 177 ? 1.344   -5.933  12.023  1.00 18.60  ? 207  ALA A CA  1 
ATOM   1356 C C   . ALA A 1 177 ? -0.157  -5.759  12.243  1.00 16.60  ? 207  ALA A C   1 
ATOM   1357 O O   . ALA A 1 177 ? -0.837  -6.674  12.711  1.00 20.57  ? 207  ALA A O   1 
ATOM   1358 C CB  . ALA A 1 177 ? 1.609   -6.656  10.707  1.00 17.01  ? 207  ALA A CB  1 
ATOM   1359 N N   . LEU A 1 178 ? -0.662  -4.571  11.925  1.00 19.19  ? 208  LEU A N   1 
ATOM   1360 C CA  . LEU A 1 178 ? -2.088  -4.284  12.064  1.00 14.79  ? 208  LEU A CA  1 
ATOM   1361 C C   . LEU A 1 178 ? -2.791  -4.197  10.714  1.00 24.47  ? 208  LEU A C   1 
ATOM   1362 O O   . LEU A 1 178 ? -2.346  -3.496  9.801   1.00 22.24  ? 208  LEU A O   1 
ATOM   1363 C CB  . LEU A 1 178 ? -2.309  -3.001  12.870  1.00 26.58  ? 208  LEU A CB  1 
ATOM   1364 C CG  . LEU A 1 178 ? -1.985  -3.126  14.364  1.00 31.73  ? 208  LEU A CG  1 
ATOM   1365 C CD1 . LEU A 1 178 ? -2.029  -1.776  15.057  1.00 30.29  ? 208  LEU A CD1 1 
ATOM   1366 C CD2 . LEU A 1 178 ? -2.939  -4.100  15.030  1.00 28.40  ? 208  LEU A CD2 1 
ATOM   1367 N N   . ARG A 1 179 ? -3.892  -4.927  10.602  1.00 19.40  ? 209  ARG A N   1 
ATOM   1368 C CA  . ARG A 1 179 ? -4.669  -4.972  9.376   1.00 17.99  ? 209  ARG A CA  1 
ATOM   1369 C C   . ARG A 1 179 ? -6.020  -4.292  9.569   1.00 25.77  ? 209  ARG A C   1 
ATOM   1370 O O   . ARG A 1 179 ? -6.659  -4.445  10.610  1.00 31.27  ? 209  ARG A O   1 
ATOM   1371 C CB  . ARG A 1 179 ? -4.869  -6.421  8.938   1.00 26.55  ? 209  ARG A CB  1 
ATOM   1372 C CG  . ARG A 1 179 ? -5.786  -6.597  7.740   1.00 20.25  ? 209  ARG A CG  1 
ATOM   1373 C CD  . ARG A 1 179 ? -6.156  -8.067  7.581   1.00 20.68  ? 209  ARG A CD  1 
ATOM   1374 N NE  . ARG A 1 179 ? -7.000  -8.333  6.418   1.00 22.44  ? 209  ARG A NE  1 
ATOM   1375 C CZ  . ARG A 1 179 ? -8.330  -8.302  6.431   1.00 30.38  ? 209  ARG A CZ  1 
ATOM   1376 N NH1 . ARG A 1 179 ? -8.982  -7.992  7.543   1.00 23.91  ? 209  ARG A NH1 1 
ATOM   1377 N NH2 . ARG A 1 179 ? -9.010  -8.574  5.325   1.00 27.59  ? 209  ARG A NH2 1 
ATOM   1378 N N   . PHE A 1 180 ? -6.447  -3.533  8.566   1.00 21.06  ? 210  PHE A N   1 
ATOM   1379 C CA  . PHE A 1 180 ? -7.744  -2.868  8.614   1.00 11.75  ? 210  PHE A CA  1 
ATOM   1380 C C   . PHE A 1 180 ? -8.515  -3.132  7.332   1.00 31.83  ? 210  PHE A C   1 
ATOM   1381 O O   . PHE A 1 180 ? -7.941  -3.162  6.242   1.00 21.18  ? 210  PHE A O   1 
ATOM   1382 C CB  . PHE A 1 180 ? -7.579  -1.370  8.854   1.00 28.14  ? 210  PHE A CB  1 
ATOM   1383 C CG  . PHE A 1 180 ? -6.827  -1.046  10.113  1.00 39.33  ? 210  PHE A CG  1 
ATOM   1384 C CD1 . PHE A 1 180 ? -7.494  -0.907  11.318  1.00 41.26  ? 210  PHE A CD1 1 
ATOM   1385 C CD2 . PHE A 1 180 ? -5.451  -0.901  10.095  1.00 36.08  ? 210  PHE A CD2 1 
ATOM   1386 C CE1 . PHE A 1 180 ? -6.804  -0.618  12.480  1.00 50.28  ? 210  PHE A CE1 1 
ATOM   1387 C CE2 . PHE A 1 180 ? -4.755  -0.613  11.255  1.00 39.61  ? 210  PHE A CE2 1 
ATOM   1388 C CZ  . PHE A 1 180 ? -5.432  -0.469  12.447  1.00 30.71  ? 210  PHE A CZ  1 
ATOM   1389 N N   . CYS A 1 181 ? -9.816  -3.347  7.472   1.00 26.89  ? 211  CYS A N   1 
ATOM   1390 C CA  . CYS A 1 181 ? -10.679 -3.578  6.325   1.00 20.72  ? 211  CYS A CA  1 
ATOM   1391 C C   . CYS A 1 181 ? -11.887 -2.660  6.408   1.00 36.30  ? 211  CYS A C   1 
ATOM   1392 O O   . CYS A 1 181 ? -12.595 -2.640  7.415   1.00 32.61  ? 211  CYS A O   1 
ATOM   1393 C CB  . CYS A 1 181 ? -11.119 -5.037  6.270   1.00 19.16  ? 211  CYS A CB  1 
ATOM   1394 S SG  . CYS A 1 181 ? -12.086 -5.436  4.802   1.00 37.31  ? 211  CYS A SG  1 
ATOM   1395 N N   . ASN A 1 182 ? -12.101 -1.886  5.350   1.00 29.50  ? 212  ASN A N   1 
ATOM   1396 C CA  . ASN A 1 182 ? -13.196 -0.927  5.303   1.00 34.60  ? 212  ASN A CA  1 
ATOM   1397 C C   . ASN A 1 182 ? -13.867 -0.936  3.937   1.00 38.82  ? 212  ASN A C   1 
ATOM   1398 O O   . ASN A 1 182 ? -13.210 -1.152  2.921   1.00 32.58  ? 212  ASN A O   1 
ATOM   1399 C CB  . ASN A 1 182 ? -12.686 0.483   5.612   1.00 46.10  ? 212  ASN A CB  1 
ATOM   1400 C CG  . ASN A 1 182 ? -11.988 0.576   6.956   1.00 63.54  ? 212  ASN A CG  1 
ATOM   1401 O OD1 . ASN A 1 182 ? -10.793 0.870   7.033   1.00 36.95  ? 212  ASN A OD1 1 
ATOM   1402 N ND2 . ASN A 1 182 ? -12.735 0.335   8.027   1.00 58.87  ? 212  ASN A ND2 1 
ATOM   1403 N N   . ARG A 1 183 ? -15.176 -0.708  3.916   1.00 31.04  ? 213  ARG A N   1 
ATOM   1404 C CA  . ARG A 1 183 ? -15.898 -0.534  2.660   1.00 27.81  ? 213  ARG A CA  1 
ATOM   1405 C C   . ARG A 1 183 ? -16.564 0.837   2.606   1.00 22.01  ? 213  ARG A C   1 
ATOM   1406 O O   . ARG A 1 183 ? -17.228 1.258   3.557   1.00 29.19  ? 213  ARG A O   1 
ATOM   1407 C CB  . ARG A 1 183 ? -16.934 -1.642  2.457   1.00 46.72  ? 213  ARG A CB  1 
ATOM   1408 C CG  . ARG A 1 183 ? -17.838 -1.421  1.249   1.00 42.09  ? 213  ARG A CG  1 
ATOM   1409 C CD  . ARG A 1 183 ? -18.830 -2.561  1.079   1.00 58.82  ? 213  ARG A CD  1 
ATOM   1410 N NE  . ARG A 1 183 ? -20.077 -2.123  0.456   1.00 65.94  ? 213  ARG A NE  1 
ATOM   1411 C CZ  . ARG A 1 183 ? -20.379 -2.294  -0.828  1.00 78.66  ? 213  ARG A CZ  1 
ATOM   1412 N NH1 . ARG A 1 183 ? -19.523 -2.898  -1.639  1.00 89.41  ? 213  ARG A NH1 1 
ATOM   1413 N NH2 . ARG A 1 183 ? -21.541 -1.863  -1.300  1.00 57.98  ? 213  ARG A NH2 1 
ATOM   1414 N N   . TYR A 1 184 ? -16.379 1.533   1.491   1.00 26.25  ? 214  TYR A N   1 
ATOM   1415 C CA  . TYR A 1 184 ? -16.954 2.862   1.314   1.00 26.27  ? 214  TYR A CA  1 
ATOM   1416 C C   . TYR A 1 184 ? -17.869 2.892   0.097   1.00 29.08  ? 214  TYR A C   1 
ATOM   1417 O O   . TYR A 1 184 ? -17.621 2.208   -0.899  1.00 29.28  ? 214  TYR A O   1 
ATOM   1418 C CB  . TYR A 1 184 ? -15.851 3.923   1.223   1.00 24.95  ? 214  TYR A CB  1 
ATOM   1419 C CG  . TYR A 1 184 ? -15.031 4.008   2.491   1.00 35.35  ? 214  TYR A CG  1 
ATOM   1420 C CD1 . TYR A 1 184 ? -13.911 3.210   2.669   1.00 35.27  ? 214  TYR A CD1 1 
ATOM   1421 C CD2 . TYR A 1 184 ? -15.392 4.867   3.522   1.00 29.35  ? 214  TYR A CD2 1 
ATOM   1422 C CE1 . TYR A 1 184 ? -13.166 3.273   3.828   1.00 28.64  ? 214  TYR A CE1 1 
ATOM   1423 C CE2 . TYR A 1 184 ? -14.651 4.937   4.688   1.00 20.90  ? 214  TYR A CE2 1 
ATOM   1424 C CZ  . TYR A 1 184 ? -13.539 4.136   4.835   1.00 36.45  ? 214  TYR A CZ  1 
ATOM   1425 O OH  . TYR A 1 184 ? -12.794 4.196   5.993   1.00 30.48  ? 214  TYR A OH  1 
ATOM   1426 N N   . TRP A 1 185 ? -18.931 3.686   0.194   1.00 29.18  ? 215  TRP A N   1 
ATOM   1427 C CA  . TRP A 1 185 ? -20.011 3.669   -0.786  1.00 27.16  ? 215  TRP A CA  1 
ATOM   1428 C C   . TRP A 1 185 ? -19.614 4.187   -2.159  1.00 27.42  ? 215  TRP A C   1 
ATOM   1429 O O   . TRP A 1 185 ? -20.188 3.787   -3.170  1.00 29.70  ? 215  TRP A O   1 
ATOM   1430 C CB  . TRP A 1 185 ? -21.227 4.440   -0.260  1.00 27.96  ? 215  TRP A CB  1 
ATOM   1431 C CG  . TRP A 1 185 ? -22.078 3.618   0.648   1.00 50.66  ? 215  TRP A CG  1 
ATOM   1432 C CD1 . TRP A 1 185 ? -22.200 3.745   2.000   1.00 68.16  ? 215  TRP A CD1 1 
ATOM   1433 C CD2 . TRP A 1 185 ? -22.913 2.519   0.268   1.00 63.10  ? 215  TRP A CD2 1 
ATOM   1434 N NE1 . TRP A 1 185 ? -23.071 2.797   2.485   1.00 88.88  ? 215  TRP A NE1 1 
ATOM   1435 C CE2 . TRP A 1 185 ? -23.522 2.031   1.441   1.00 81.22  ? 215  TRP A CE2 1 
ATOM   1436 C CE3 . TRP A 1 185 ? -23.210 1.902   -0.952  1.00 61.06  ? 215  TRP A CE3 1 
ATOM   1437 C CZ2 . TRP A 1 185 ? -24.408 0.957   1.431   1.00 82.22  ? 215  TRP A CZ2 1 
ATOM   1438 C CZ3 . TRP A 1 185 ? -24.090 0.837   -0.961  1.00 65.41  ? 215  TRP A CZ3 1 
ATOM   1439 C CH2 . TRP A 1 185 ? -24.679 0.375   0.224   1.00 87.93  ? 215  TRP A CH2 1 
ATOM   1440 N N   . ALA A 1 186 ? -18.639 5.087   -2.187  1.00 26.14  ? 216  ALA A N   1 
ATOM   1441 C CA  . ALA A 1 186 ? -18.144 5.644   -3.437  1.00 29.38  ? 216  ALA A CA  1 
ATOM   1442 C C   . ALA A 1 186 ? -16.746 6.185   -3.193  1.00 29.81  ? 216  ALA A C   1 
ATOM   1443 O O   . ALA A 1 186 ? -16.352 6.394   -2.044  1.00 22.57  ? 216  ALA A O   1 
ATOM   1444 C CB  . ALA A 1 186 ? -19.068 6.746   -3.938  1.00 22.69  ? 216  ALA A CB  1 
ATOM   1445 N N   . GLU A 1 187 ? -15.992 6.407   -4.263  1.00 17.28  ? 217  GLU A N   1 
ATOM   1446 C CA  . GLU A 1 187 ? -14.643 6.933   -4.111  1.00 22.00  ? 217  GLU A CA  1 
ATOM   1447 C C   . GLU A 1 187 ? -14.657 8.273   -3.383  1.00 32.27  ? 217  GLU A C   1 
ATOM   1448 O O   . GLU A 1 187 ? -13.713 8.609   -2.673  1.00 19.23  ? 217  GLU A O   1 
ATOM   1449 C CB  . GLU A 1 187 ? -13.929 7.058   -5.459  1.00 25.70  ? 217  GLU A CB  1 
ATOM   1450 C CG  . GLU A 1 187 ? -12.501 7.560   -5.330  1.00 19.95  ? 217  GLU A CG  1 
ATOM   1451 C CD  . GLU A 1 187 ? -11.692 7.385   -6.597  1.00 27.28  ? 217  GLU A CD  1 
ATOM   1452 O OE1 . GLU A 1 187 ? -11.942 8.118   -7.573  1.00 30.58  ? 217  GLU A OE1 1 
ATOM   1453 O OE2 . GLU A 1 187 ? -10.798 6.515   -6.613  1.00 22.88  ? 217  GLU A OE2 1 
ATOM   1454 N N   . LEU A 1 188 ? -15.731 9.037   -3.555  1.00 20.73  ? 218  LEU A N   1 
ATOM   1455 C CA  . LEU A 1 188 ? -15.860 10.304  -2.845  1.00 22.59  ? 218  LEU A CA  1 
ATOM   1456 C C   . LEU A 1 188 ? -15.800 10.091  -1.332  1.00 21.47  ? 218  LEU A C   1 
ATOM   1457 O O   . LEU A 1 188 ? -15.041 10.762  -0.633  1.00 25.99  ? 218  LEU A O   1 
ATOM   1458 C CB  . LEU A 1 188 ? -17.162 11.011  -3.226  1.00 21.10  ? 218  LEU A CB  1 
ATOM   1459 C CG  . LEU A 1 188 ? -17.412 12.319  -2.472  1.00 39.35  ? 218  LEU A CG  1 
ATOM   1460 C CD1 . LEU A 1 188 ? -16.309 13.323  -2.768  1.00 26.38  ? 218  LEU A CD1 1 
ATOM   1461 C CD2 . LEU A 1 188 ? -18.779 12.893  -2.810  1.00 35.43  ? 218  LEU A CD2 1 
ATOM   1462 N N   . GLU A 1 189 ? -16.600 9.156   -0.831  1.00 20.16  ? 219  GLU A N   1 
ATOM   1463 C CA  . GLU A 1 189 ? -16.606 8.848   0.594   1.00 32.76  ? 219  GLU A CA  1 
ATOM   1464 C C   . GLU A 1 189 ? -15.231 8.363   1.038   1.00 26.64  ? 219  GLU A C   1 
ATOM   1465 O O   . GLU A 1 189 ? -14.738 8.743   2.102   1.00 22.70  ? 219  GLU A O   1 
ATOM   1466 C CB  . GLU A 1 189 ? -17.665 7.793   0.920   1.00 24.25  ? 219  GLU A CB  1 
ATOM   1467 C CG  . GLU A 1 189 ? -17.720 7.423   2.394   1.00 43.91  ? 219  GLU A CG  1 
ATOM   1468 C CD  . GLU A 1 189 ? -18.865 6.488   2.729   1.00 71.25  ? 219  GLU A CD  1 
ATOM   1469 O OE1 . GLU A 1 189 ? -19.077 5.504   1.987   1.00 42.59  ? 219  GLU A OE1 1 
ATOM   1470 O OE2 . GLU A 1 189 ? -19.554 6.738   3.739   1.00 63.51  ? 219  GLU A OE2 1 
ATOM   1471 N N   . LEU A 1 190 ? -14.620 7.520   0.212   1.00 23.54  ? 220  LEU A N   1 
ATOM   1472 C CA  . LEU A 1 190 ? -13.287 7.000   0.489   1.00 21.81  ? 220  LEU A CA  1 
ATOM   1473 C C   . LEU A 1 190 ? -12.295 8.145   0.679   1.00 21.25  ? 220  LEU A C   1 
ATOM   1474 O O   . LEU A 1 190 ? -11.566 8.189   1.666   1.00 29.46  ? 220  LEU A O   1 
ATOM   1475 C CB  . LEU A 1 190 ? -12.824 6.096   -0.655  1.00 18.44  ? 220  LEU A CB  1 
ATOM   1476 C CG  . LEU A 1 190 ? -11.449 5.441   -0.521  1.00 30.56  ? 220  LEU A CG  1 
ATOM   1477 C CD1 . LEU A 1 190 ? -11.507 4.255   0.434   1.00 20.28  ? 220  LEU A CD1 1 
ATOM   1478 C CD2 . LEU A 1 190 ? -10.945 5.003   -1.893  1.00 23.92  ? 220  LEU A CD2 1 
ATOM   1479 N N   . VAL A 1 191 ? -12.282 9.072   -0.273  1.00 24.41  ? 221  VAL A N   1 
ATOM   1480 C CA  . VAL A 1 191 ? -11.393 10.229  -0.212  1.00 22.73  ? 221  VAL A CA  1 
ATOM   1481 C C   . VAL A 1 191 ? -11.665 11.088  1.022   1.00 33.80  ? 221  VAL A C   1 
ATOM   1482 O O   . VAL A 1 191 ? -10.738 11.491  1.730   1.00 21.30  ? 221  VAL A O   1 
ATOM   1483 C CB  . VAL A 1 191 ? -11.522 11.101  -1.481  1.00 23.59  ? 221  VAL A CB  1 
ATOM   1484 C CG1 . VAL A 1 191 ? -10.826 12.448  -1.294  1.00 18.51  ? 221  VAL A CG1 1 
ATOM   1485 C CG2 . VAL A 1 191 ? -10.977 10.359  -2.698  1.00 25.40  ? 221  VAL A CG2 1 
ATOM   1486 N N   . ASN A 1 192 ? -12.942 11.355  1.285   1.00 22.15  ? 222  ASN A N   1 
ATOM   1487 C CA  . ASN A 1 192 ? -13.326 12.269  2.358   1.00 21.42  ? 222  ASN A CA  1 
ATOM   1488 C C   . ASN A 1 192 ? -13.175 11.710  3.764   1.00 26.21  ? 222  ASN A C   1 
ATOM   1489 O O   . ASN A 1 192 ? -12.923 12.461  4.706   1.00 23.19  ? 222  ASN A O   1 
ATOM   1490 C CB  . ASN A 1 192 ? -14.763 12.767  2.167   1.00 24.90  ? 222  ASN A CB  1 
ATOM   1491 C CG  . ASN A 1 192 ? -14.909 13.675  0.971   1.00 26.54  ? 222  ASN A CG  1 
ATOM   1492 O OD1 . ASN A 1 192 ? -13.921 14.183  0.445   1.00 21.71  ? 222  ASN A OD1 1 
ATOM   1493 N ND2 . ASN A 1 192 ? -16.146 13.895  0.539   1.00 29.21  ? 222  ASN A ND2 1 
ATOM   1494 N N   . HIS A 1 193 ? -13.335 10.399  3.915   1.00 23.73  ? 223  HIS A N   1 
ATOM   1495 C CA  . HIS A 1 193 ? -13.408 9.816   5.251   1.00 28.11  ? 223  HIS A CA  1 
ATOM   1496 C C   . HIS A 1 193 ? -12.293 8.829   5.580   1.00 31.06  ? 223  HIS A C   1 
ATOM   1497 O O   . HIS A 1 193 ? -12.132 8.430   6.735   1.00 27.80  ? 223  HIS A O   1 
ATOM   1498 C CB  . HIS A 1 193 ? -14.780 9.177   5.468   1.00 21.43  ? 223  HIS A CB  1 
ATOM   1499 C CG  . HIS A 1 193 ? -15.915 10.144  5.327   1.00 52.79  ? 223  HIS A CG  1 
ATOM   1500 N ND1 . HIS A 1 193 ? -17.012 9.898   4.530   1.00 41.99  ? 223  HIS A ND1 1 
ATOM   1501 C CD2 . HIS A 1 193 ? -16.114 11.367  5.875   1.00 40.98  ? 223  HIS A CD2 1 
ATOM   1502 C CE1 . HIS A 1 193 ? -17.841 10.924  4.597   1.00 59.29  ? 223  HIS A CE1 1 
ATOM   1503 N NE2 . HIS A 1 193 ? -17.319 11.829  5.405   1.00 48.88  ? 223  HIS A NE2 1 
ATOM   1504 N N   . TYR A 1 194 ? -11.520 8.444   4.570   1.00 22.53  ? 224  TYR A N   1 
ATOM   1505 C CA  . TYR A 1 194 ? -10.425 7.504   4.782   1.00 18.01  ? 224  TYR A CA  1 
ATOM   1506 C C   . TYR A 1 194 ? -9.073  8.095   4.377   1.00 19.93  ? 224  TYR A C   1 
ATOM   1507 O O   . TYR A 1 194 ? -8.195  8.296   5.219   1.00 20.25  ? 224  TYR A O   1 
ATOM   1508 C CB  . TYR A 1 194 ? -10.691 6.183   4.049   1.00 26.51  ? 224  TYR A CB  1 
ATOM   1509 C CG  . TYR A 1 194 ? -9.648  5.129   4.333   1.00 16.17  ? 224  TYR A CG  1 
ATOM   1510 C CD1 . TYR A 1 194 ? -9.623  4.461   5.553   1.00 27.05  ? 224  TYR A CD1 1 
ATOM   1511 C CD2 . TYR A 1 194 ? -8.676  4.810   3.393   1.00 24.54  ? 224  TYR A CD2 1 
ATOM   1512 C CE1 . TYR A 1 194 ? -8.661  3.503   5.826   1.00 21.99  ? 224  TYR A CE1 1 
ATOM   1513 C CE2 . TYR A 1 194 ? -7.711  3.850   3.658   1.00 19.54  ? 224  TYR A CE2 1 
ATOM   1514 C CZ  . TYR A 1 194 ? -7.709  3.201   4.877   1.00 22.82  ? 224  TYR A CZ  1 
ATOM   1515 O OH  . TYR A 1 194 ? -6.752  2.245   5.151   1.00 20.49  ? 224  TYR A OH  1 
ATOM   1516 N N   . ILE A 1 195 ? -8.916  8.385   3.090   1.00 25.98  ? 225  ILE A N   1 
ATOM   1517 C CA  . ILE A 1 195 ? -7.655  8.898   2.558   1.00 17.42  ? 225  ILE A CA  1 
ATOM   1518 C C   . ILE A 1 195 ? -7.231  10.212  3.207   1.00 27.25  ? 225  ILE A C   1 
ATOM   1519 O O   . ILE A 1 195 ? -6.179  10.291  3.837   1.00 22.12  ? 225  ILE A O   1 
ATOM   1520 C CB  . ILE A 1 195 ? -7.743  9.127   1.039   1.00 29.31  ? 225  ILE A CB  1 
ATOM   1521 C CG1 . ILE A 1 195 ? -8.095  7.824   0.326   1.00 17.09  ? 225  ILE A CG1 1 
ATOM   1522 C CG2 . ILE A 1 195 ? -6.428  9.694   0.506   1.00 19.77  ? 225  ILE A CG2 1 
ATOM   1523 C CD1 . ILE A 1 195 ? -6.946  6.867   0.250   1.00 39.93  ? 225  ILE A CD1 1 
ATOM   1524 N N   . SER A 1 196 ? -8.053  11.243  3.042   1.00 22.70  ? 226  SER A N   1 
ATOM   1525 C CA  . SER A 1 196 ? -7.685  12.589  3.483   1.00 22.81  ? 226  SER A CA  1 
ATOM   1526 C C   . SER A 1 196 ? -7.470  12.742  4.997   1.00 27.60  ? 226  SER A C   1 
ATOM   1527 O O   . SER A 1 196 ? -6.460  13.300  5.423   1.00 27.83  ? 226  SER A O   1 
ATOM   1528 C CB  . SER A 1 196 ? -8.697  13.625  2.976   1.00 25.44  ? 226  SER A CB  1 
ATOM   1529 O OG  . SER A 1 196 ? -8.727  13.665  1.556   1.00 28.80  ? 226  SER A OG  1 
ATOM   1530 N N   . PRO A 1 197 ? -8.422  12.263  5.815   1.00 20.99  ? 227  PRO A N   1 
ATOM   1531 C CA  . PRO A 1 197 ? -8.284  12.436  7.267   1.00 20.97  ? 227  PRO A CA  1 
ATOM   1532 C C   . PRO A 1 197 ? -7.028  11.777  7.825   1.00 31.48  ? 227  PRO A C   1 
ATOM   1533 O O   . PRO A 1 197 ? -6.481  12.237  8.828   1.00 24.86  ? 227  PRO A O   1 
ATOM   1534 C CB  . PRO A 1 197 ? -9.532  11.741  7.823   1.00 27.39  ? 227  PRO A CB  1 
ATOM   1535 C CG  . PRO A 1 197 ? -10.516 11.791  6.709   1.00 33.32  ? 227  PRO A CG  1 
ATOM   1536 C CD  . PRO A 1 197 ? -9.710  11.648  5.454   1.00 23.50  ? 227  PRO A CD  1 
ATOM   1537 N N   . ASN A 1 198 ? -6.573  10.709  7.182   1.00 16.99  ? 228  ASN A N   1 
ATOM   1538 C CA  . ASN A 1 198 ? -5.406  9.982   7.672   1.00 19.78  ? 228  ASN A CA  1 
ATOM   1539 C C   . ASN A 1 198 ? -4.117  10.344  6.943   1.00 24.31  ? 228  ASN A C   1 
ATOM   1540 O O   . ASN A 1 198 ? -3.065  9.759   7.201   1.00 24.29  ? 228  ASN A O   1 
ATOM   1541 C CB  . ASN A 1 198 ? -5.651  8.473   7.623   1.00 20.93  ? 228  ASN A CB  1 
ATOM   1542 C CG  . ASN A 1 198 ? -6.801  8.048   8.511   1.00 40.05  ? 228  ASN A CG  1 
ATOM   1543 O OD1 . ASN A 1 198 ? -6.723  8.146   9.735   1.00 32.95  ? 228  ASN A OD1 1 
ATOM   1544 N ND2 . ASN A 1 198 ? -7.876  7.570   7.899   1.00 31.22  ? 228  ASN A ND2 1 
ATOM   1545 N N   . ALA A 1 199 ? -4.203  11.314  6.038   1.00 21.53  ? 229  ALA A N   1 
ATOM   1546 C CA  . ALA A 1 199 ? -3.035  11.779  5.295   1.00 18.66  ? 229  ALA A CA  1 
ATOM   1547 C C   . ALA A 1 199 ? -2.346  10.658  4.507   1.00 17.78  ? 229  ALA A C   1 
ATOM   1548 O O   . ALA A 1 199 ? -1.120  10.611  4.432   1.00 19.79  ? 229  ALA A O   1 
ATOM   1549 C CB  . ALA A 1 199 ? -2.043  12.465  6.242   1.00 15.81  ? 229  ALA A CB  1 
ATOM   1550 N N   . TYR A 1 200 ? -3.141  9.765   3.921   1.00 17.80  ? 230  TYR A N   1 
ATOM   1551 C CA  . TYR A 1 200 ? -2.620  8.664   3.112   1.00 14.60  ? 230  TYR A CA  1 
ATOM   1552 C C   . TYR A 1 200 ? -2.452  9.103   1.661   1.00 29.75  ? 230  TYR A C   1 
ATOM   1553 O O   . TYR A 1 200 ? -3.196  9.955   1.179   1.00 20.88  ? 230  TYR A O   1 
ATOM   1554 C CB  . TYR A 1 200 ? -3.589  7.479   3.118   1.00 19.42  ? 230  TYR A CB  1 
ATOM   1555 C CG  . TYR A 1 200 ? -3.786  6.780   4.440   1.00 19.02  ? 230  TYR A CG  1 
ATOM   1556 C CD1 . TYR A 1 200 ? -2.849  6.877   5.460   1.00 21.06  ? 230  TYR A CD1 1 
ATOM   1557 C CD2 . TYR A 1 200 ? -4.916  6.002   4.658   1.00 24.62  ? 230  TYR A CD2 1 
ATOM   1558 C CE1 . TYR A 1 200 ? -3.039  6.223   6.663   1.00 25.61  ? 230  TYR A CE1 1 
ATOM   1559 C CE2 . TYR A 1 200 ? -5.114  5.347   5.852   1.00 21.21  ? 230  TYR A CE2 1 
ATOM   1560 C CZ  . TYR A 1 200 ? -4.175  5.460   6.851   1.00 19.50  ? 230  TYR A CZ  1 
ATOM   1561 O OH  . TYR A 1 200 ? -4.376  4.804   8.039   1.00 31.81  ? 230  TYR A OH  1 
ATOM   1562 N N   . PRO A 1 201 ? -1.490  8.499   0.948   1.00 20.11  ? 231  PRO A N   1 
ATOM   1563 C CA  . PRO A 1 201 ? -1.281  8.793   -0.473  1.00 28.10  ? 231  PRO A CA  1 
ATOM   1564 C C   . PRO A 1 201 ? -2.299  8.055   -1.334  1.00 26.13  ? 231  PRO A C   1 
ATOM   1565 O O   . PRO A 1 201 ? -2.697  6.945   -0.986  1.00 25.82  ? 231  PRO A O   1 
ATOM   1566 C CB  . PRO A 1 201 ? 0.121   8.246   -0.732  1.00 25.07  ? 231  PRO A CB  1 
ATOM   1567 C CG  . PRO A 1 201 ? 0.250   7.112   0.234   1.00 25.18  ? 231  PRO A CG  1 
ATOM   1568 C CD  . PRO A 1 201 ? -0.491  7.549   1.468   1.00 25.85  ? 231  PRO A CD  1 
ATOM   1569 N N   . TYR A 1 202 ? -2.713  8.658   -2.443  1.00 22.74  ? 232  TYR A N   1 
ATOM   1570 C CA  . TYR A 1 202 ? -3.783  8.082   -3.249  1.00 23.87  ? 232  TYR A CA  1 
ATOM   1571 C C   . TYR A 1 202 ? -3.874  8.757   -4.608  1.00 29.69  ? 232  TYR A C   1 
ATOM   1572 O O   . TYR A 1 202 ? -3.512  9.925   -4.758  1.00 20.18  ? 232  TYR A O   1 
ATOM   1573 C CB  . TYR A 1 202 ? -5.121  8.217   -2.511  1.00 18.92  ? 232  TYR A CB  1 
ATOM   1574 C CG  . TYR A 1 202 ? -6.274  7.470   -3.145  1.00 21.23  ? 232  TYR A CG  1 
ATOM   1575 C CD1 . TYR A 1 202 ? -6.323  6.079   -3.124  1.00 19.94  ? 232  TYR A CD1 1 
ATOM   1576 C CD2 . TYR A 1 202 ? -7.323  8.151   -3.750  1.00 24.53  ? 232  TYR A CD2 1 
ATOM   1577 C CE1 . TYR A 1 202 ? -7.373  5.389   -3.700  1.00 20.49  ? 232  TYR A CE1 1 
ATOM   1578 C CE2 . TYR A 1 202 ? -8.384  7.468   -4.326  1.00 25.88  ? 232  TYR A CE2 1 
ATOM   1579 C CZ  . TYR A 1 202 ? -8.404  6.088   -4.297  1.00 27.79  ? 232  TYR A CZ  1 
ATOM   1580 O OH  . TYR A 1 202 ? -9.452  5.404   -4.871  1.00 26.05  ? 232  TYR A OH  1 
ATOM   1581 N N   . LEU A 1 203 ? -4.345  8.001   -5.594  1.00 18.61  ? 233  LEU A N   1 
ATOM   1582 C CA  . LEU A 1 203 ? -4.706  8.534   -6.902  1.00 22.52  ? 233  LEU A CA  1 
ATOM   1583 C C   . LEU A 1 203 ? -6.164  8.174   -7.157  1.00 33.86  ? 233  LEU A C   1 
ATOM   1584 O O   . LEU A 1 203 ? -6.541  7.008   -7.053  1.00 20.82  ? 233  LEU A O   1 
ATOM   1585 C CB  . LEU A 1 203 ? -3.839  7.912   -8.000  1.00 19.27  ? 233  LEU A CB  1 
ATOM   1586 C CG  . LEU A 1 203 ? -2.343  8.228   -8.040  1.00 33.83  ? 233  LEU A CG  1 
ATOM   1587 C CD1 . LEU A 1 203 ? -1.604  7.221   -8.911  1.00 31.21  ? 233  LEU A CD1 1 
ATOM   1588 C CD2 . LEU A 1 203 ? -2.112  9.640   -8.539  1.00 26.74  ? 233  LEU A CD2 1 
ATOM   1589 N N   . ASP A 1 204 ? -6.989  9.166   -7.481  1.00 21.02  ? 234  ASP A N   1 
ATOM   1590 C CA  . ASP A 1 204 ? -8.397  8.889   -7.740  1.00 18.41  ? 234  ASP A CA  1 
ATOM   1591 C C   . ASP A 1 204 ? -8.633  8.549   -9.208  1.00 21.07  ? 234  ASP A C   1 
ATOM   1592 O O   . ASP A 1 204 ? -7.687  8.471   -9.996  1.00 24.05  ? 234  ASP A O   1 
ATOM   1593 C CB  . ASP A 1 204 ? -9.304  10.038  -7.278  1.00 28.72  ? 234  ASP A CB  1 
ATOM   1594 C CG  . ASP A 1 204 ? -9.090  11.322  -8.064  1.00 30.19  ? 234  ASP A CG  1 
ATOM   1595 O OD1 . ASP A 1 204 ? -8.524  11.271  -9.176  1.00 21.45  ? 234  ASP A OD1 1 
ATOM   1596 O OD2 . ASP A 1 204 ? -9.503  12.390  -7.565  1.00 36.53  ? 234  ASP A OD2 1 
ATOM   1597 N N   . ILE A 1 205 ? -9.895  8.343   -9.563  1.00 24.83  ? 235  ILE A N   1 
ATOM   1598 C CA  . ILE A 1 205 ? -10.260 7.929   -10.914 1.00 29.14  ? 235  ILE A CA  1 
ATOM   1599 C C   . ILE A 1 205 ? -9.918  8.985   -11.965 1.00 27.93  ? 235  ILE A C   1 
ATOM   1600 O O   . ILE A 1 205 ? -9.741  8.667   -13.143 1.00 25.30  ? 235  ILE A O   1 
ATOM   1601 C CB  . ILE A 1 205 ? -11.756 7.585   -11.001 1.00 31.28  ? 235  ILE A CB  1 
ATOM   1602 C CG1 . ILE A 1 205 ? -12.078 6.941   -12.349 1.00 20.98  ? 235  ILE A CG1 1 
ATOM   1603 C CG2 . ILE A 1 205 ? -12.603 8.831   -10.770 1.00 28.72  ? 235  ILE A CG2 1 
ATOM   1604 C CD1 . ILE A 1 205 ? -13.435 6.277   -12.387 1.00 25.21  ? 235  ILE A CD1 1 
ATOM   1605 N N   . ASN A 1 206 ? -9.827  10.238  -11.536 1.00 19.31  ? 236  ASN A N   1 
ATOM   1606 C CA  . ASN A 1 206 ? -9.465  11.331  -12.435 1.00 40.49  ? 236  ASN A CA  1 
ATOM   1607 C C   . ASN A 1 206 ? -7.965  11.599  -12.452 1.00 28.43  ? 236  ASN A C   1 
ATOM   1608 O O   . ASN A 1 206 ? -7.512  12.615  -12.979 1.00 26.61  ? 236  ASN A O   1 
ATOM   1609 C CB  . ASN A 1 206 ? -10.235 12.598  -12.072 1.00 27.34  ? 236  ASN A CB  1 
ATOM   1610 C CG  . ASN A 1 206 ? -11.708 12.493  -12.415 1.00 46.44  ? 236  ASN A CG  1 
ATOM   1611 O OD1 . ASN A 1 206 ? -12.068 12.110  -13.529 1.00 35.62  ? 236  ASN A OD1 1 
ATOM   1612 N ND2 . ASN A 1 206 ? -12.567 12.809  -11.453 1.00 34.15  ? 236  ASN A ND2 1 
ATOM   1613 N N   . ASN A 1 207 ? -7.207  10.671  -11.874 1.00 21.91  ? 237  ASN A N   1 
ATOM   1614 C CA  . ASN A 1 207 ? -5.748  10.755  -11.831 1.00 28.58  ? 237  ASN A CA  1 
ATOM   1615 C C   . ASN A 1 207 ? -5.246  11.872  -10.921 1.00 28.36  ? 237  ASN A C   1 
ATOM   1616 O O   . ASN A 1 207 ? -4.127  12.363  -11.082 1.00 34.99  ? 237  ASN A O   1 
ATOM   1617 C CB  . ASN A 1 207 ? -5.169  10.916  -13.240 1.00 26.05  ? 237  ASN A CB  1 
ATOM   1618 C CG  . ASN A 1 207 ? -3.669  10.684  -13.284 1.00 29.48  ? 237  ASN A CG  1 
ATOM   1619 O OD1 . ASN A 1 207 ? -3.148  9.784   -12.625 1.00 31.85  ? 237  ASN A OD1 1 
ATOM   1620 N ND2 . ASN A 1 207 ? -2.965  11.504  -14.057 1.00 38.24  ? 237  ASN A ND2 1 
ATOM   1621 N N   . HIS A 1 208 ? -6.071  12.274  -9.963  1.00 22.97  ? 238  HIS A N   1 
ATOM   1622 C CA  . HIS A 1 208 ? -5.658  13.305  -9.025  1.00 18.66  ? 238  HIS A CA  1 
ATOM   1623 C C   . HIS A 1 208 ? -4.933  12.702  -7.832  1.00 18.98  ? 238  HIS A C   1 
ATOM   1624 O O   . HIS A 1 208 ? -5.350  11.678  -7.294  1.00 30.09  ? 238  HIS A O   1 
ATOM   1625 C CB  . HIS A 1 208 ? -6.847  14.152  -8.575  1.00 27.36  ? 238  HIS A CB  1 
ATOM   1626 C CG  . HIS A 1 208 ? -6.987  15.432  -9.336  1.00 49.78  ? 238  HIS A CG  1 
ATOM   1627 N ND1 . HIS A 1 208 ? -6.691  16.661  -8.785  1.00 34.24  ? 238  HIS A ND1 1 
ATOM   1628 C CD2 . HIS A 1 208 ? -7.369  15.675  -10.613 1.00 36.94  ? 238  HIS A CD2 1 
ATOM   1629 C CE1 . HIS A 1 208 ? -6.896  17.605  -9.685  1.00 56.21  ? 238  HIS A CE1 1 
ATOM   1630 N NE2 . HIS A 1 208 ? -7.308  17.033  -10.803 1.00 36.77  ? 238  HIS A NE2 1 
ATOM   1631 N N   . SER A 1 209 ? -3.846  13.352  -7.426  1.00 22.59  ? 239  SER A N   1 
ATOM   1632 C CA  . SER A 1 209 ? -2.998  12.844  -6.357  1.00 19.96  ? 239  SER A CA  1 
ATOM   1633 C C   . SER A 1 209 ? -3.411  13.394  -4.999  1.00 29.79  ? 239  SER A C   1 
ATOM   1634 O O   . SER A 1 209 ? -3.784  14.561  -4.874  1.00 31.00  ? 239  SER A O   1 
ATOM   1635 C CB  . SER A 1 209 ? -1.529  13.176  -6.628  1.00 21.05  ? 239  SER A CB  1 
ATOM   1636 O OG  . SER A 1 209 ? -1.100  12.652  -7.873  1.00 44.83  ? 239  SER A OG  1 
ATOM   1637 N N   . TYR A 1 210 ? -3.339  12.540  -3.985  1.00 21.84  ? 240  TYR A N   1 
ATOM   1638 C CA  . TYR A 1 210 ? -3.667  12.926  -2.620  1.00 20.46  ? 240  TYR A CA  1 
ATOM   1639 C C   . TYR A 1 210 ? -2.537  12.522  -1.691  1.00 25.98  ? 240  TYR A C   1 
ATOM   1640 O O   . TYR A 1 210 ? -1.764  11.615  -1.996  1.00 24.02  ? 240  TYR A O   1 
ATOM   1641 C CB  . TYR A 1 210 ? -4.969  12.263  -2.170  1.00 25.45  ? 240  TYR A CB  1 
ATOM   1642 C CG  . TYR A 1 210 ? -6.159  12.660  -3.004  1.00 22.76  ? 240  TYR A CG  1 
ATOM   1643 C CD1 . TYR A 1 210 ? -6.378  12.087  -4.250  1.00 25.56  ? 240  TYR A CD1 1 
ATOM   1644 C CD2 . TYR A 1 210 ? -7.062  13.616  -2.553  1.00 21.23  ? 240  TYR A CD2 1 
ATOM   1645 C CE1 . TYR A 1 210 ? -7.461  12.453  -5.021  1.00 19.63  ? 240  TYR A CE1 1 
ATOM   1646 C CE2 . TYR A 1 210 ? -8.153  13.985  -3.324  1.00 21.99  ? 240  TYR A CE2 1 
ATOM   1647 C CZ  . TYR A 1 210 ? -8.344  13.401  -4.556  1.00 22.67  ? 240  TYR A CZ  1 
ATOM   1648 O OH  . TYR A 1 210 ? -9.428  13.763  -5.330  1.00 30.48  ? 240  TYR A OH  1 
ATOM   1649 N N   . GLY A 1 211 ? -2.451  13.195  -0.551  1.00 25.20  ? 241  GLY A N   1 
ATOM   1650 C CA  . GLY A 1 211 ? -1.400  12.932  0.408   1.00 18.85  ? 241  GLY A CA  1 
ATOM   1651 C C   . GLY A 1 211 ? -0.830  14.228  0.937   1.00 25.17  ? 241  GLY A C   1 
ATOM   1652 O O   . GLY A 1 211 ? -1.250  15.310  0.532   1.00 21.12  ? 241  GLY A O   1 
ATOM   1653 N N   . VAL A 1 212 ? 0.127   14.122  1.850   1.00 21.70  ? 242  VAL A N   1 
ATOM   1654 C CA  . VAL A 1 212 ? 0.703   15.305  2.470   1.00 18.92  ? 242  VAL A CA  1 
ATOM   1655 C C   . VAL A 1 212 ? 2.220   15.297  2.355   1.00 28.58  ? 242  VAL A C   1 
ATOM   1656 O O   . VAL A 1 212 ? 2.880   14.362  2.808   1.00 23.09  ? 242  VAL A O   1 
ATOM   1657 C CB  . VAL A 1 212 ? 0.320   15.413  3.964   1.00 22.35  ? 242  VAL A CB  1 
ATOM   1658 C CG1 . VAL A 1 212 ? 0.921   16.670  4.573   1.00 27.78  ? 242  VAL A CG1 1 
ATOM   1659 C CG2 . VAL A 1 212 ? -1.191  15.409  4.134   1.00 21.39  ? 242  VAL A CG2 1 
ATOM   1660 N N   . ALA A 1 213 ? 2.761   16.341  1.738   1.00 25.23  ? 243  ALA A N   1 
ATOM   1661 C CA  . ALA A 1 213 ? 4.202   16.539  1.693   1.00 40.50  ? 243  ALA A CA  1 
ATOM   1662 C C   . ALA A 1 213 ? 4.675   17.035  3.053   1.00 34.88  ? 243  ALA A C   1 
ATOM   1663 O O   . ALA A 1 213 ? 4.121   17.988  3.601   1.00 31.17  ? 243  ALA A O   1 
ATOM   1664 C CB  . ALA A 1 213 ? 4.567   17.534  0.604   1.00 28.48  ? 243  ALA A CB  1 
ATOM   1665 N N   . LEU A 1 214 ? 5.691   16.381  3.601   1.00 32.11  ? 244  LEU A N   1 
ATOM   1666 C CA  . LEU A 1 214 ? 6.186   16.727  4.930   1.00 44.08  ? 244  LEU A CA  1 
ATOM   1667 C C   . LEU A 1 214 ? 7.638   17.201  4.905   1.00 39.07  ? 244  LEU A C   1 
ATOM   1668 O O   . LEU A 1 214 ? 8.112   17.816  5.859   1.00 53.61  ? 244  LEU A O   1 
ATOM   1669 C CB  . LEU A 1 214 ? 6.021   15.543  5.886   1.00 26.81  ? 244  LEU A CB  1 
ATOM   1670 C CG  . LEU A 1 214 ? 4.570   15.169  6.201   1.00 45.79  ? 244  LEU A CG  1 
ATOM   1671 C CD1 . LEU A 1 214 ? 4.491   13.841  6.939   1.00 37.40  ? 244  LEU A CD1 1 
ATOM   1672 C CD2 . LEU A 1 214 ? 3.886   16.282  6.991   1.00 35.61  ? 244  LEU A CD2 1 
ATOM   1673 N N   . SER A 1 215 ? 8.338   16.912  3.813   1.00 40.46  ? 245  SER A N   1 
ATOM   1674 C CA  . SER A 1 215 ? 9.715   17.367  3.652   1.00 65.01  ? 245  SER A CA  1 
ATOM   1675 C C   . SER A 1 215 ? 9.771   18.574  2.720   1.00 50.25  ? 245  SER A C   1 
ATOM   1676 O O   . SER A 1 215 ? 8.999   18.664  1.766   1.00 82.39  ? 245  SER A O   1 
ATOM   1677 C CB  . SER A 1 215 ? 10.598  16.240  3.111   1.00 64.20  ? 245  SER A CB  1 
ATOM   1678 O OG  . SER A 1 215 ? 10.259  15.925  1.772   1.00 80.82  ? 245  SER A OG  1 
ATOM   1679 N N   . ASN A 1 216 ? 10.683  19.501  2.998   1.00 84.19  ? 246  ASN A N   1 
ATOM   1680 C CA  . ASN A 1 216 ? 11.594  19.381  4.131   1.00 95.40  ? 246  ASN A CA  1 
ATOM   1681 C C   . ASN A 1 216 ? 11.715  20.683  4.919   1.00 82.82  ? 246  ASN A C   1 
ATOM   1682 O O   . ASN A 1 216 ? 12.805  21.243  5.050   1.00 55.80  ? 246  ASN A O   1 
ATOM   1683 C CB  . ASN A 1 216 ? 12.976  18.924  3.660   1.00 97.15  ? 246  ASN A CB  1 
ATOM   1684 C CG  . ASN A 1 216 ? 13.484  19.730  2.480   1.00 88.31  ? 246  ASN A CG  1 
ATOM   1685 O OD1 . ASN A 1 216 ? 13.538  19.237  1.353   1.00 73.36  ? 246  ASN A OD1 1 
ATOM   1686 N ND2 . ASN A 1 216 ? 13.853  20.979  2.732   1.00 80.64  ? 246  ASN A ND2 1 
HETATM 1687 O O   . HOH B 2 .   ? 12.521  32.283  8.398   1.00 58.39  ? 2001 HOH A O   1 
HETATM 1688 O O   . HOH B 2 .   ? 13.064  35.673  18.675  1.00 43.00  ? 2002 HOH A O   1 
HETATM 1689 O O   . HOH B 2 .   ? 12.208  30.652  10.424  1.00 38.57  ? 2003 HOH A O   1 
HETATM 1690 O O   . HOH B 2 .   ? 1.922   7.272   4.253   1.00 40.13  ? 2004 HOH A O   1 
HETATM 1691 O O   . HOH B 2 .   ? 9.552   20.417  16.030  1.00 37.27  ? 2005 HOH A O   1 
HETATM 1692 O O   . HOH B 2 .   ? 3.227   25.511  15.063  1.00 30.33  ? 2006 HOH A O   1 
HETATM 1693 O O   . HOH B 2 .   ? -14.959 3.948   -8.049  1.00 42.39  ? 2007 HOH A O   1 
HETATM 1694 O O   . HOH B 2 .   ? -4.215  -11.334 7.047   1.00 42.48  ? 2008 HOH A O   1 
HETATM 1695 O O   . HOH B 2 .   ? 9.550   10.684  -0.142  1.00 43.50  ? 2009 HOH A O   1 
HETATM 1696 O O   . HOH B 2 .   ? 12.177  13.562  0.392   1.00 55.69  ? 2010 HOH A O   1 
HETATM 1697 O O   . HOH B 2 .   ? 10.622  12.462  -2.333  1.00 37.16  ? 2011 HOH A O   1 
HETATM 1698 O O   . HOH B 2 .   ? 14.341  9.838   4.502   1.00 34.80  ? 2012 HOH A O   1 
HETATM 1699 O O   . HOH B 2 .   ? 6.315   5.091   11.043  1.00 30.26  ? 2013 HOH A O   1 
HETATM 1700 O O   . HOH B 2 .   ? 3.995   3.977   6.446   1.00 26.45  ? 2014 HOH A O   1 
HETATM 1701 O O   . HOH B 2 .   ? 3.811   6.452   5.458   1.00 29.53  ? 2015 HOH A O   1 
HETATM 1702 O O   . HOH B 2 .   ? 12.162  8.906   3.453   1.00 49.19  ? 2016 HOH A O   1 
HETATM 1703 O O   . HOH B 2 .   ? 10.767  -0.728  9.340   1.00 22.08  ? 2017 HOH A O   1 
HETATM 1704 O O   . HOH B 2 .   ? 1.645   -1.289  12.843  1.00 40.23  ? 2018 HOH A O   1 
HETATM 1705 O O   . HOH B 2 .   ? -3.522  4.788   0.435   1.00 21.94  ? 2019 HOH A O   1 
HETATM 1706 O O   . HOH B 2 .   ? -15.542 1.275   -7.957  1.00 31.34  ? 2020 HOH A O   1 
HETATM 1707 O O   . HOH B 2 .   ? -14.711 -10.017 -0.803  1.00 36.90  ? 2021 HOH A O   1 
HETATM 1708 O O   . HOH B 2 .   ? 1.561   -9.201  -12.539 1.00 36.45  ? 2022 HOH A O   1 
HETATM 1709 O O   . HOH B 2 .   ? -16.994 5.330   -6.730  1.00 32.40  ? 2023 HOH A O   1 
HETATM 1710 O O   . HOH B 2 .   ? -6.134  2.230   7.715   1.00 25.35  ? 2024 HOH A O   1 
HETATM 1711 O O   . HOH B 2 .   ? 2.630   -8.368  6.525   1.00 32.51  ? 2025 HOH A O   1 
HETATM 1712 O O   . HOH B 2 .   ? -3.672  -10.196 4.612   1.00 26.14  ? 2026 HOH A O   1 
HETATM 1713 O O   . HOH B 2 .   ? -4.059  -9.815  9.819   1.00 48.25  ? 2027 HOH A O   1 
HETATM 1714 O O   . HOH B 2 .   ? 6.304   -7.199  9.279   1.00 24.66  ? 2028 HOH A O   1 
HETATM 1715 O O   . HOH B 2 .   ? 5.369   -4.410  13.006  1.00 22.42  ? 2029 HOH A O   1 
HETATM 1716 O O   . HOH B 2 .   ? 3.802   9.135   -13.513 1.00 41.68  ? 2030 HOH A O   1 
HETATM 1717 O O   . HOH B 2 .   ? 11.892  -4.730  16.351  1.00 27.06  ? 2031 HOH A O   1 
HETATM 1718 O O   . HOH B 2 .   ? 7.849   -4.775  14.636  1.00 22.69  ? 2032 HOH A O   1 
HETATM 1719 O O   . HOH B 2 .   ? 1.977   18.449  -7.816  1.00 43.27  ? 2033 HOH A O   1 
HETATM 1720 O O   . HOH B 2 .   ? 5.434   15.194  -11.318 0.50 42.41  ? 2034 HOH A O   1 
HETATM 1721 O O   . HOH B 2 .   ? 13.636  -4.114  6.267   1.00 37.52  ? 2035 HOH A O   1 
HETATM 1722 O O   . HOH B 2 .   ? 3.983   -8.548  8.291   1.00 36.72  ? 2036 HOH A O   1 
HETATM 1723 O O   . HOH B 2 .   ? -5.195  -15.638 -0.085  1.00 34.13  ? 2037 HOH A O   1 
HETATM 1724 O O   . HOH B 2 .   ? -9.576  -11.753 2.038   1.00 29.43  ? 2038 HOH A O   1 
HETATM 1725 O O   . HOH B 2 .   ? -8.862  -17.093 -1.876  1.00 46.40  ? 2039 HOH A O   1 
HETATM 1726 O O   . HOH B 2 .   ? -11.774 -17.846 0.590   1.00 50.11  ? 2040 HOH A O   1 
HETATM 1727 O O   . HOH B 2 .   ? -17.160 -14.601 -6.382  1.00 40.94  ? 2041 HOH A O   1 
HETATM 1728 O O   . HOH B 2 .   ? -25.630 -14.143 1.325   1.00 54.45  ? 2042 HOH A O   1 
HETATM 1729 O O   . HOH B 2 .   ? -24.122 -5.760  -3.915  1.00 43.81  ? 2043 HOH A O   1 
HETATM 1730 O O   . HOH B 2 .   ? -14.801 -8.281  -12.999 1.00 38.66  ? 2044 HOH A O   1 
HETATM 1731 O O   . HOH B 2 .   ? -13.594 14.040  8.461   1.00 41.48  ? 2045 HOH A O   1 
HETATM 1732 O O   . HOH B 2 .   ? 12.082  2.799   -3.542  1.00 35.67  ? 2046 HOH A O   1 
HETATM 1733 O O   . HOH B 2 .   ? 15.609  -2.772  1.221   1.00 49.17  ? 2047 HOH A O   1 
HETATM 1734 O O   . HOH B 2 .   ? 9.439   -4.835  -7.631  1.00 16.69  ? 2048 HOH A O   1 
HETATM 1735 O O   . HOH B 2 .   ? 10.930  -7.926  -6.031  1.00 20.67  ? 2049 HOH A O   1 
HETATM 1736 O O   . HOH B 2 .   ? 1.425   -11.042 -10.229 1.00 29.01  ? 2050 HOH A O   1 
HETATM 1737 O O   . HOH B 2 .   ? 1.838   -4.941  -7.944  1.00 18.95  ? 2051 HOH A O   1 
HETATM 1738 O O   . HOH B 2 .   ? -3.888  -15.729 -12.546 1.00 44.27  ? 2052 HOH A O   1 
HETATM 1739 O O   . HOH B 2 .   ? -5.309  -9.701  -13.445 1.00 47.93  ? 2053 HOH A O   1 
HETATM 1740 O O   . HOH B 2 .   ? -1.225  -27.884 -10.748 1.00 36.83  ? 2054 HOH A O   1 
HETATM 1741 O O   . HOH B 2 .   ? 3.610   -32.988 -10.679 1.00 39.45  ? 2055 HOH A O   1 
HETATM 1742 O O   . HOH B 2 .   ? 5.299   -20.565 -16.649 1.00 41.95  ? 2056 HOH A O   1 
HETATM 1743 O O   . HOH B 2 .   ? -1.252  -26.267 -20.874 1.00 27.71  ? 2057 HOH A O   1 
HETATM 1744 O O   . HOH B 2 .   ? -2.088  -23.732 -20.919 1.00 36.76  ? 2058 HOH A O   1 
HETATM 1745 O O   . HOH B 2 .   ? 9.152   -10.699 -12.456 1.00 29.65  ? 2059 HOH A O   1 
HETATM 1746 O O   . HOH B 2 .   ? 9.664   -4.445  -11.865 1.00 22.44  ? 2060 HOH A O   1 
HETATM 1747 O O   . HOH B 2 .   ? 6.017   -7.494  -13.217 1.00 38.20  ? 2061 HOH A O   1 
HETATM 1748 O O   . HOH B 2 .   ? 3.617   -7.179  -17.521 1.00 42.32  ? 2062 HOH A O   1 
HETATM 1749 O O   . HOH B 2 .   ? 5.694   8.210   -11.702 1.00 31.36  ? 2063 HOH A O   1 
HETATM 1750 O O   . HOH B 2 .   ? 1.377   12.266  -8.958  1.00 32.78  ? 2064 HOH A O   1 
HETATM 1751 O O   . HOH B 2 .   ? 0.522   15.706  -8.229  1.00 53.62  ? 2065 HOH A O   1 
HETATM 1752 O O   . HOH B 2 .   ? 7.006   16.351  -9.384  0.50 47.89  ? 2066 HOH A O   1 
HETATM 1753 O O   . HOH B 2 .   ? -2.226  17.504  -6.749  1.00 46.90  ? 2067 HOH A O   1 
HETATM 1754 O O   . HOH B 2 .   ? 0.509   19.034  -5.686  1.00 39.13  ? 2068 HOH A O   1 
HETATM 1755 O O   . HOH B 2 .   ? -4.753  15.478  -0.667  1.00 31.07  ? 2069 HOH A O   1 
HETATM 1756 O O   . HOH B 2 .   ? 4.241   17.386  -7.081  1.00 36.01  ? 2070 HOH A O   1 
HETATM 1757 O O   . HOH B 2 .   ? 0.862   18.654  0.730   1.00 26.63  ? 2071 HOH A O   1 
HETATM 1758 O O   . HOH B 2 .   ? 11.232  14.113  -6.264  1.00 46.24  ? 2072 HOH A O   1 
HETATM 1759 O O   . HOH B 2 .   ? 2.661   9.436   2.680   1.00 25.11  ? 2073 HOH A O   1 
HETATM 1760 O O   . HOH B 2 .   ? 11.594  6.325   -5.896  1.00 43.77  ? 2074 HOH A O   1 
HETATM 1761 O O   . HOH B 2 .   ? -0.641  -2.360  -15.131 1.00 35.74  ? 2075 HOH A O   1 
HETATM 1762 O O   . HOH B 2 .   ? 17.458  -13.136 16.337  1.00 37.00  ? 2076 HOH A O   1 
HETATM 1763 O O   . HOH B 2 .   ? 12.940  -9.819  19.189  1.00 39.61  ? 2077 HOH A O   1 
HETATM 1764 O O   . HOH B 2 .   ? 9.424   -6.197  16.175  1.00 21.48  ? 2078 HOH A O   1 
HETATM 1765 O O   . HOH B 2 .   ? 2.358   -10.540 9.261   1.00 41.15  ? 2079 HOH A O   1 
HETATM 1766 O O   . HOH B 2 .   ? -0.152  -9.415  12.236  1.00 31.83  ? 2080 HOH A O   1 
HETATM 1767 O O   . HOH B 2 .   ? 3.126   -2.869  14.043  1.00 29.43  ? 2081 HOH A O   1 
HETATM 1768 O O   . HOH B 2 .   ? -8.508  -7.079  10.135  1.00 39.84  ? 2082 HOH A O   1 
HETATM 1769 O O   . HOH B 2 .   ? -8.420  0.260   6.062   1.00 47.47  ? 2083 HOH A O   1 
HETATM 1770 O O   . HOH B 2 .   ? -10.733 -3.677  10.305  1.00 27.92  ? 2084 HOH A O   1 
HETATM 1771 O O   . HOH B 2 .   ? -15.743 -0.063  6.305   1.00 30.24  ? 2085 HOH A O   1 
HETATM 1772 O O   . HOH B 2 .   ? -15.277 1.812   7.165   1.00 45.54  ? 2086 HOH A O   1 
HETATM 1773 O O   . HOH B 2 .   ? -13.309 5.712   7.821   1.00 43.41  ? 2087 HOH A O   1 
HETATM 1774 O O   . HOH B 2 .   ? -17.277 8.997   -6.015  1.00 27.67  ? 2088 HOH A O   1 
HETATM 1775 O O   . HOH B 2 .   ? -12.412 4.978   -8.746  1.00 33.06  ? 2089 HOH A O   1 
HETATM 1776 O O   . HOH B 2 .   ? -13.137 10.820  -7.538  1.00 30.80  ? 2090 HOH A O   1 
HETATM 1777 O O   . HOH B 2 .   ? -13.715 14.462  5.595   1.00 35.23  ? 2091 HOH A O   1 
HETATM 1778 O O   . HOH B 2 .   ? -13.275 15.716  -1.661  1.00 21.69  ? 2092 HOH A O   1 
HETATM 1779 O O   . HOH B 2 .   ? -10.706 7.757   9.231   1.00 34.95  ? 2093 HOH A O   1 
HETATM 1780 O O   . HOH B 2 .   ? -4.221  12.406  2.011   1.00 36.57  ? 2094 HOH A O   1 
HETATM 1781 O O   . HOH B 2 .   ? -5.268  14.655  1.112   1.00 40.69  ? 2095 HOH A O   1 
HETATM 1782 O O   . HOH B 2 .   ? -5.555  14.859  8.681   1.00 27.39  ? 2096 HOH A O   1 
HETATM 1783 O O   . HOH B 2 .   ? -3.952  7.553   10.930  1.00 52.75  ? 2097 HOH A O   1 
HETATM 1784 O O   . HOH B 2 .   ? 0.725   11.299  2.506   1.00 23.28  ? 2098 HOH A O   1 
HETATM 1785 O O   . HOH B 2 .   ? -12.218 12.973  -8.866  1.00 31.07  ? 2099 HOH A O   1 
HETATM 1786 O O   . HOH B 2 .   ? -1.589  13.572  -10.223 1.00 36.73  ? 2100 HOH A O   1 
HETATM 1787 O O   . HOH B 2 .   ? -3.148  15.996  -8.723  1.00 31.85  ? 2101 HOH A O   1 
# 
